data_7CZ0
#
_entry.id   7CZ0
#
_cell.length_a   95.245
_cell.length_b   130.154
_cell.length_c   171.453
_cell.angle_alpha   90.000
_cell.angle_beta   90.000
_cell.angle_gamma   90.000
#
_symmetry.space_group_name_H-M   'P 21 21 2'
#
loop_
_entity.id
_entity.type
_entity.pdbx_description
1 polymer 'Thermostable green fluorescent protein (TGP)'
2 polymer 'Synthetic nanobody (Sybody) 92 recognizing the thermostable green fluorescent protein (TGP)'
3 non-polymer GLYCEROL
4 non-polymer 'CACODYLIC ACID'
5 non-polymer 'ACETATE ION'
6 non-polymer 'CACODYLATE ION'
#
loop_
_entity_poly.entity_id
_entity_poly.type
_entity_poly.pdbx_seq_one_letter_code
_entity_poly.pdbx_strand_id
1 'polypeptide(L)'
;MASVIKPEMKIKLRMEGAVNGHKFVIEGEGIGKPYEGTQTLDLTVEEGAPLPFSYDILTPAF(CRQ)NRAFTKYPEDIPD
YFKQAFPEGYSWERSMTYEDQGICIATSDITMEGDCFFYEIRFDGTNFPPNGPVMQKKTLKWEPSTEKMYVEDGVLKGDV
EMALLLEGGGHYRCDFKTTYKAKKDVRLPDAHEVDHRIEILSHDKDYNKVRLYEHAEARYSGGGSGGGHHHHHHHH
;
A,B,C,D
2 'polypeptide(L)'
;GSSSQVQLVESGGGLVQAGGSLRLSCAASGFPVDTQWMHWYRQAPGKEREWVAAISSTGRSTFYADSVKGRFTISRDNAK
NTVYLQMNSLKPEDTAVYYCTVYVGNRYRGQGTQVTVSAGRAGEQKLISEEDLNSAVDHHHHHH
;
E,F,G,H
#
# COMPACT_ATOMS: atom_id res chain seq x y z
N SER A 3 -17.64 26.00 1.51
CA SER A 3 -16.25 26.14 1.12
C SER A 3 -16.09 25.79 -0.35
N VAL A 4 -14.97 26.23 -0.94
CA VAL A 4 -14.72 25.98 -2.36
C VAL A 4 -14.34 24.53 -2.62
N ILE A 5 -13.78 23.83 -1.64
CA ILE A 5 -13.48 22.42 -1.76
C ILE A 5 -14.73 21.64 -1.40
N LYS A 6 -15.37 21.06 -2.40
CA LYS A 6 -16.62 20.34 -2.23
C LYS A 6 -16.36 18.92 -1.72
N PRO A 7 -17.38 18.28 -1.14
CA PRO A 7 -17.18 16.91 -0.61
C PRO A 7 -16.69 15.91 -1.66
N GLU A 8 -16.90 16.17 -2.95
CA GLU A 8 -16.42 15.31 -4.02
C GLU A 8 -15.79 16.19 -5.09
N MET A 9 -14.50 15.95 -5.37
CA MET A 9 -13.76 16.76 -6.34
C MET A 9 -13.14 15.85 -7.41
N LYS A 10 -13.27 16.28 -8.65
CA LYS A 10 -12.65 15.58 -9.77
C LYS A 10 -11.19 16.01 -9.91
N ILE A 11 -10.43 15.23 -10.68
CA ILE A 11 -9.01 15.50 -10.89
C ILE A 11 -8.69 15.41 -12.37
N LYS A 12 -7.80 16.30 -12.82
CA LYS A 12 -7.17 16.18 -14.12
C LYS A 12 -5.70 16.55 -13.97
N LEU A 13 -4.82 15.78 -14.60
CA LEU A 13 -3.40 16.03 -14.46
C LEU A 13 -2.68 15.67 -15.74
N ARG A 14 -1.49 16.25 -15.90
CA ARG A 14 -0.57 15.89 -16.97
C ARG A 14 0.84 15.89 -16.40
N MET A 15 1.58 14.82 -16.67
CA MET A 15 2.94 14.68 -16.17
C MET A 15 3.89 14.48 -17.33
N GLU A 16 4.91 15.33 -17.40
CA GLU A 16 5.99 15.22 -18.36
C GLU A 16 7.28 14.93 -17.60
N GLY A 17 8.09 14.02 -18.11
CA GLY A 17 9.27 13.67 -17.35
C GLY A 17 10.27 12.86 -18.14
N ALA A 18 11.30 12.42 -17.42
CA ALA A 18 12.34 11.56 -17.95
C ALA A 18 12.99 10.83 -16.79
N VAL A 19 13.24 9.54 -16.97
CA VAL A 19 13.88 8.70 -15.96
C VAL A 19 14.98 7.92 -16.66
N ASN A 20 16.22 8.09 -16.19
CA ASN A 20 17.40 7.43 -16.76
C ASN A 20 17.45 7.62 -18.28
N GLY A 21 17.04 8.81 -18.74
CA GLY A 21 17.10 9.14 -20.14
C GLY A 21 15.83 8.89 -20.92
N HIS A 22 14.98 7.96 -20.47
CA HIS A 22 13.74 7.65 -21.16
C HIS A 22 12.67 8.67 -20.80
N LYS A 23 12.20 9.40 -21.81
CA LYS A 23 11.23 10.48 -21.62
C LYS A 23 9.81 9.99 -21.88
N PHE A 24 8.86 10.57 -21.15
CA PHE A 24 7.49 10.07 -21.17
C PHE A 24 6.50 11.19 -20.90
N VAL A 25 5.22 10.91 -21.18
CA VAL A 25 4.11 11.79 -20.82
C VAL A 25 2.94 10.93 -20.35
N ILE A 26 2.39 11.25 -19.19
CA ILE A 26 1.26 10.52 -18.61
C ILE A 26 0.16 11.51 -18.27
N GLU A 27 -1.08 11.16 -18.61
CA GLU A 27 -2.23 11.99 -18.32
C GLU A 27 -3.16 11.26 -17.37
N GLY A 28 -3.89 12.02 -16.56
CA GLY A 28 -4.74 11.44 -15.55
C GLY A 28 -6.10 12.09 -15.37
N GLU A 29 -7.09 11.24 -15.07
CA GLU A 29 -8.46 11.65 -14.78
C GLU A 29 -8.89 10.92 -13.50
N GLY A 30 -9.55 11.62 -12.59
CA GLY A 30 -9.89 10.98 -11.35
C GLY A 30 -10.99 11.68 -10.59
N ILE A 31 -11.17 11.24 -9.35
CA ILE A 31 -12.18 11.77 -8.45
C ILE A 31 -11.83 11.31 -7.05
N GLY A 32 -12.23 12.11 -6.05
CA GLY A 32 -11.95 11.75 -4.67
C GLY A 32 -12.82 12.54 -3.71
N LYS A 33 -12.69 12.20 -2.43
CA LYS A 33 -13.39 12.88 -1.34
C LYS A 33 -12.36 13.59 -0.48
N PRO A 34 -12.12 14.89 -0.72
CA PRO A 34 -11.06 15.60 0.02
C PRO A 34 -11.13 15.46 1.54
N TYR A 35 -12.33 15.49 2.13
CA TYR A 35 -12.45 15.45 3.58
C TYR A 35 -12.34 14.04 4.15
N GLU A 36 -12.44 13.02 3.30
CA GLU A 36 -12.20 11.66 3.74
C GLU A 36 -10.76 11.22 3.54
N GLY A 37 -9.98 11.94 2.73
CA GLY A 37 -8.61 11.56 2.47
C GLY A 37 -8.46 10.43 1.48
N THR A 38 -9.44 10.24 0.59
CA THR A 38 -9.46 9.13 -0.35
C THR A 38 -9.60 9.68 -1.78
N GLN A 39 -8.79 9.15 -2.69
CA GLN A 39 -8.85 9.56 -4.09
C GLN A 39 -8.48 8.38 -4.97
N THR A 40 -9.01 8.40 -6.20
CA THR A 40 -8.69 7.39 -7.19
C THR A 40 -8.39 8.07 -8.53
N LEU A 41 -7.37 7.58 -9.22
CA LEU A 41 -6.92 8.16 -10.48
C LEU A 41 -6.82 7.07 -11.55
N ASP A 42 -7.26 7.42 -12.77
CA ASP A 42 -7.10 6.58 -13.95
C ASP A 42 -5.99 7.19 -14.81
N LEU A 43 -4.87 6.48 -14.92
CA LEU A 43 -3.66 7.03 -15.55
C LEU A 43 -3.40 6.39 -16.91
N THR A 44 -2.85 7.19 -17.82
CA THR A 44 -2.63 6.77 -19.19
C THR A 44 -1.28 7.27 -19.69
N VAL A 45 -0.50 6.36 -20.25
CA VAL A 45 0.77 6.72 -20.86
C VAL A 45 0.51 7.21 -22.28
N GLU A 46 0.87 8.46 -22.56
CA GLU A 46 0.63 9.08 -23.85
C GLU A 46 1.87 9.19 -24.72
N GLU A 47 3.06 9.26 -24.11
CA GLU A 47 4.32 9.23 -24.83
C GLU A 47 5.32 8.41 -24.03
N GLY A 48 6.12 7.62 -24.73
CA GLY A 48 7.14 6.82 -24.10
C GLY A 48 6.72 5.42 -23.69
N ALA A 49 5.60 4.91 -24.23
CA ALA A 49 5.21 3.54 -23.92
C ALA A 49 6.01 2.56 -24.77
N PRO A 50 6.40 1.41 -24.21
CA PRO A 50 6.20 1.03 -22.81
C PRO A 50 7.29 1.58 -21.90
N LEU A 51 6.94 1.89 -20.66
CA LEU A 51 7.92 2.48 -19.75
C LEU A 51 8.93 1.42 -19.34
N PRO A 52 10.23 1.70 -19.41
CA PRO A 52 11.24 0.70 -19.04
C PRO A 52 11.58 0.65 -17.56
N PHE A 53 10.94 1.47 -16.72
CA PHE A 53 11.22 1.51 -15.29
C PHE A 53 9.94 1.23 -14.51
N SER A 54 10.09 0.97 -13.22
CA SER A 54 8.96 0.58 -12.39
C SER A 54 8.01 1.77 -12.19
N TYR A 55 6.75 1.58 -12.56
CA TYR A 55 5.74 2.61 -12.39
C TYR A 55 5.65 3.11 -10.97
N ASP A 56 6.09 2.32 -9.99
CA ASP A 56 5.90 2.68 -8.59
C ASP A 56 6.57 4.00 -8.23
N ILE A 57 7.73 4.31 -8.84
CA ILE A 57 8.46 5.51 -8.44
C ILE A 57 7.70 6.78 -8.83
N LEU A 58 6.69 6.68 -9.68
CA LEU A 58 5.96 7.85 -10.13
C LEU A 58 4.75 8.17 -9.27
N THR A 59 4.17 7.19 -8.61
CA THR A 59 2.80 7.31 -8.12
C THR A 59 2.62 8.30 -6.97
N PRO A 60 3.57 8.46 -6.03
CA PRO A 60 3.39 9.54 -5.04
C PRO A 60 3.46 10.92 -5.66
N ALA A 61 3.94 11.05 -6.90
CA ALA A 61 3.85 12.33 -7.60
C ALA A 61 2.47 12.55 -8.18
N PHE A 62 1.69 11.50 -8.38
CA PHE A 62 0.30 11.63 -8.84
C PHE A 62 -0.63 11.92 -7.66
N ASN A 64 -1.24 15.30 -4.04
CA ASN A 64 -2.09 16.43 -3.71
C ASN A 64 -2.66 16.26 -2.32
N ARG A 65 -1.98 16.86 -1.33
CA ARG A 65 -2.36 16.70 0.06
C ARG A 65 -3.70 17.33 0.41
N ALA A 66 -4.40 17.92 -0.56
CA ALA A 66 -5.76 18.36 -0.30
C ALA A 66 -6.68 17.17 -0.04
N PHE A 67 -6.31 15.99 -0.54
CA PHE A 67 -7.01 14.75 -0.22
C PHE A 67 -6.41 14.13 1.03
N THR A 68 -6.65 14.80 2.15
CA THR A 68 -6.22 14.36 3.46
C THR A 68 -7.32 14.68 4.46
N LYS A 69 -7.66 13.72 5.31
CA LYS A 69 -8.62 13.96 6.38
C LYS A 69 -7.89 14.70 7.50
N TYR A 70 -8.25 15.95 7.73
CA TYR A 70 -7.61 16.74 8.75
C TYR A 70 -8.54 16.92 9.94
N PRO A 71 -8.07 16.64 11.15
CA PRO A 71 -8.87 16.96 12.34
C PRO A 71 -9.18 18.44 12.40
N GLU A 72 -10.26 18.79 13.11
CA GLU A 72 -10.65 20.19 13.21
C GLU A 72 -9.62 21.02 13.99
N ASP A 73 -8.88 20.38 14.90
CA ASP A 73 -7.92 21.10 15.72
C ASP A 73 -6.57 21.30 15.04
N ILE A 74 -6.40 20.83 13.81
CA ILE A 74 -5.17 21.05 13.05
C ILE A 74 -5.52 21.90 11.84
N PRO A 75 -4.89 23.06 11.66
CA PRO A 75 -5.16 23.87 10.46
C PRO A 75 -4.81 23.12 9.19
N ASP A 76 -5.72 23.16 8.22
CA ASP A 76 -5.56 22.45 6.95
C ASP A 76 -4.83 23.38 5.99
N TYR A 77 -3.51 23.28 5.98
CA TYR A 77 -2.68 24.14 5.12
C TYR A 77 -3.13 24.05 3.67
N PHE A 78 -3.55 22.87 3.23
CA PHE A 78 -3.79 22.66 1.81
C PHE A 78 -5.16 23.14 1.38
N LYS A 79 -6.21 22.76 2.14
CA LYS A 79 -7.54 23.23 1.78
C LYS A 79 -7.67 24.74 1.89
N GLN A 80 -6.87 25.37 2.75
CA GLN A 80 -6.91 26.82 2.89
C GLN A 80 -6.35 27.54 1.68
N ALA A 81 -5.44 26.89 0.94
CA ALA A 81 -4.74 27.55 -0.16
C ALA A 81 -5.63 27.82 -1.36
N PHE A 82 -6.79 27.20 -1.43
CA PHE A 82 -7.64 27.28 -2.60
C PHE A 82 -8.64 28.42 -2.43
N PRO A 83 -9.22 28.92 -3.54
CA PRO A 83 -9.12 28.44 -4.93
C PRO A 83 -7.78 28.72 -5.61
N GLU A 84 -6.97 29.61 -5.03
CA GLU A 84 -5.70 29.96 -5.65
C GLU A 84 -4.83 28.71 -5.85
N GLY A 85 -4.72 27.88 -4.83
CA GLY A 85 -3.99 26.63 -4.95
C GLY A 85 -2.62 26.70 -4.31
N TYR A 86 -1.82 25.69 -4.63
CA TYR A 86 -0.47 25.58 -4.08
C TYR A 86 0.38 24.76 -5.03
N SER A 87 1.68 24.73 -4.74
CA SER A 87 2.64 23.96 -5.51
C SER A 87 3.52 23.20 -4.54
N TRP A 88 4.22 22.18 -5.04
CA TRP A 88 5.17 21.48 -4.19
C TRP A 88 6.41 21.09 -5.00
N GLU A 89 7.46 20.78 -4.25
CA GLU A 89 8.75 20.38 -4.78
C GLU A 89 9.27 19.24 -3.93
N ARG A 90 9.73 18.16 -4.56
CA ARG A 90 10.02 16.94 -3.84
C ARG A 90 11.32 16.33 -4.35
N SER A 91 12.18 15.94 -3.42
CA SER A 91 13.36 15.16 -3.74
C SER A 91 13.17 13.74 -3.19
N MET A 92 13.59 12.76 -3.97
CA MET A 92 13.43 11.36 -3.62
C MET A 92 14.78 10.68 -3.78
N THR A 93 15.42 10.37 -2.66
CA THR A 93 16.79 9.85 -2.64
C THR A 93 16.74 8.37 -2.28
N TYR A 94 17.00 7.52 -3.28
CA TYR A 94 16.93 6.09 -3.07
C TYR A 94 18.25 5.58 -2.51
N GLU A 95 18.18 4.41 -1.85
CA GLU A 95 19.32 3.92 -1.09
C GLU A 95 20.51 3.53 -1.97
N ASP A 96 20.28 3.26 -3.25
CA ASP A 96 21.35 2.88 -4.16
C ASP A 96 21.75 4.04 -5.09
N GLN A 97 21.67 5.28 -4.59
CA GLN A 97 22.10 6.51 -5.26
C GLN A 97 21.19 6.91 -6.42
N GLY A 98 20.14 6.15 -6.72
CA GLY A 98 19.11 6.65 -7.61
C GLY A 98 18.42 7.85 -6.98
N ILE A 99 18.04 8.81 -7.82
CA ILE A 99 17.60 10.11 -7.32
C ILE A 99 16.54 10.67 -8.27
N CYS A 100 15.45 11.18 -7.70
CA CYS A 100 14.35 11.76 -8.47
C CYS A 100 13.95 13.11 -7.92
N ILE A 101 13.54 13.99 -8.83
CA ILE A 101 13.11 15.35 -8.53
C ILE A 101 11.76 15.56 -9.18
N ALA A 102 10.81 16.14 -8.44
CA ALA A 102 9.48 16.34 -8.97
C ALA A 102 8.91 17.66 -8.48
N THR A 103 8.11 18.30 -9.35
CA THR A 103 7.34 19.48 -9.00
C THR A 103 5.92 19.32 -9.49
N SER A 104 5.00 20.00 -8.81
CA SER A 104 3.59 20.01 -9.20
C SER A 104 3.00 21.39 -8.92
N ASP A 105 2.21 21.89 -9.87
CA ASP A 105 1.47 23.13 -9.71
C ASP A 105 -0.02 22.79 -9.69
N ILE A 106 -0.68 23.04 -8.56
CA ILE A 106 -2.05 22.60 -8.34
C ILE A 106 -2.98 23.80 -8.24
N THR A 107 -4.07 23.77 -9.00
CA THR A 107 -5.12 24.78 -8.95
C THR A 107 -6.46 24.05 -9.03
N MET A 108 -7.56 24.81 -9.06
CA MET A 108 -8.88 24.22 -9.20
C MET A 108 -9.74 25.09 -10.11
N GLU A 109 -10.82 24.50 -10.59
CA GLU A 109 -11.80 25.20 -11.43
C GLU A 109 -13.09 24.40 -11.40
N GLY A 110 -14.17 25.02 -10.93
CA GLY A 110 -15.41 24.29 -10.76
C GLY A 110 -15.24 23.25 -9.66
N ASP A 111 -15.60 22.00 -9.96
CA ASP A 111 -15.45 20.90 -9.01
C ASP A 111 -14.25 20.01 -9.36
N CYS A 112 -13.15 20.58 -9.85
CA CYS A 112 -12.09 19.78 -10.43
C CYS A 112 -10.72 20.39 -10.15
N PHE A 113 -9.83 19.58 -9.58
CA PHE A 113 -8.43 19.98 -9.46
C PHE A 113 -7.71 19.78 -10.79
N PHE A 114 -6.68 20.61 -11.02
CA PHE A 114 -5.79 20.45 -12.16
C PHE A 114 -4.35 20.44 -11.65
N TYR A 115 -3.53 19.53 -12.18
CA TYR A 115 -2.11 19.47 -11.83
C TYR A 115 -1.26 19.53 -13.09
N GLU A 116 -0.13 20.23 -12.99
CA GLU A 116 0.94 20.17 -13.99
C GLU A 116 2.19 19.64 -13.29
N ILE A 117 2.58 18.42 -13.62
CA ILE A 117 3.61 17.69 -12.89
C ILE A 117 4.85 17.55 -13.77
N ARG A 118 6.01 17.77 -13.17
CA ARG A 118 7.30 17.47 -13.79
C ARG A 118 8.02 16.44 -12.92
N PHE A 119 8.56 15.40 -13.57
CA PHE A 119 9.23 14.30 -12.87
C PHE A 119 10.55 14.03 -13.56
N ASP A 120 11.63 13.90 -12.77
CA ASP A 120 12.93 13.64 -13.37
C ASP A 120 13.76 12.75 -12.45
N GLY A 121 14.42 11.75 -13.04
CA GLY A 121 15.23 10.83 -12.27
C GLY A 121 16.43 10.38 -13.07
N THR A 122 17.47 9.97 -12.36
CA THR A 122 18.70 9.52 -13.01
C THR A 122 19.55 8.72 -12.04
N ASN A 123 20.65 8.16 -12.59
CA ASN A 123 21.62 7.36 -11.86
C ASN A 123 21.01 6.13 -11.23
N PHE A 124 19.92 5.64 -11.82
CA PHE A 124 19.35 4.37 -11.38
C PHE A 124 20.18 3.23 -11.95
N PRO A 125 20.72 2.34 -11.11
CA PRO A 125 21.56 1.26 -11.62
C PRO A 125 20.82 0.40 -12.63
N PRO A 126 21.50 -0.03 -13.69
CA PRO A 126 20.80 -0.78 -14.76
C PRO A 126 20.26 -2.12 -14.31
N ASN A 127 20.77 -2.69 -13.21
CA ASN A 127 20.29 -3.98 -12.73
C ASN A 127 19.56 -3.87 -11.40
N GLY A 128 19.21 -2.66 -10.98
CA GLY A 128 18.48 -2.47 -9.74
C GLY A 128 17.00 -2.69 -9.93
N PRO A 129 16.27 -2.66 -8.80
CA PRO A 129 14.83 -2.95 -8.85
C PRO A 129 14.03 -2.01 -9.73
N VAL A 130 14.41 -0.72 -9.79
CA VAL A 130 13.62 0.24 -10.55
C VAL A 130 13.73 -0.03 -12.05
N MET A 131 14.96 -0.22 -12.54
CA MET A 131 15.14 -0.47 -13.96
C MET A 131 14.75 -1.88 -14.37
N GLN A 132 14.81 -2.83 -13.45
CA GLN A 132 14.39 -4.20 -13.73
C GLN A 132 12.93 -4.44 -13.42
N LYS A 133 12.19 -3.42 -13.01
CA LYS A 133 10.77 -3.53 -12.71
C LYS A 133 10.49 -4.66 -11.72
N LYS A 134 11.26 -4.66 -10.63
CA LYS A 134 11.14 -5.70 -9.61
C LYS A 134 10.48 -5.17 -8.33
N THR A 135 9.74 -4.08 -8.43
CA THR A 135 9.02 -3.55 -7.28
C THR A 135 7.58 -4.05 -7.29
N LEU A 136 6.98 -4.13 -6.10
CA LEU A 136 5.61 -4.60 -5.95
C LEU A 136 4.69 -3.52 -5.42
N LYS A 137 5.07 -2.80 -4.38
CA LYS A 137 4.20 -1.77 -3.82
C LYS A 137 4.99 -0.90 -2.86
N TRP A 138 4.46 0.29 -2.60
CA TRP A 138 4.95 1.11 -1.49
C TRP A 138 4.35 0.61 -0.19
N GLU A 139 5.18 0.44 0.82
CA GLU A 139 4.66 0.22 2.15
C GLU A 139 3.95 1.48 2.64
N PRO A 140 2.94 1.33 3.49
CA PRO A 140 2.33 2.52 4.10
C PRO A 140 3.37 3.27 4.91
N SER A 141 3.18 4.59 5.01
CA SER A 141 4.21 5.47 5.54
C SER A 141 3.60 6.52 6.46
N THR A 142 4.47 7.27 7.12
CA THR A 142 4.09 8.41 7.94
C THR A 142 4.96 9.59 7.58
N GLU A 143 4.33 10.69 7.17
CA GLU A 143 5.03 11.91 6.79
C GLU A 143 5.01 12.87 7.98
N LYS A 144 6.17 13.40 8.35
CA LYS A 144 6.27 14.35 9.44
C LYS A 144 6.17 15.77 8.86
N MET A 145 5.05 16.44 9.12
CA MET A 145 4.83 17.79 8.64
C MET A 145 5.32 18.79 9.69
N TYR A 146 5.90 19.89 9.21
CA TYR A 146 6.41 20.92 10.10
C TYR A 146 6.66 22.20 9.31
N VAL A 147 6.45 23.35 9.96
CA VAL A 147 6.56 24.66 9.32
C VAL A 147 8.00 25.13 9.38
N GLU A 148 8.48 25.68 8.26
CA GLU A 148 9.84 26.21 8.17
C GLU A 148 9.85 27.25 7.07
N ASP A 149 10.44 28.42 7.36
CA ASP A 149 10.53 29.52 6.39
C ASP A 149 9.16 29.93 5.87
N GLY A 150 8.17 29.96 6.76
CA GLY A 150 6.84 30.42 6.41
C GLY A 150 6.05 29.49 5.51
N VAL A 151 6.58 28.31 5.18
CA VAL A 151 5.90 27.33 4.34
C VAL A 151 5.93 25.99 5.06
N LEU A 152 5.10 25.07 4.58
CA LEU A 152 4.99 23.75 5.15
C LEU A 152 5.98 22.79 4.51
N LYS A 153 6.61 21.94 5.32
CA LYS A 153 7.55 20.95 4.84
C LYS A 153 7.16 19.58 5.35
N GLY A 154 7.47 18.56 4.55
CA GLY A 154 7.19 17.19 4.93
C GLY A 154 8.36 16.28 4.65
N ASP A 155 8.67 15.41 5.60
CA ASP A 155 9.67 14.37 5.44
C ASP A 155 9.02 13.02 5.73
N VAL A 156 9.30 12.03 4.89
CA VAL A 156 8.78 10.68 5.12
C VAL A 156 9.81 9.67 4.62
N GLU A 157 10.07 8.66 5.45
CA GLU A 157 10.90 7.53 5.04
C GLU A 157 10.01 6.52 4.32
N MET A 158 10.36 6.20 3.08
CA MET A 158 9.57 5.34 2.22
C MET A 158 10.33 4.07 1.92
N ALA A 159 9.60 3.04 1.51
CA ALA A 159 10.20 1.74 1.23
C ALA A 159 9.35 0.99 0.22
N LEU A 160 9.99 0.47 -0.83
CA LEU A 160 9.34 -0.33 -1.85
C LEU A 160 9.53 -1.81 -1.52
N LEU A 161 8.44 -2.55 -1.39
CA LEU A 161 8.53 -3.99 -1.26
C LEU A 161 8.95 -4.57 -2.60
N LEU A 162 9.97 -5.43 -2.58
CA LEU A 162 10.53 -6.00 -3.79
C LEU A 162 10.03 -7.43 -4.02
N GLU A 163 10.06 -7.83 -5.29
CA GLU A 163 9.89 -9.24 -5.62
C GLU A 163 10.99 -10.04 -4.93
N GLY A 164 10.58 -10.95 -4.04
CA GLY A 164 11.50 -11.72 -3.20
C GLY A 164 11.30 -11.47 -1.72
N GLY A 165 10.78 -10.31 -1.34
CA GLY A 165 10.45 -9.99 0.03
C GLY A 165 11.26 -8.86 0.62
N GLY A 166 12.39 -8.49 0.01
CA GLY A 166 13.21 -7.42 0.52
C GLY A 166 12.61 -6.05 0.28
N HIS A 167 13.29 -5.03 0.81
CA HIS A 167 12.79 -3.67 0.74
C HIS A 167 13.84 -2.74 0.12
N TYR A 168 13.34 -1.76 -0.63
CA TYR A 168 14.14 -0.77 -1.33
C TYR A 168 13.73 0.58 -0.77
N ARG A 169 14.62 1.22 -0.01
CA ARG A 169 14.27 2.37 0.80
C ARG A 169 14.59 3.68 0.08
N CYS A 170 13.80 4.70 0.38
CA CYS A 170 13.91 6.00 -0.26
C CYS A 170 13.55 7.08 0.74
N ASP A 171 14.17 8.25 0.58
CA ASP A 171 13.97 9.39 1.48
C ASP A 171 13.23 10.50 0.73
N PHE A 172 12.04 10.86 1.23
CA PHE A 172 11.25 11.93 0.64
C PHE A 172 11.42 13.20 1.46
N LYS A 173 11.63 14.32 0.77
CA LYS A 173 11.63 15.64 1.39
C LYS A 173 10.88 16.58 0.46
N THR A 174 9.78 17.15 0.94
CA THR A 174 8.89 17.96 0.14
C THR A 174 8.71 19.33 0.76
N THR A 175 8.52 20.34 -0.09
CA THR A 175 8.21 21.69 0.32
C THR A 175 6.87 22.08 -0.29
N TYR A 176 5.91 22.43 0.56
CA TYR A 176 4.56 22.78 0.13
C TYR A 176 4.38 24.29 0.25
N LYS A 177 4.17 24.95 -0.89
CA LYS A 177 4.09 26.40 -0.95
C LYS A 177 2.67 26.82 -1.35
N ALA A 178 1.92 27.35 -0.38
CA ALA A 178 0.60 27.89 -0.68
C ALA A 178 0.72 29.22 -1.42
N LYS A 179 -0.24 29.47 -2.30
CA LYS A 179 -0.15 30.66 -3.15
C LYS A 179 -0.70 31.90 -2.48
N LYS A 180 -1.22 31.80 -1.26
CA LYS A 180 -1.70 32.94 -0.50
C LYS A 180 -1.48 32.65 0.98
N ASP A 181 -1.80 33.64 1.81
CA ASP A 181 -1.56 33.51 3.25
C ASP A 181 -2.61 32.61 3.88
N VAL A 182 -2.14 31.62 4.65
CA VAL A 182 -3.02 30.65 5.32
C VAL A 182 -2.55 30.47 6.76
N ARG A 183 -3.47 30.04 7.61
CA ARG A 183 -3.15 29.77 9.00
C ARG A 183 -2.18 28.59 9.11
N LEU A 184 -1.07 28.80 9.78
CA LEU A 184 -0.05 27.75 9.78
C LEU A 184 -0.26 26.79 10.94
N PRO A 185 -0.25 25.48 10.69
CA PRO A 185 -0.36 24.52 11.79
C PRO A 185 0.99 24.29 12.45
N ASP A 186 0.94 23.61 13.60
CA ASP A 186 2.18 23.14 14.18
C ASP A 186 2.45 21.72 13.70
N ALA A 187 3.56 21.15 14.18
CA ALA A 187 4.00 19.86 13.69
C ALA A 187 2.91 18.81 13.86
N HIS A 188 2.77 17.96 12.85
CA HIS A 188 1.84 16.84 12.89
C HIS A 188 2.31 15.79 11.90
N GLU A 189 1.53 14.73 11.77
CA GLU A 189 1.89 13.61 10.92
C GLU A 189 0.73 13.26 10.00
N VAL A 190 1.06 12.77 8.82
CA VAL A 190 0.08 12.29 7.85
C VAL A 190 0.39 10.83 7.57
N ASP A 191 -0.58 9.96 7.78
CA ASP A 191 -0.44 8.55 7.45
C ASP A 191 -0.92 8.31 6.02
N HIS A 192 -0.10 7.63 5.23
CA HIS A 192 -0.40 7.35 3.83
C HIS A 192 -0.54 5.86 3.59
N ARG A 193 -1.38 5.53 2.61
CA ARG A 193 -1.34 4.21 1.97
C ARG A 193 -1.68 4.43 0.51
N ILE A 194 -0.77 4.05 -0.38
CA ILE A 194 -0.97 4.22 -1.82
C ILE A 194 -0.88 2.86 -2.48
N GLU A 195 -1.76 2.62 -3.46
CA GLU A 195 -1.95 1.29 -4.01
C GLU A 195 -2.34 1.41 -5.47
N ILE A 196 -1.71 0.59 -6.32
CA ILE A 196 -2.20 0.43 -7.68
C ILE A 196 -3.29 -0.65 -7.65
N LEU A 197 -4.53 -0.26 -7.93
CA LEU A 197 -5.63 -1.21 -7.85
C LEU A 197 -5.62 -2.17 -9.04
N SER A 198 -5.24 -1.69 -10.22
CA SER A 198 -5.32 -2.50 -11.42
C SER A 198 -4.46 -1.84 -12.49
N HIS A 199 -4.02 -2.65 -13.45
CA HIS A 199 -3.18 -2.16 -14.53
C HIS A 199 -3.20 -3.16 -15.67
N ASP A 200 -2.79 -2.69 -16.85
CA ASP A 200 -2.59 -3.59 -17.97
C ASP A 200 -1.12 -4.02 -18.04
N LYS A 201 -0.78 -4.82 -19.05
CA LYS A 201 0.49 -5.54 -19.05
C LYS A 201 1.69 -4.60 -18.90
N ASP A 202 1.73 -3.53 -19.69
CA ASP A 202 2.87 -2.62 -19.69
C ASP A 202 2.63 -1.35 -18.88
N TYR A 203 1.62 -1.36 -18.00
CA TYR A 203 1.27 -0.21 -17.16
C TYR A 203 0.95 1.04 -17.99
N ASN A 204 0.47 0.86 -19.22
CA ASN A 204 0.00 2.01 -19.98
C ASN A 204 -1.32 2.53 -19.43
N LYS A 205 -2.13 1.65 -18.85
CA LYS A 205 -3.34 2.03 -18.13
C LYS A 205 -3.18 1.56 -16.69
N VAL A 206 -3.27 2.49 -15.75
CA VAL A 206 -3.08 2.22 -14.33
C VAL A 206 -4.21 2.91 -13.56
N ARG A 207 -4.75 2.21 -12.57
CA ARG A 207 -5.71 2.78 -11.62
C ARG A 207 -5.05 2.90 -10.25
N LEU A 208 -5.07 4.10 -9.68
CA LEU A 208 -4.27 4.43 -8.50
C LEU A 208 -5.17 4.93 -7.37
N TYR A 209 -4.90 4.46 -6.15
CA TYR A 209 -5.67 4.81 -4.97
C TYR A 209 -4.73 5.29 -3.87
N GLU A 210 -5.15 6.30 -3.12
CA GLU A 210 -4.42 6.74 -1.94
C GLU A 210 -5.41 7.05 -0.82
N HIS A 211 -5.00 6.74 0.40
CA HIS A 211 -5.73 7.15 1.59
C HIS A 211 -4.76 7.83 2.54
N ALA A 212 -5.14 9.01 3.04
CA ALA A 212 -4.26 9.81 3.88
C ALA A 212 -5.06 10.52 4.95
N GLU A 213 -4.57 10.45 6.19
CA GLU A 213 -5.18 11.14 7.32
C GLU A 213 -4.10 11.77 8.19
N ALA A 214 -4.38 12.98 8.67
CA ALA A 214 -3.44 13.73 9.50
C ALA A 214 -3.78 13.59 10.97
N ARG A 215 -2.75 13.65 11.81
CA ARG A 215 -2.91 13.49 13.25
C ARG A 215 -1.63 13.94 13.95
N TYR A 216 -1.77 14.29 15.23
CA TYR A 216 -0.60 14.53 16.06
C TYR A 216 0.06 13.21 16.45
N SER A 217 1.29 13.31 16.94
CA SER A 217 2.02 12.14 17.43
C SER A 217 1.42 11.63 18.74
N ALA B 2 2.94 -24.17 -6.03
CA ALA B 2 2.15 -23.00 -6.40
C ALA B 2 0.74 -23.11 -5.82
N SER B 3 0.43 -22.24 -4.86
CA SER B 3 -0.89 -22.26 -4.25
C SER B 3 -1.97 -21.92 -5.27
N VAL B 4 -3.19 -22.38 -4.97
CA VAL B 4 -4.32 -22.16 -5.88
C VAL B 4 -4.70 -20.68 -5.91
N ILE B 5 -4.58 -20.00 -4.78
CA ILE B 5 -4.87 -18.58 -4.69
C ILE B 5 -3.66 -17.83 -5.23
N LYS B 6 -3.81 -17.25 -6.41
CA LYS B 6 -2.72 -16.55 -7.07
C LYS B 6 -2.58 -15.12 -6.51
N PRO B 7 -1.46 -14.45 -6.79
CA PRO B 7 -1.31 -13.09 -6.26
C PRO B 7 -2.34 -12.11 -6.80
N GLU B 8 -2.86 -12.33 -8.01
CA GLU B 8 -3.93 -11.53 -8.57
C GLU B 8 -5.08 -12.45 -8.95
N MET B 9 -6.24 -12.24 -8.34
CA MET B 9 -7.44 -13.02 -8.58
C MET B 9 -8.55 -12.10 -9.05
N LYS B 10 -9.32 -12.55 -10.04
CA LYS B 10 -10.47 -11.80 -10.50
C LYS B 10 -11.72 -12.25 -9.74
N ILE B 11 -12.80 -11.49 -9.90
CA ILE B 11 -14.03 -11.72 -9.15
C ILE B 11 -15.22 -11.65 -10.11
N LYS B 12 -16.15 -12.58 -9.94
CA LYS B 12 -17.44 -12.54 -10.60
C LYS B 12 -18.49 -12.87 -9.57
N LEU B 13 -19.53 -12.06 -9.48
CA LEU B 13 -20.58 -12.29 -8.49
C LEU B 13 -21.93 -11.91 -9.06
N ARG B 14 -22.98 -12.51 -8.48
CA ARG B 14 -24.34 -12.07 -8.70
C ARG B 14 -25.07 -12.11 -7.37
N MET B 15 -25.71 -11.01 -7.02
CA MET B 15 -26.48 -10.90 -5.80
C MET B 15 -27.95 -10.74 -6.15
N GLU B 16 -28.81 -11.45 -5.41
CA GLU B 16 -30.25 -11.31 -5.56
C GLU B 16 -30.83 -11.09 -4.17
N GLY B 17 -31.74 -10.13 -4.05
CA GLY B 17 -32.31 -9.89 -2.74
C GLY B 17 -33.52 -8.98 -2.78
N ALA B 18 -33.94 -8.57 -1.58
CA ALA B 18 -35.03 -7.63 -1.41
C ALA B 18 -34.83 -6.89 -0.10
N VAL B 19 -35.11 -5.59 -0.11
CA VAL B 19 -35.03 -4.74 1.07
C VAL B 19 -36.36 -4.00 1.20
N ASN B 20 -37.06 -4.22 2.31
CA ASN B 20 -38.39 -3.64 2.55
C ASN B 20 -39.34 -3.97 1.40
N GLY B 21 -39.29 -5.23 0.95
CA GLY B 21 -40.14 -5.70 -0.12
C GLY B 21 -39.67 -5.37 -1.53
N HIS B 22 -38.80 -4.37 -1.69
CA HIS B 22 -38.31 -3.94 -3.00
C HIS B 22 -37.20 -4.89 -3.48
N LYS B 23 -37.51 -5.71 -4.49
CA LYS B 23 -36.60 -6.74 -4.97
C LYS B 23 -35.67 -6.23 -6.05
N PHE B 24 -34.46 -6.80 -6.09
CA PHE B 24 -33.40 -6.30 -6.98
C PHE B 24 -32.40 -7.41 -7.30
N VAL B 25 -31.56 -7.15 -8.31
CA VAL B 25 -30.46 -8.03 -8.71
C VAL B 25 -29.27 -7.16 -9.08
N ILE B 26 -28.09 -7.51 -8.57
CA ILE B 26 -26.86 -6.77 -8.83
C ILE B 26 -25.77 -7.76 -9.26
N GLU B 27 -25.03 -7.41 -10.30
CA GLU B 27 -23.95 -8.23 -10.80
C GLU B 27 -22.62 -7.50 -10.64
N GLY B 28 -21.56 -8.26 -10.44
CA GLY B 28 -20.27 -7.68 -10.11
C GLY B 28 -19.13 -8.36 -10.86
N GLU B 29 -18.09 -7.56 -11.11
CA GLU B 29 -16.90 -7.97 -11.83
C GLU B 29 -15.75 -7.21 -11.22
N GLY B 30 -14.68 -7.90 -10.82
CA GLY B 30 -13.62 -7.21 -10.11
C GLY B 30 -12.28 -7.91 -10.18
N ILE B 31 -11.36 -7.41 -9.36
CA ILE B 31 -10.00 -7.95 -9.27
C ILE B 31 -9.40 -7.43 -7.98
N GLY B 32 -8.46 -8.20 -7.41
CA GLY B 32 -7.82 -7.80 -6.17
C GLY B 32 -6.60 -8.66 -5.90
N LYS B 33 -5.95 -8.38 -4.77
CA LYS B 33 -4.73 -9.09 -4.37
C LYS B 33 -4.96 -9.79 -3.03
N PRO B 34 -5.26 -11.10 -3.03
CA PRO B 34 -5.61 -11.78 -1.77
C PRO B 34 -4.55 -11.67 -0.69
N TYR B 35 -3.28 -11.75 -1.05
CA TYR B 35 -2.23 -11.71 -0.04
C TYR B 35 -1.94 -10.29 0.45
N GLU B 36 -2.44 -9.28 -0.26
CA GLU B 36 -2.33 -7.90 0.19
C GLU B 36 -3.57 -7.43 0.95
N GLY B 37 -4.70 -8.13 0.81
CA GLY B 37 -5.91 -7.76 1.51
C GLY B 37 -6.67 -6.62 0.87
N THR B 38 -6.61 -6.50 -0.46
CA THR B 38 -7.15 -5.37 -1.20
C THR B 38 -7.93 -5.89 -2.41
N GLN B 39 -9.08 -5.28 -2.67
CA GLN B 39 -9.91 -5.70 -3.80
C GLN B 39 -10.72 -4.52 -4.29
N THR B 40 -11.05 -4.55 -5.59
CA THR B 40 -11.91 -3.55 -6.22
C THR B 40 -12.97 -4.28 -7.01
N LEU B 41 -14.21 -3.78 -6.92
CA LEU B 41 -15.35 -4.38 -7.63
C LEU B 41 -16.08 -3.32 -8.44
N ASP B 42 -16.57 -3.71 -9.61
CA ASP B 42 -17.42 -2.85 -10.46
C ASP B 42 -18.82 -3.45 -10.44
N LEU B 43 -19.76 -2.77 -9.81
CA LEU B 43 -21.08 -3.31 -9.59
C LEU B 43 -22.12 -2.66 -10.49
N THR B 44 -23.14 -3.43 -10.87
CA THR B 44 -24.17 -2.99 -11.79
C THR B 44 -25.53 -3.51 -11.35
N VAL B 45 -26.50 -2.61 -11.24
CA VAL B 45 -27.87 -3.00 -10.94
C VAL B 45 -28.53 -3.48 -12.22
N GLU B 46 -29.06 -4.71 -12.20
CA GLU B 46 -29.70 -5.29 -13.38
C GLU B 46 -31.21 -5.44 -13.23
N GLU B 47 -31.72 -5.54 -12.01
CA GLU B 47 -33.15 -5.54 -11.75
C GLU B 47 -33.41 -4.69 -10.52
N GLY B 48 -34.47 -3.88 -10.57
CA GLY B 48 -34.85 -3.05 -9.43
C GLY B 48 -34.27 -1.66 -9.40
N ALA B 49 -33.65 -1.20 -10.47
CA ALA B 49 -33.16 0.18 -10.49
C ALA B 49 -34.31 1.14 -10.74
N PRO B 50 -34.27 2.34 -10.15
CA PRO B 50 -33.26 2.79 -9.18
C PRO B 50 -33.56 2.28 -7.78
N LEU B 51 -32.53 1.90 -7.04
CA LEU B 51 -32.76 1.34 -5.72
C LEU B 51 -33.23 2.43 -4.78
N PRO B 52 -34.24 2.14 -3.95
CA PRO B 52 -34.81 3.15 -3.05
C PRO B 52 -34.16 3.22 -1.67
N PHE B 53 -33.05 2.52 -1.43
CA PHE B 53 -32.43 2.51 -0.12
C PHE B 53 -30.93 2.79 -0.26
N SER B 54 -30.30 3.05 0.88
CA SER B 54 -28.86 3.30 0.93
C SER B 54 -28.08 2.11 0.37
N TYR B 55 -27.32 2.36 -0.69
CA TYR B 55 -26.47 1.31 -1.25
C TYR B 55 -25.50 0.77 -0.20
N ASP B 56 -25.19 1.58 0.82
CA ASP B 56 -24.15 1.23 1.76
C ASP B 56 -24.46 -0.06 2.51
N ILE B 57 -25.74 -0.36 2.75
CA ILE B 57 -26.07 -1.56 3.51
C ILE B 57 -25.77 -2.84 2.74
N LEU B 58 -25.52 -2.74 1.43
CA LEU B 58 -25.19 -3.92 0.62
C LEU B 58 -23.71 -4.19 0.55
N THR B 59 -22.88 -3.21 0.82
CA THR B 59 -21.49 -3.28 0.38
C THR B 59 -20.67 -4.33 1.11
N PRO B 60 -20.79 -4.51 2.43
CA PRO B 60 -20.00 -5.58 3.08
C PRO B 60 -20.48 -6.97 2.68
N ALA B 61 -21.59 -7.09 1.94
CA ALA B 61 -21.96 -8.37 1.37
C ALA B 61 -21.20 -8.66 0.08
N PHE B 62 -20.64 -7.64 -0.57
CA PHE B 62 -19.88 -7.81 -1.80
C PHE B 62 -18.41 -8.13 -1.53
N ASN B 64 -15.76 -11.43 0.97
CA ASN B 64 -14.86 -12.55 0.75
C ASN B 64 -13.57 -12.35 1.54
N ARG B 65 -13.45 -13.05 2.68
CA ARG B 65 -12.30 -12.86 3.55
C ARG B 65 -11.03 -13.51 3.01
N ALA B 66 -11.09 -14.15 1.84
CA ALA B 66 -9.86 -14.54 1.17
C ALA B 66 -9.02 -13.32 0.80
N PHE B 67 -9.67 -12.17 0.63
CA PHE B 67 -8.97 -10.90 0.42
C PHE B 67 -8.65 -10.27 1.78
N THR B 68 -7.74 -10.94 2.49
CA THR B 68 -7.24 -10.48 3.77
C THR B 68 -5.76 -10.80 3.84
N LYS B 69 -4.97 -9.89 4.40
CA LYS B 69 -3.54 -10.13 4.61
C LYS B 69 -3.37 -10.84 5.94
N TYR B 70 -2.93 -12.09 5.89
CA TYR B 70 -2.79 -12.92 7.08
C TYR B 70 -1.32 -13.11 7.39
N PRO B 71 -0.84 -12.67 8.56
CA PRO B 71 0.51 -13.04 8.99
C PRO B 71 0.68 -14.55 9.00
N GLU B 72 1.91 -14.99 8.71
CA GLU B 72 2.18 -16.42 8.52
C GLU B 72 1.88 -17.24 9.77
N ASP B 73 1.93 -16.63 10.96
CA ASP B 73 1.69 -17.35 12.20
C ASP B 73 0.21 -17.43 12.58
N ILE B 74 -0.68 -16.86 11.79
CA ILE B 74 -2.13 -17.01 11.96
C ILE B 74 -2.63 -17.86 10.80
N PRO B 75 -3.22 -19.03 11.05
CA PRO B 75 -3.71 -19.86 9.95
C PRO B 75 -4.83 -19.15 9.20
N ASP B 76 -4.73 -19.17 7.88
CA ASP B 76 -5.69 -18.52 7.00
C ASP B 76 -6.85 -19.47 6.76
N TYR B 77 -7.93 -19.32 7.53
CA TYR B 77 -9.10 -20.18 7.37
C TYR B 77 -9.63 -20.15 5.95
N PHE B 78 -9.54 -19.00 5.29
CA PHE B 78 -10.25 -18.78 4.04
C PHE B 78 -9.45 -19.24 2.83
N LYS B 79 -8.18 -18.86 2.75
CA LYS B 79 -7.34 -19.31 1.65
C LYS B 79 -7.14 -20.82 1.67
N GLN B 80 -7.18 -21.43 2.86
CA GLN B 80 -7.04 -22.87 2.97
C GLN B 80 -8.21 -23.63 2.38
N ALA B 81 -9.39 -23.01 2.30
CA ALA B 81 -10.60 -23.72 1.92
C ALA B 81 -10.74 -23.92 0.41
N PHE B 82 -9.84 -23.38 -0.38
CA PHE B 82 -9.95 -23.46 -1.82
C PHE B 82 -9.06 -24.56 -2.36
N PRO B 83 -9.31 -25.05 -3.59
CA PRO B 83 -10.26 -24.62 -4.62
C PRO B 83 -11.72 -24.91 -4.32
N GLU B 84 -12.00 -25.73 -3.31
CA GLU B 84 -13.40 -26.03 -2.97
C GLU B 84 -14.14 -24.75 -2.59
N GLY B 85 -13.66 -24.06 -1.57
CA GLY B 85 -14.23 -22.79 -1.18
C GLY B 85 -14.89 -22.84 0.18
N TYR B 86 -15.73 -21.84 0.43
CA TYR B 86 -16.43 -21.72 1.70
C TYR B 86 -17.69 -20.90 1.47
N SER B 87 -18.49 -20.80 2.53
CA SER B 87 -19.74 -20.07 2.51
C SER B 87 -19.90 -19.33 3.83
N TRP B 88 -20.66 -18.23 3.81
CA TRP B 88 -20.91 -17.51 5.06
C TRP B 88 -22.37 -17.14 5.16
N GLU B 89 -22.80 -16.92 6.40
CA GLU B 89 -24.14 -16.45 6.74
C GLU B 89 -23.99 -15.30 7.75
N ARG B 90 -24.72 -14.21 7.52
CA ARG B 90 -24.51 -12.99 8.29
C ARG B 90 -25.84 -12.39 8.69
N SER B 91 -25.95 -11.98 9.95
CA SER B 91 -27.05 -11.17 10.43
C SER B 91 -26.51 -9.77 10.73
N MET B 92 -27.27 -8.76 10.31
CA MET B 92 -26.90 -7.37 10.49
C MET B 92 -28.08 -6.68 11.17
N THR B 93 -27.89 -6.27 12.42
CA THR B 93 -28.98 -5.78 13.26
C THR B 93 -28.74 -4.30 13.52
N TYR B 94 -29.60 -3.45 12.98
CA TYR B 94 -29.43 -2.01 13.07
C TYR B 94 -30.11 -1.45 14.32
N GLU B 95 -29.65 -0.28 14.74
CA GLU B 95 -30.08 0.29 16.01
C GLU B 95 -31.53 0.74 16.00
N ASP B 96 -32.11 1.00 14.82
CA ASP B 96 -33.53 1.32 14.72
C ASP B 96 -34.35 0.12 14.29
N GLN B 97 -33.85 -1.09 14.59
CA GLN B 97 -34.55 -2.37 14.48
C GLN B 97 -34.79 -2.82 13.05
N GLY B 98 -34.15 -2.18 12.07
CA GLY B 98 -34.06 -2.78 10.75
C GLY B 98 -33.06 -3.91 10.78
N ILE B 99 -33.43 -5.03 10.14
CA ILE B 99 -32.65 -6.25 10.20
C ILE B 99 -32.34 -6.71 8.79
N CYS B 100 -31.14 -7.24 8.61
CA CYS B 100 -30.73 -7.83 7.34
C CYS B 100 -30.13 -9.21 7.57
N ILE B 101 -30.26 -10.06 6.56
CA ILE B 101 -29.74 -11.42 6.56
C ILE B 101 -29.13 -11.67 5.19
N ALA B 102 -27.91 -12.21 5.16
CA ALA B 102 -27.22 -12.43 3.90
C ALA B 102 -26.45 -13.74 3.94
N THR B 103 -26.29 -14.34 2.76
CA THR B 103 -25.50 -15.54 2.58
C THR B 103 -24.67 -15.41 1.30
N SER B 104 -23.52 -16.07 1.29
CA SER B 104 -22.70 -16.12 0.09
C SER B 104 -22.15 -17.54 -0.05
N ASP B 105 -22.16 -18.04 -1.28
CA ASP B 105 -21.50 -19.28 -1.64
C ASP B 105 -20.33 -18.90 -2.55
N ILE B 106 -19.11 -19.13 -2.09
CA ILE B 106 -17.91 -18.68 -2.77
C ILE B 106 -17.12 -19.88 -3.26
N THR B 107 -16.74 -19.85 -4.53
CA THR B 107 -15.93 -20.91 -5.10
C THR B 107 -14.91 -20.28 -6.03
N MET B 108 -14.28 -21.13 -6.85
CA MET B 108 -13.09 -20.77 -7.60
C MET B 108 -13.10 -21.50 -8.94
N GLU B 109 -12.53 -20.85 -9.96
CA GLU B 109 -12.34 -21.49 -11.26
C GLU B 109 -11.25 -20.72 -11.99
N GLY B 110 -10.07 -21.34 -12.09
CA GLY B 110 -8.96 -20.66 -12.72
C GLY B 110 -8.40 -19.57 -11.82
N ASP B 111 -8.34 -18.34 -12.33
CA ASP B 111 -7.81 -17.20 -11.60
C ASP B 111 -8.92 -16.26 -11.11
N CYS B 112 -10.12 -16.81 -10.85
CA CYS B 112 -11.33 -15.99 -10.69
C CYS B 112 -12.25 -16.59 -9.64
N PHE B 113 -12.57 -15.82 -8.61
CA PHE B 113 -13.58 -16.20 -7.64
C PHE B 113 -14.98 -16.04 -8.21
N PHE B 114 -15.92 -16.84 -7.69
CA PHE B 114 -17.33 -16.75 -8.04
C PHE B 114 -18.17 -16.71 -6.76
N TYR B 115 -19.02 -15.70 -6.63
CA TYR B 115 -19.94 -15.59 -5.49
C TYR B 115 -21.38 -15.69 -5.96
N GLU B 116 -22.22 -16.31 -5.13
CA GLU B 116 -23.67 -16.24 -5.27
C GLU B 116 -24.22 -15.72 -3.95
N ILE B 117 -24.72 -14.48 -3.97
CA ILE B 117 -25.11 -13.77 -2.76
C ILE B 117 -26.63 -13.68 -2.70
N ARG B 118 -27.19 -13.92 -1.52
CA ARG B 118 -28.58 -13.62 -1.22
C ARG B 118 -28.62 -12.57 -0.12
N PHE B 119 -29.44 -11.54 -0.28
CA PHE B 119 -29.49 -10.42 0.65
C PHE B 119 -30.94 -10.08 0.97
N ASP B 120 -31.28 -10.03 2.26
CA ASP B 120 -32.65 -9.74 2.65
C ASP B 120 -32.69 -8.81 3.85
N GLY B 121 -33.51 -7.77 3.77
CA GLY B 121 -33.65 -6.83 4.86
C GLY B 121 -35.07 -6.34 4.96
N THR B 122 -35.47 -5.96 6.17
CA THR B 122 -36.82 -5.49 6.39
C THR B 122 -36.92 -4.68 7.66
N ASN B 123 -38.08 -4.08 7.87
CA ASN B 123 -38.43 -3.26 9.04
C ASN B 123 -37.52 -2.05 9.18
N PHE B 124 -37.01 -1.55 8.06
CA PHE B 124 -36.35 -0.26 8.08
C PHE B 124 -37.40 0.84 8.12
N PRO B 125 -37.32 1.77 9.07
CA PRO B 125 -38.33 2.83 9.16
C PRO B 125 -38.38 3.64 7.89
N PRO B 126 -39.58 4.07 7.46
CA PRO B 126 -39.69 4.79 6.19
C PRO B 126 -38.98 6.12 6.19
N ASN B 127 -38.73 6.72 7.36
CA ASN B 127 -38.03 7.98 7.46
C ASN B 127 -36.66 7.84 8.11
N GLY B 128 -36.15 6.61 8.20
CA GLY B 128 -34.81 6.38 8.70
C GLY B 128 -33.77 6.61 7.64
N PRO B 129 -32.51 6.66 8.07
CA PRO B 129 -31.42 6.97 7.13
C PRO B 129 -31.33 6.00 5.95
N VAL B 130 -31.65 4.73 6.14
CA VAL B 130 -31.49 3.76 5.06
C VAL B 130 -32.50 4.00 3.95
N MET B 131 -33.78 4.12 4.31
CA MET B 131 -34.80 4.37 3.30
C MET B 131 -34.74 5.80 2.77
N GLN B 132 -34.16 6.73 3.53
CA GLN B 132 -34.03 8.12 3.12
C GLN B 132 -32.71 8.43 2.44
N LYS B 133 -31.85 7.42 2.23
CA LYS B 133 -30.56 7.58 1.56
C LYS B 133 -29.75 8.73 2.17
N LYS B 134 -29.54 8.65 3.50
CA LYS B 134 -28.80 9.67 4.22
C LYS B 134 -27.49 9.15 4.81
N THR B 135 -27.00 8.00 4.34
CA THR B 135 -25.72 7.47 4.77
C THR B 135 -24.61 7.93 3.83
N LEU B 136 -23.40 8.07 4.38
CA LEU B 136 -22.24 8.49 3.60
C LEU B 136 -21.22 7.36 3.45
N LYS B 137 -20.73 6.79 4.54
CA LYS B 137 -19.77 5.71 4.42
C LYS B 137 -19.80 4.84 5.68
N TRP B 138 -19.27 3.63 5.55
CA TRP B 138 -18.96 2.82 6.72
C TRP B 138 -17.70 3.35 7.37
N GLU B 139 -17.71 3.51 8.68
CA GLU B 139 -16.46 3.76 9.37
C GLU B 139 -15.60 2.49 9.35
N PRO B 140 -14.28 2.64 9.38
CA PRO B 140 -13.42 1.45 9.49
C PRO B 140 -13.70 0.72 10.79
N SER B 141 -13.51 -0.59 10.75
CA SER B 141 -13.99 -1.47 11.81
C SER B 141 -12.93 -2.50 12.16
N THR B 142 -13.20 -3.25 13.23
CA THR B 142 -12.37 -4.36 13.64
C THR B 142 -13.27 -5.54 13.96
N GLU B 143 -13.11 -6.62 13.22
CA GLU B 143 -13.92 -7.82 13.39
C GLU B 143 -13.17 -8.81 14.27
N LYS B 144 -13.81 -9.29 15.32
CA LYS B 144 -13.20 -10.26 16.23
C LYS B 144 -13.55 -11.67 15.76
N MET B 145 -12.52 -12.42 15.40
CA MET B 145 -12.67 -13.80 14.92
C MET B 145 -12.34 -14.80 16.02
N TYR B 146 -13.02 -15.93 15.99
CA TYR B 146 -12.84 -16.98 16.98
C TYR B 146 -13.55 -18.24 16.51
N VAL B 147 -13.14 -19.38 17.07
CA VAL B 147 -13.72 -20.66 16.69
C VAL B 147 -14.83 -21.02 17.66
N GLU B 148 -15.96 -21.48 17.11
CA GLU B 148 -17.07 -22.01 17.89
C GLU B 148 -17.68 -23.12 17.06
N ASP B 149 -17.95 -24.27 17.70
CA ASP B 149 -18.61 -25.40 17.03
C ASP B 149 -17.90 -25.80 15.74
N GLY B 150 -16.57 -25.81 15.78
CA GLY B 150 -15.77 -26.29 14.66
C GLY B 150 -15.65 -25.35 13.47
N VAL B 151 -16.35 -24.22 13.47
CA VAL B 151 -16.31 -23.28 12.36
C VAL B 151 -15.77 -21.94 12.88
N LEU B 152 -15.54 -21.02 11.95
CA LEU B 152 -15.00 -19.70 12.27
C LEU B 152 -16.13 -18.69 12.41
N LYS B 153 -16.12 -17.93 13.50
CA LYS B 153 -17.12 -16.92 13.77
C LYS B 153 -16.49 -15.53 13.72
N GLY B 154 -17.24 -14.57 13.19
CA GLY B 154 -16.81 -13.19 13.19
C GLY B 154 -17.90 -12.25 13.66
N ASP B 155 -17.57 -11.42 14.65
CA ASP B 155 -18.46 -10.37 15.13
C ASP B 155 -17.76 -9.03 14.97
N VAL B 156 -18.49 -8.03 14.49
CA VAL B 156 -17.94 -6.69 14.37
C VAL B 156 -19.05 -5.68 14.60
N GLU B 157 -18.73 -4.64 15.37
CA GLU B 157 -19.63 -3.50 15.54
C GLU B 157 -19.34 -2.47 14.45
N MET B 158 -20.35 -2.16 13.67
CA MET B 158 -20.22 -1.28 12.53
C MET B 158 -20.96 0.02 12.79
N ALA B 159 -20.67 1.02 11.97
CA ALA B 159 -21.29 2.33 12.11
C ALA B 159 -21.32 3.01 10.76
N LEU B 160 -22.51 3.50 10.38
CA LEU B 160 -22.68 4.30 9.17
C LEU B 160 -22.64 5.78 9.56
N LEU B 161 -21.71 6.52 8.96
CA LEU B 161 -21.70 7.97 9.14
C LEU B 161 -22.81 8.59 8.32
N LEU B 162 -23.58 9.47 8.94
CA LEU B 162 -24.75 10.06 8.32
C LEU B 162 -24.47 11.50 7.89
N GLU B 163 -25.31 12.00 6.98
CA GLU B 163 -25.31 13.42 6.69
C GLU B 163 -25.62 14.19 7.95
N GLY B 164 -24.78 15.18 8.27
CA GLY B 164 -24.90 15.98 9.47
C GLY B 164 -23.85 15.65 10.52
N GLY B 165 -23.38 14.41 10.56
CA GLY B 165 -22.28 14.03 11.43
C GLY B 165 -22.57 12.92 12.40
N GLY B 166 -23.83 12.52 12.58
CA GLY B 166 -24.16 11.44 13.48
C GLY B 166 -23.78 10.09 12.91
N HIS B 167 -24.00 9.06 13.72
CA HIS B 167 -23.68 7.70 13.32
C HIS B 167 -24.88 6.78 13.48
N TYR B 168 -25.01 5.86 12.54
CA TYR B 168 -26.06 4.84 12.52
C TYR B 168 -25.37 3.50 12.75
N ARG B 169 -25.57 2.92 13.92
CA ARG B 169 -24.82 1.76 14.36
C ARG B 169 -25.54 0.46 14.00
N CYS B 170 -24.77 -0.60 13.78
CA CYS B 170 -25.32 -1.89 13.38
C CYS B 170 -24.37 -2.99 13.85
N ASP B 171 -24.93 -4.09 14.35
CA ASP B 171 -24.16 -5.22 14.86
C ASP B 171 -24.13 -6.34 13.83
N PHE B 172 -22.92 -6.75 13.44
CA PHE B 172 -22.70 -7.85 12.51
C PHE B 172 -22.35 -9.12 13.29
N LYS B 173 -22.93 -10.24 12.86
CA LYS B 173 -22.55 -11.56 13.38
C LYS B 173 -22.51 -12.53 12.20
N THR B 174 -21.33 -13.06 11.92
CA THR B 174 -21.10 -13.90 10.74
C THR B 174 -20.60 -15.28 11.14
N THR B 175 -21.06 -16.31 10.43
CA THR B 175 -20.55 -17.67 10.52
C THR B 175 -19.89 -18.05 9.21
N TYR B 176 -18.65 -18.53 9.27
CA TYR B 176 -17.91 -18.95 8.08
C TYR B 176 -17.74 -20.46 8.08
N LYS B 177 -18.13 -21.11 6.98
CA LYS B 177 -18.08 -22.56 6.87
C LYS B 177 -17.22 -22.95 5.67
N ALA B 178 -16.03 -23.48 5.94
CA ALA B 178 -15.21 -24.03 4.87
C ALA B 178 -15.78 -25.36 4.38
N LYS B 179 -15.61 -25.62 3.09
CA LYS B 179 -16.17 -26.81 2.46
C LYS B 179 -15.29 -28.04 2.61
N LYS B 180 -14.17 -27.93 3.33
CA LYS B 180 -13.32 -29.06 3.65
C LYS B 180 -12.57 -28.71 4.93
N ASP B 181 -11.86 -29.70 5.48
CA ASP B 181 -11.19 -29.48 6.74
C ASP B 181 -9.93 -28.63 6.56
N VAL B 182 -9.76 -27.64 7.44
CA VAL B 182 -8.63 -26.72 7.40
C VAL B 182 -8.09 -26.58 8.81
N ARG B 183 -6.83 -26.15 8.90
CA ARG B 183 -6.23 -25.87 10.20
C ARG B 183 -6.92 -24.68 10.85
N LEU B 184 -7.49 -24.89 12.02
CA LEU B 184 -8.28 -23.78 12.57
C LEU B 184 -7.40 -22.83 13.37
N PRO B 185 -7.59 -21.53 13.20
CA PRO B 185 -6.70 -20.56 13.86
C PRO B 185 -7.12 -20.26 15.29
N ASP B 186 -6.21 -19.59 16.00
CA ASP B 186 -6.56 -19.01 17.28
C ASP B 186 -7.42 -17.78 17.07
N ALA B 187 -7.99 -17.26 18.16
CA ALA B 187 -8.78 -16.05 18.08
C ALA B 187 -7.90 -14.88 17.64
N HIS B 188 -8.43 -14.06 16.74
CA HIS B 188 -7.69 -12.92 16.20
C HIS B 188 -8.68 -11.86 15.75
N GLU B 189 -8.17 -10.79 15.13
CA GLU B 189 -8.98 -9.65 14.72
C GLU B 189 -8.63 -9.27 13.28
N VAL B 190 -9.61 -8.75 12.55
CA VAL B 190 -9.43 -8.27 11.19
C VAL B 190 -9.82 -6.81 11.12
N ASP B 191 -8.92 -5.96 10.64
CA ASP B 191 -9.19 -4.54 10.45
C ASP B 191 -9.71 -4.30 9.04
N HIS B 192 -10.90 -3.69 8.94
CA HIS B 192 -11.49 -3.40 7.64
C HIS B 192 -11.49 -1.91 7.36
N ARG B 193 -11.52 -1.59 6.07
CA ARG B 193 -11.98 -0.29 5.59
C ARG B 193 -12.60 -0.51 4.21
N ILE B 194 -13.88 -0.14 4.06
CA ILE B 194 -14.61 -0.33 2.81
C ILE B 194 -15.13 1.03 2.36
N GLU B 195 -14.96 1.33 1.07
CA GLU B 195 -15.28 2.64 0.53
C GLU B 195 -15.81 2.49 -0.88
N ILE B 196 -16.85 3.25 -1.20
CA ILE B 196 -17.29 3.40 -2.58
C ILE B 196 -16.41 4.47 -3.22
N LEU B 197 -15.55 4.06 -4.16
CA LEU B 197 -14.64 5.00 -4.80
C LEU B 197 -15.36 5.94 -5.75
N SER B 198 -16.43 5.47 -6.39
CA SER B 198 -17.13 6.25 -7.39
C SER B 198 -18.46 5.58 -7.69
N HIS B 199 -19.39 6.37 -8.21
CA HIS B 199 -20.74 5.89 -8.50
C HIS B 199 -21.42 6.88 -9.43
N ASP B 200 -22.43 6.40 -10.15
CA ASP B 200 -23.30 7.30 -10.87
C ASP B 200 -24.48 7.68 -9.97
N LYS B 201 -25.37 8.51 -10.50
CA LYS B 201 -26.23 9.32 -9.62
C LYS B 201 -27.27 8.49 -8.89
N ASP B 202 -27.72 7.36 -9.47
CA ASP B 202 -28.65 6.46 -8.81
C ASP B 202 -27.99 5.19 -8.30
N TYR B 203 -26.66 5.15 -8.28
CA TYR B 203 -25.88 3.99 -7.83
C TYR B 203 -26.18 2.75 -8.68
N ASN B 204 -26.62 2.94 -9.92
CA ASN B 204 -26.75 1.81 -10.83
C ASN B 204 -25.39 1.23 -11.18
N LYS B 205 -24.36 2.08 -11.22
CA LYS B 205 -22.98 1.66 -11.43
C LYS B 205 -22.16 2.15 -10.25
N VAL B 206 -21.45 1.24 -9.59
CA VAL B 206 -20.69 1.53 -8.38
C VAL B 206 -19.35 0.82 -8.46
N ARG B 207 -18.29 1.49 -8.05
CA ARG B 207 -16.97 0.89 -7.88
C ARG B 207 -16.63 0.86 -6.40
N LEU B 208 -16.30 -0.34 -5.89
CA LEU B 208 -16.19 -0.60 -4.46
C LEU B 208 -14.79 -1.11 -4.09
N TYR B 209 -14.26 -0.61 -2.98
CA TYR B 209 -12.91 -0.93 -2.51
C TYR B 209 -12.97 -1.42 -1.07
N GLU B 210 -12.13 -2.41 -0.76
CA GLU B 210 -11.96 -2.88 0.62
C GLU B 210 -10.50 -3.15 0.89
N HIS B 211 -10.06 -2.89 2.12
CA HIS B 211 -8.74 -3.27 2.59
C HIS B 211 -8.86 -3.92 3.96
N ALA B 212 -8.30 -5.12 4.10
CA ALA B 212 -8.45 -5.92 5.31
C ALA B 212 -7.13 -6.61 5.65
N GLU B 213 -6.78 -6.56 6.93
CA GLU B 213 -5.55 -7.19 7.43
C GLU B 213 -5.85 -7.88 8.76
N ALA B 214 -5.38 -9.12 8.89
CA ALA B 214 -5.58 -9.88 10.11
C ALA B 214 -4.48 -9.56 11.13
N ARG B 215 -4.85 -9.56 12.40
CA ARG B 215 -3.98 -9.06 13.45
C ARG B 215 -4.38 -9.72 14.76
N TYR B 216 -3.42 -9.81 15.69
CA TYR B 216 -3.65 -10.53 16.95
C TYR B 216 -4.33 -9.65 18.00
N SER B 217 -3.57 -8.72 18.59
CA SER B 217 -4.06 -7.74 19.56
C SER B 217 -2.91 -6.89 20.10
N ALA C 2 41.31 12.37 -42.04
CA ALA C 2 41.56 12.86 -40.69
C ALA C 2 40.47 12.40 -39.73
N SER C 3 40.55 12.84 -38.48
CA SER C 3 39.51 12.57 -37.50
C SER C 3 38.30 13.47 -37.74
N VAL C 4 37.12 12.96 -37.40
CA VAL C 4 35.91 13.76 -37.56
C VAL C 4 35.92 14.97 -36.64
N ILE C 5 36.71 14.94 -35.57
CA ILE C 5 36.80 16.05 -34.63
C ILE C 5 37.91 16.98 -35.08
N LYS C 6 37.53 18.13 -35.64
CA LYS C 6 38.48 19.09 -36.17
C LYS C 6 39.13 19.88 -35.05
N PRO C 7 40.32 20.45 -35.28
CA PRO C 7 41.02 21.17 -34.20
C PRO C 7 40.23 22.37 -33.68
N GLU C 8 39.40 22.98 -34.52
CA GLU C 8 38.40 23.94 -34.08
C GLU C 8 37.03 23.33 -34.31
N MET C 9 36.16 23.43 -33.30
CA MET C 9 34.79 22.91 -33.39
C MET C 9 33.83 23.94 -32.85
N LYS C 10 32.69 24.08 -33.51
CA LYS C 10 31.67 25.05 -33.15
C LYS C 10 30.59 24.39 -32.28
N ILE C 11 29.89 25.21 -31.51
CA ILE C 11 28.94 24.72 -30.51
C ILE C 11 27.61 25.44 -30.69
N LYS C 12 26.54 24.67 -30.81
CA LYS C 12 25.17 25.17 -30.75
C LYS C 12 24.41 24.35 -29.71
N LEU C 13 23.65 25.02 -28.86
CA LEU C 13 22.98 24.31 -27.78
C LEU C 13 21.67 25.00 -27.42
N ARG C 14 20.81 24.22 -26.77
CA ARG C 14 19.57 24.73 -26.17
C ARG C 14 19.35 23.99 -24.86
N MET C 15 19.00 24.73 -23.82
CA MET C 15 18.68 24.16 -22.52
C MET C 15 17.30 24.62 -22.09
N GLU C 16 16.46 23.67 -21.70
CA GLU C 16 15.22 23.95 -21.01
C GLU C 16 15.30 23.36 -19.62
N GLY C 17 14.50 23.91 -18.71
CA GLY C 17 14.42 23.33 -17.38
C GLY C 17 13.78 24.28 -16.40
N ALA C 18 13.93 23.93 -15.11
CA ALA C 18 13.28 24.68 -14.05
C ALA C 18 14.09 24.55 -12.77
N VAL C 19 14.21 25.65 -12.03
CA VAL C 19 14.84 25.66 -10.71
C VAL C 19 13.79 26.13 -9.71
N ASN C 20 13.52 25.31 -8.70
CA ASN C 20 12.41 25.53 -7.77
C ASN C 20 11.12 25.86 -8.52
N GLY C 21 10.85 25.08 -9.57
CA GLY C 21 9.66 25.25 -10.37
C GLY C 21 9.64 26.44 -11.29
N HIS C 22 10.62 27.35 -11.20
CA HIS C 22 10.70 28.49 -12.11
C HIS C 22 11.30 28.03 -13.43
N LYS C 23 10.49 28.02 -14.48
CA LYS C 23 10.93 27.47 -15.76
C LYS C 23 11.68 28.52 -16.58
N PHE C 24 12.59 28.05 -17.42
CA PHE C 24 13.46 28.93 -18.19
C PHE C 24 13.98 28.19 -19.42
N VAL C 25 14.48 28.96 -20.39
CA VAL C 25 15.09 28.43 -21.60
C VAL C 25 16.31 29.28 -21.92
N ILE C 26 17.42 28.62 -22.25
CA ILE C 26 18.68 29.31 -22.58
C ILE C 26 19.27 28.66 -23.82
N GLU C 27 19.70 29.48 -24.78
CA GLU C 27 20.42 29.01 -25.96
C GLU C 27 21.83 29.57 -25.95
N GLY C 28 22.73 28.87 -26.66
CA GLY C 28 24.13 29.27 -26.64
C GLY C 28 24.85 28.95 -27.94
N GLU C 29 25.92 29.69 -28.18
CA GLU C 29 26.80 29.51 -29.34
C GLU C 29 28.24 29.75 -28.89
N GLY C 30 29.17 29.04 -29.52
CA GLY C 30 30.57 29.26 -29.20
C GLY C 30 31.46 28.42 -30.08
N ILE C 31 32.77 28.51 -29.79
CA ILE C 31 33.80 27.78 -30.52
C ILE C 31 34.80 27.23 -29.52
N GLY C 32 35.27 26.00 -29.76
CA GLY C 32 36.24 25.37 -28.87
C GLY C 32 37.33 24.67 -29.64
N LYS C 33 38.41 24.33 -28.91
CA LYS C 33 39.57 23.62 -29.45
C LYS C 33 39.65 22.24 -28.80
N PRO C 34 38.95 21.24 -29.34
CA PRO C 34 38.80 19.97 -28.60
C PRO C 34 40.11 19.31 -28.21
N TYR C 35 41.19 19.53 -28.95
CA TYR C 35 42.46 18.89 -28.62
C TYR C 35 43.28 19.70 -27.63
N GLU C 36 43.03 21.01 -27.52
CA GLU C 36 43.64 21.81 -26.47
C GLU C 36 42.81 21.81 -25.19
N GLY C 37 41.55 21.39 -25.25
CA GLY C 37 40.70 21.32 -24.07
C GLY C 37 40.12 22.65 -23.62
N THR C 38 39.86 23.57 -24.54
CA THR C 38 39.33 24.87 -24.20
C THR C 38 38.11 25.18 -25.09
N GLN C 39 37.26 26.08 -24.59
CA GLN C 39 36.04 26.46 -25.30
C GLN C 39 35.49 27.72 -24.68
N THR C 40 34.85 28.54 -25.51
CA THR C 40 34.18 29.74 -25.06
C THR C 40 32.75 29.70 -25.58
N LEU C 41 31.80 30.04 -24.71
CA LEU C 41 30.38 29.95 -25.00
C LEU C 41 29.72 31.29 -24.70
N ASP C 42 28.79 31.70 -25.54
CA ASP C 42 27.99 32.91 -25.31
C ASP C 42 26.54 32.48 -25.20
N LEU C 43 25.98 32.63 -24.00
CA LEU C 43 24.65 32.12 -23.69
C LEU C 43 23.67 33.29 -23.50
N THR C 44 22.43 33.04 -23.86
CA THR C 44 21.39 34.07 -23.79
C THR C 44 20.11 33.45 -23.25
N VAL C 45 19.46 34.16 -22.34
CA VAL C 45 18.20 33.71 -21.77
C VAL C 45 17.07 34.04 -22.75
N GLU C 46 16.42 33.01 -23.28
CA GLU C 46 15.30 33.22 -24.20
C GLU C 46 13.94 33.09 -23.52
N GLU C 47 13.88 32.54 -22.31
CA GLU C 47 12.62 32.45 -21.58
C GLU C 47 12.92 32.42 -20.09
N GLY C 48 12.06 33.07 -19.31
CA GLY C 48 12.19 33.06 -17.86
C GLY C 48 13.08 34.14 -17.26
N ALA C 49 13.39 35.18 -18.01
CA ALA C 49 14.19 36.28 -17.48
C ALA C 49 13.32 37.21 -16.64
N PRO C 50 13.88 37.79 -15.57
CA PRO C 50 15.24 37.54 -15.07
C PRO C 50 15.31 36.31 -14.18
N LEU C 51 16.40 35.55 -14.30
CA LEU C 51 16.53 34.33 -13.52
C LEU C 51 16.57 34.67 -12.03
N PRO C 52 15.81 33.96 -11.19
CA PRO C 52 15.82 34.23 -9.74
C PRO C 52 16.90 33.51 -8.96
N PHE C 53 17.76 32.73 -9.61
CA PHE C 53 18.71 31.87 -8.93
C PHE C 53 20.10 32.11 -9.48
N SER C 54 21.09 31.58 -8.76
CA SER C 54 22.49 31.69 -9.18
C SER C 54 22.70 31.05 -10.56
N TYR C 55 23.33 31.81 -11.45
CA TYR C 55 23.68 31.27 -12.76
C TYR C 55 24.73 30.18 -12.64
N ASP C 56 25.49 30.16 -11.55
CA ASP C 56 26.61 29.25 -11.44
C ASP C 56 26.18 27.80 -11.30
N ILE C 57 24.97 27.53 -10.81
CA ILE C 57 24.51 26.15 -10.73
C ILE C 57 24.29 25.56 -12.11
N LEU C 58 24.27 26.39 -13.14
CA LEU C 58 23.97 25.94 -14.50
C LEU C 58 25.22 25.66 -15.33
N THR C 59 26.33 26.33 -15.03
CA THR C 59 27.43 26.36 -15.98
C THR C 59 28.05 25.00 -16.28
N PRO C 60 28.29 24.11 -15.31
CA PRO C 60 28.87 22.81 -15.67
C PRO C 60 27.99 21.98 -16.59
N ALA C 61 26.71 22.32 -16.72
CA ALA C 61 25.86 21.64 -17.69
C ALA C 61 26.06 22.17 -19.11
N PHE C 62 26.60 23.38 -19.26
CA PHE C 62 26.90 23.95 -20.57
C PHE C 62 28.23 23.43 -21.09
N ASN C 64 30.64 19.08 -21.96
CA ASN C 64 31.08 18.36 -23.15
C ASN C 64 32.55 17.97 -23.03
N ARG C 65 32.81 16.73 -22.62
CA ARG C 65 34.18 16.29 -22.40
C ARG C 65 34.92 16.00 -23.70
N ALA C 66 34.28 16.19 -24.86
CA ALA C 66 35.04 16.26 -26.09
C ALA C 66 36.06 17.39 -26.05
N PHE C 67 35.80 18.42 -25.26
CA PHE C 67 36.73 19.53 -25.07
C PHE C 67 37.62 19.21 -23.87
N THR C 68 38.56 18.30 -24.09
CA THR C 68 39.49 17.84 -23.06
C THR C 68 40.80 17.44 -23.75
N LYS C 69 41.91 17.98 -23.26
CA LYS C 69 43.22 17.55 -23.75
C LYS C 69 43.52 16.17 -23.18
N TYR C 70 43.60 15.17 -24.05
CA TYR C 70 43.76 13.78 -23.63
C TYR C 70 45.11 13.24 -24.06
N PRO C 71 45.99 12.86 -23.11
CA PRO C 71 47.24 12.17 -23.49
C PRO C 71 46.95 10.94 -24.32
N GLU C 72 47.85 10.64 -25.27
CA GLU C 72 47.57 9.59 -26.23
C GLU C 72 47.64 8.19 -25.65
N ASP C 73 48.19 8.03 -24.44
CA ASP C 73 48.17 6.74 -23.76
C ASP C 73 46.94 6.56 -22.87
N ILE C 74 46.01 7.50 -22.91
CA ILE C 74 44.69 7.36 -22.27
C ILE C 74 43.66 7.44 -23.40
N PRO C 75 42.87 6.40 -23.63
CA PRO C 75 41.87 6.46 -24.70
C PRO C 75 40.85 7.56 -24.44
N ASP C 76 40.58 8.35 -25.48
CA ASP C 76 39.59 9.43 -25.41
C ASP C 76 38.21 8.81 -25.60
N TYR C 77 37.48 8.61 -24.49
CA TYR C 77 36.15 8.03 -24.58
C TYR C 77 35.22 8.88 -25.43
N PHE C 78 35.39 10.20 -25.38
CA PHE C 78 34.41 11.12 -25.96
C PHE C 78 34.69 11.44 -27.42
N LYS C 79 35.94 11.71 -27.77
CA LYS C 79 36.27 11.92 -29.19
C LYS C 79 36.04 10.67 -30.01
N GLN C 80 36.16 9.48 -29.39
CA GLN C 80 35.94 8.23 -30.11
C GLN C 80 34.47 8.05 -30.48
N ALA C 81 33.55 8.61 -29.68
CA ALA C 81 32.13 8.36 -29.84
C ALA C 81 31.51 9.14 -30.98
N PHE C 82 32.28 9.92 -31.71
CA PHE C 82 31.74 10.71 -32.80
C PHE C 82 32.07 10.07 -34.14
N PRO C 83 31.32 10.38 -35.20
CA PRO C 83 30.25 11.38 -35.35
C PRO C 83 28.90 11.00 -34.76
N GLU C 84 28.77 9.79 -34.21
CA GLU C 84 27.51 9.36 -33.64
C GLU C 84 27.13 10.21 -32.44
N GLY C 85 28.05 10.34 -31.48
CA GLY C 85 27.85 11.18 -30.32
C GLY C 85 27.71 10.36 -29.05
N TYR C 86 27.45 11.08 -27.96
CA TYR C 86 27.21 10.45 -26.66
C TYR C 86 26.14 11.24 -25.93
N SER C 87 25.78 10.75 -24.74
CA SER C 87 24.82 11.41 -23.86
C SER C 87 25.40 11.37 -22.45
N TRP C 88 24.96 12.30 -21.60
CA TRP C 88 25.33 12.20 -20.20
C TRP C 88 24.14 12.54 -19.32
N GLU C 89 24.07 11.86 -18.19
CA GLU C 89 23.12 12.11 -17.11
C GLU C 89 23.92 12.43 -15.86
N ARG C 90 23.48 13.44 -15.11
CA ARG C 90 24.29 13.94 -14.01
C ARG C 90 23.39 14.33 -12.84
N SER C 91 23.81 13.96 -11.64
CA SER C 91 23.17 14.41 -10.42
C SER C 91 24.12 15.34 -9.68
N MET C 92 23.56 16.38 -9.07
CA MET C 92 24.34 17.34 -8.30
C MET C 92 23.65 17.53 -6.96
N THR C 93 24.32 17.11 -5.87
CA THR C 93 23.74 17.15 -4.53
C THR C 93 24.51 18.16 -3.70
N TYR C 94 23.83 19.22 -3.29
CA TYR C 94 24.45 20.27 -2.50
C TYR C 94 24.31 19.98 -1.01
N GLU C 95 25.30 20.47 -0.24
CA GLU C 95 25.20 20.41 1.21
C GLU C 95 23.93 21.07 1.73
N ASP C 96 23.28 21.87 0.88
CA ASP C 96 22.06 22.60 1.20
C ASP C 96 20.82 21.72 1.24
N GLN C 97 20.90 20.52 0.66
CA GLN C 97 19.81 19.60 0.33
C GLN C 97 19.07 20.03 -0.94
N GLY C 98 19.43 21.16 -1.53
CA GLY C 98 19.03 21.39 -2.91
C GLY C 98 19.69 20.37 -3.82
N ILE C 99 18.94 19.91 -4.82
CA ILE C 99 19.41 18.85 -5.70
C ILE C 99 19.08 19.23 -7.14
N CYS C 100 20.01 18.97 -8.04
CA CYS C 100 19.80 19.20 -9.46
C CYS C 100 20.03 17.90 -10.23
N ILE C 101 19.23 17.70 -11.28
CA ILE C 101 19.40 16.60 -12.21
C ILE C 101 19.48 17.20 -13.61
N ALA C 102 20.50 16.82 -14.37
CA ALA C 102 20.68 17.36 -15.70
C ALA C 102 21.04 16.25 -16.67
N THR C 103 20.54 16.38 -17.89
CA THR C 103 20.86 15.47 -18.99
C THR C 103 21.24 16.28 -20.22
N SER C 104 21.97 15.65 -21.12
CA SER C 104 22.40 16.29 -22.35
C SER C 104 22.58 15.25 -23.43
N ASP C 105 21.98 15.50 -24.59
CA ASP C 105 22.19 14.67 -25.78
C ASP C 105 23.06 15.48 -26.74
N ILE C 106 24.24 14.95 -27.06
CA ILE C 106 25.25 15.68 -27.81
C ILE C 106 25.50 14.95 -29.12
N THR C 107 25.55 15.70 -30.21
CA THR C 107 25.78 15.16 -31.54
C THR C 107 26.68 16.10 -32.33
N MET C 108 26.99 15.71 -33.56
CA MET C 108 27.94 16.43 -34.40
C MET C 108 27.36 16.59 -35.81
N GLU C 109 27.67 17.71 -36.43
CA GLU C 109 27.27 17.95 -37.82
C GLU C 109 28.28 18.90 -38.45
N GLY C 110 29.03 18.40 -39.42
CA GLY C 110 30.07 19.20 -40.01
C GLY C 110 31.16 19.47 -38.99
N ASP C 111 31.40 20.75 -38.72
CA ASP C 111 32.40 21.19 -37.76
C ASP C 111 31.77 21.75 -36.49
N CYS C 112 30.57 21.27 -36.14
CA CYS C 112 29.77 21.90 -35.11
C CYS C 112 29.05 20.85 -34.27
N PHE C 113 29.26 20.92 -32.96
CA PHE C 113 28.49 20.10 -32.02
C PHE C 113 27.10 20.71 -31.80
N PHE C 114 26.16 19.85 -31.39
CA PHE C 114 24.81 20.25 -31.04
C PHE C 114 24.44 19.61 -29.71
N TYR C 115 23.95 20.41 -28.76
CA TYR C 115 23.48 19.89 -27.47
C TYR C 115 21.98 20.13 -27.30
N GLU C 116 21.32 19.17 -26.69
CA GLU C 116 19.97 19.34 -26.14
C GLU C 116 20.05 19.03 -24.65
N ILE C 117 19.80 20.03 -23.82
CA ILE C 117 20.09 19.97 -22.38
C ILE C 117 18.79 20.12 -21.60
N ARG C 118 18.59 19.21 -20.65
CA ARG C 118 17.52 19.34 -19.67
C ARG C 118 18.15 19.59 -18.31
N PHE C 119 17.62 20.56 -17.56
CA PHE C 119 18.15 20.89 -16.24
C PHE C 119 17.00 21.07 -15.28
N ASP C 120 17.00 20.34 -14.18
CA ASP C 120 15.95 20.47 -13.18
C ASP C 120 16.58 20.53 -11.80
N GLY C 121 16.16 21.51 -11.03
CA GLY C 121 16.67 21.68 -9.68
C GLY C 121 15.52 22.04 -8.75
N THR C 122 15.64 21.61 -7.50
CA THR C 122 14.51 21.68 -6.59
C THR C 122 15.00 21.75 -5.15
N ASN C 123 14.10 22.22 -4.28
CA ASN C 123 14.32 22.24 -2.83
C ASN C 123 15.50 23.11 -2.42
N PHE C 124 15.76 24.16 -3.16
CA PHE C 124 16.77 25.12 -2.71
C PHE C 124 16.14 26.05 -1.67
N PRO C 125 16.79 26.26 -0.53
CA PRO C 125 16.21 27.10 0.54
C PRO C 125 16.08 28.54 0.10
N PRO C 126 15.00 29.23 0.49
CA PRO C 126 14.78 30.60 0.01
C PRO C 126 15.86 31.58 0.40
N ASN C 127 16.55 31.36 1.52
CA ASN C 127 17.61 32.26 1.97
C ASN C 127 19.00 31.66 1.83
N GLY C 128 19.13 30.60 1.02
CA GLY C 128 20.43 30.02 0.73
C GLY C 128 21.16 30.78 -0.35
N PRO C 129 22.41 30.40 -0.56
CA PRO C 129 23.25 31.15 -1.53
C PRO C 129 22.77 31.05 -2.97
N VAL C 130 22.02 30.02 -3.34
CA VAL C 130 21.57 29.90 -4.72
C VAL C 130 20.42 30.86 -5.00
N MET C 131 19.38 30.83 -4.18
CA MET C 131 18.23 31.70 -4.40
C MET C 131 18.52 33.15 -4.04
N GLN C 132 19.60 33.42 -3.30
CA GLN C 132 19.98 34.78 -2.96
C GLN C 132 21.10 35.32 -3.83
N LYS C 133 21.57 34.53 -4.82
CA LYS C 133 22.59 34.95 -5.77
C LYS C 133 23.86 35.42 -5.07
N LYS C 134 24.41 34.56 -4.21
CA LYS C 134 25.58 34.90 -3.41
C LYS C 134 26.81 34.09 -3.80
N THR C 135 26.77 33.38 -4.93
CA THR C 135 27.92 32.63 -5.40
C THR C 135 28.76 33.49 -6.34
N LEU C 136 30.07 33.27 -6.31
CA LEU C 136 31.01 34.01 -7.14
C LEU C 136 31.55 33.18 -8.29
N LYS C 137 32.16 32.02 -7.99
CA LYS C 137 32.76 31.19 -9.02
C LYS C 137 32.89 29.77 -8.49
N TRP C 138 33.18 28.85 -9.41
CA TRP C 138 33.46 27.46 -9.05
C TRP C 138 34.96 27.30 -8.82
N GLU C 139 35.32 26.65 -7.71
CA GLU C 139 36.70 26.28 -7.51
C GLU C 139 37.13 25.29 -8.59
N PRO C 140 38.37 25.37 -9.08
CA PRO C 140 38.88 24.31 -9.96
C PRO C 140 38.78 22.95 -9.25
N SER C 141 38.61 21.91 -10.06
CA SER C 141 38.23 20.61 -9.53
C SER C 141 38.97 19.51 -10.25
N THR C 142 38.86 18.29 -9.72
CA THR C 142 39.44 17.11 -10.34
C THR C 142 38.41 16.00 -10.32
N GLU C 143 37.97 15.59 -11.51
CA GLU C 143 36.93 14.59 -11.66
C GLU C 143 37.59 13.24 -11.94
N LYS C 144 37.32 12.27 -11.08
CA LYS C 144 37.85 10.92 -11.24
C LYS C 144 36.95 10.13 -12.20
N MET C 145 37.54 9.56 -13.23
CA MET C 145 36.82 8.79 -14.24
C MET C 145 37.09 7.30 -14.04
N TYR C 146 36.08 6.48 -14.30
CA TYR C 146 36.23 5.04 -14.17
C TYR C 146 35.09 4.35 -14.90
N VAL C 147 35.39 3.17 -15.45
CA VAL C 147 34.42 2.39 -16.21
C VAL C 147 33.59 1.55 -15.26
N GLU C 148 32.27 1.53 -15.51
CA GLU C 148 31.34 0.77 -14.68
C GLU C 148 30.13 0.43 -15.55
N ASP C 149 29.72 -0.83 -15.51
CA ASP C 149 28.61 -1.33 -16.33
C ASP C 149 28.84 -1.05 -17.82
N GLY C 150 30.10 -1.04 -18.24
CA GLY C 150 30.42 -0.85 -19.64
C GLY C 150 30.34 0.58 -20.14
N VAL C 151 30.08 1.54 -19.26
CA VAL C 151 30.04 2.95 -19.63
C VAL C 151 31.00 3.69 -18.72
N LEU C 152 31.27 4.95 -19.07
CA LEU C 152 32.21 5.77 -18.32
C LEU C 152 31.49 6.56 -17.24
N LYS C 153 32.12 6.67 -16.07
CA LYS C 153 31.55 7.37 -14.94
C LYS C 153 32.51 8.45 -14.45
N GLY C 154 31.96 9.45 -13.79
CA GLY C 154 32.77 10.51 -13.21
C GLY C 154 32.15 11.14 -11.98
N ASP C 155 32.86 11.09 -10.86
CA ASP C 155 32.47 11.78 -9.64
C ASP C 155 33.48 12.89 -9.36
N VAL C 156 33.01 14.04 -8.91
CA VAL C 156 33.91 15.13 -8.55
C VAL C 156 33.28 15.93 -7.43
N GLU C 157 34.06 16.19 -6.39
CA GLU C 157 33.63 17.09 -5.32
C GLU C 157 33.79 18.52 -5.82
N MET C 158 32.69 19.24 -5.90
CA MET C 158 32.68 20.60 -6.38
C MET C 158 32.46 21.56 -5.22
N ALA C 159 32.80 22.83 -5.46
CA ALA C 159 32.68 23.85 -4.43
C ALA C 159 32.47 25.20 -5.08
N LEU C 160 31.51 25.96 -4.57
CA LEU C 160 31.23 27.32 -5.01
C LEU C 160 31.68 28.30 -3.93
N LEU C 161 32.47 29.29 -4.30
CA LEU C 161 32.89 30.32 -3.36
C LEU C 161 31.83 31.40 -3.23
N LEU C 162 31.59 31.84 -2.00
CA LEU C 162 30.49 32.72 -1.68
C LEU C 162 30.98 34.13 -1.35
N GLU C 163 30.05 35.07 -1.39
CA GLU C 163 30.31 36.42 -0.89
C GLU C 163 30.74 36.37 0.57
N GLY C 164 31.71 37.21 0.93
CA GLY C 164 32.23 37.20 2.28
C GLY C 164 32.96 35.94 2.68
N GLY C 165 33.34 35.10 1.72
CA GLY C 165 34.07 33.89 2.00
C GLY C 165 33.15 32.71 2.27
N GLY C 166 33.72 31.52 2.18
CA GLY C 166 32.99 30.31 2.48
C GLY C 166 32.73 29.49 1.23
N HIS C 167 32.81 28.17 1.38
CA HIS C 167 32.45 27.26 0.31
C HIS C 167 30.98 26.86 0.43
N TYR C 168 30.38 26.56 -0.72
CA TYR C 168 29.06 25.95 -0.82
C TYR C 168 29.27 24.68 -1.63
N ARG C 169 29.33 23.54 -0.94
CA ARG C 169 29.85 22.32 -1.54
C ARG C 169 28.76 21.54 -2.26
N CYS C 170 29.17 20.77 -3.27
CA CYS C 170 28.27 19.92 -4.03
C CYS C 170 29.04 18.70 -4.52
N ASP C 171 28.33 17.58 -4.63
CA ASP C 171 28.90 16.32 -5.10
C ASP C 171 28.28 15.97 -6.43
N PHE C 172 29.10 15.91 -7.47
CA PHE C 172 28.66 15.55 -8.81
C PHE C 172 28.85 14.06 -9.05
N LYS C 173 27.89 13.46 -9.75
CA LYS C 173 28.00 12.10 -10.25
C LYS C 173 27.46 12.10 -11.67
N THR C 174 28.26 11.64 -12.63
CA THR C 174 27.88 11.69 -14.04
C THR C 174 28.05 10.31 -14.67
N THR C 175 27.11 9.94 -15.52
CA THR C 175 27.20 8.76 -16.37
C THR C 175 27.33 9.22 -17.82
N TYR C 176 28.40 8.79 -18.49
CA TYR C 176 28.65 9.13 -19.89
C TYR C 176 28.44 7.87 -20.73
N LYS C 177 27.53 7.95 -21.69
CA LYS C 177 27.16 6.82 -22.54
C LYS C 177 27.44 7.15 -24.00
N ALA C 178 28.48 6.54 -24.56
CA ALA C 178 28.71 6.63 -25.99
C ALA C 178 27.60 5.90 -26.75
N LYS C 179 27.26 6.41 -27.93
CA LYS C 179 26.24 5.79 -28.76
C LYS C 179 26.81 4.72 -29.69
N LYS C 180 28.07 4.35 -29.51
CA LYS C 180 28.70 3.27 -30.25
C LYS C 180 29.75 2.64 -29.36
N ASP C 181 30.22 1.46 -29.75
CA ASP C 181 31.32 0.83 -29.04
C ASP C 181 32.62 1.60 -29.27
N VAL C 182 33.37 1.85 -28.20
CA VAL C 182 34.66 2.53 -28.28
C VAL C 182 35.63 1.86 -27.33
N ARG C 183 36.93 2.06 -27.60
CA ARG C 183 37.98 1.58 -26.71
C ARG C 183 37.86 2.26 -25.35
N LEU C 184 37.56 1.47 -24.31
CA LEU C 184 37.35 2.06 -23.01
C LEU C 184 38.69 2.35 -22.33
N PRO C 185 38.81 3.49 -21.65
CA PRO C 185 40.05 3.80 -20.93
C PRO C 185 40.05 3.18 -19.53
N ASP C 186 41.27 3.03 -19.01
CA ASP C 186 41.41 2.72 -17.60
C ASP C 186 41.02 3.94 -16.78
N ALA C 187 41.02 3.78 -15.46
CA ALA C 187 40.68 4.89 -14.58
C ALA C 187 41.68 6.03 -14.74
N HIS C 188 41.18 7.26 -14.63
CA HIS C 188 42.01 8.45 -14.77
C HIS C 188 41.25 9.63 -14.17
N GLU C 189 41.86 10.81 -14.24
CA GLU C 189 41.27 12.02 -13.68
C GLU C 189 41.27 13.13 -14.74
N VAL C 190 40.41 14.12 -14.51
CA VAL C 190 40.29 15.27 -15.40
C VAL C 190 40.20 16.53 -14.55
N ASP C 191 41.15 17.45 -14.73
CA ASP C 191 41.14 18.73 -14.04
C ASP C 191 40.32 19.74 -14.83
N HIS C 192 39.47 20.50 -14.12
CA HIS C 192 38.61 21.50 -14.73
C HIS C 192 38.86 22.86 -14.13
N ARG C 193 38.68 23.89 -14.95
CA ARG C 193 38.51 25.27 -14.48
C ARG C 193 37.46 25.93 -15.36
N ILE C 194 36.33 26.32 -14.75
CA ILE C 194 35.23 26.94 -15.47
C ILE C 194 35.03 28.34 -14.92
N GLU C 195 34.85 29.30 -15.82
CA GLU C 195 34.83 30.72 -15.46
C GLU C 195 33.77 31.44 -16.27
N ILE C 196 33.06 32.36 -15.61
CA ILE C 196 32.25 33.35 -16.33
C ILE C 196 33.13 34.56 -16.61
N LEU C 197 33.38 34.82 -17.89
CA LEU C 197 34.28 35.91 -18.27
C LEU C 197 33.57 37.26 -18.26
N SER C 198 32.27 37.29 -18.52
CA SER C 198 31.51 38.54 -18.55
C SER C 198 30.04 38.20 -18.52
N HIS C 199 29.22 39.21 -18.22
CA HIS C 199 27.78 39.05 -18.09
C HIS C 199 27.16 40.43 -17.90
N ASP C 200 25.90 40.56 -18.34
CA ASP C 200 25.15 41.77 -18.06
C ASP C 200 24.51 41.64 -16.67
N LYS C 201 23.62 42.58 -16.32
CA LYS C 201 23.21 42.72 -14.93
C LYS C 201 22.45 41.48 -14.45
N ASP C 202 21.47 41.02 -15.22
CA ASP C 202 20.62 39.90 -14.81
C ASP C 202 21.05 38.59 -15.47
N TYR C 203 22.29 38.51 -15.95
CA TYR C 203 22.84 37.30 -16.56
C TYR C 203 21.99 36.82 -17.75
N ASN C 204 21.32 37.77 -18.42
CA ASN C 204 20.64 37.44 -19.66
C ASN C 204 21.63 37.14 -20.78
N LYS C 205 22.84 37.66 -20.68
CA LYS C 205 23.94 37.32 -21.59
C LYS C 205 25.14 36.93 -20.73
N VAL C 206 25.70 35.74 -20.98
CA VAL C 206 26.85 35.26 -20.24
C VAL C 206 27.88 34.71 -21.21
N ARG C 207 29.15 34.99 -20.94
CA ARG C 207 30.26 34.36 -21.65
C ARG C 207 30.93 33.37 -20.71
N LEU C 208 30.97 32.11 -21.13
CA LEU C 208 31.44 31.01 -20.29
C LEU C 208 32.65 30.34 -20.94
N TYR C 209 33.64 30.00 -20.13
CA TYR C 209 34.89 29.43 -20.60
C TYR C 209 35.27 28.26 -19.72
N GLU C 210 35.80 27.20 -20.33
CA GLU C 210 36.29 26.04 -19.58
C GLU C 210 37.62 25.57 -20.16
N HIS C 211 38.46 25.01 -19.28
CA HIS C 211 39.71 24.37 -19.63
C HIS C 211 39.76 23.03 -18.90
N ALA C 212 40.18 21.98 -19.60
CA ALA C 212 40.09 20.64 -19.02
C ALA C 212 41.13 19.71 -19.63
N GLU C 213 41.83 18.97 -18.78
CA GLU C 213 42.88 18.05 -19.18
C GLU C 213 42.78 16.76 -18.39
N ALA C 214 43.20 15.66 -19.01
CA ALA C 214 43.20 14.36 -18.37
C ALA C 214 44.61 13.96 -17.96
N ARG C 215 44.72 13.35 -16.77
CA ARG C 215 45.96 12.76 -16.29
C ARG C 215 45.65 11.43 -15.64
N TYR C 216 46.70 10.61 -15.47
CA TYR C 216 46.58 9.38 -14.70
C TYR C 216 46.75 9.61 -13.21
N SER C 217 47.61 10.56 -12.83
CA SER C 217 47.91 10.97 -11.46
C SER C 217 47.42 10.03 -10.35
N SER D 3 20.10 -28.89 45.98
CA SER D 3 19.16 -27.78 45.80
C SER D 3 17.94 -27.91 46.71
N VAL D 4 17.20 -26.81 46.84
CA VAL D 4 16.02 -26.79 47.70
C VAL D 4 14.92 -27.70 47.16
N ILE D 5 14.91 -27.93 45.85
CA ILE D 5 13.90 -28.77 45.21
C ILE D 5 14.47 -30.19 45.09
N LYS D 6 13.97 -31.09 45.93
CA LYS D 6 14.44 -32.46 45.98
C LYS D 6 13.77 -33.31 44.89
N PRO D 7 14.39 -34.42 44.48
CA PRO D 7 13.86 -35.16 43.33
C PRO D 7 12.46 -35.71 43.54
N GLU D 8 12.04 -35.90 44.78
CA GLU D 8 10.67 -36.23 45.13
C GLU D 8 10.13 -35.16 46.04
N MET D 9 8.99 -34.56 45.67
CA MET D 9 8.38 -33.50 46.45
C MET D 9 6.92 -33.83 46.72
N LYS D 10 6.46 -33.47 47.92
CA LYS D 10 5.10 -33.69 48.35
C LYS D 10 4.24 -32.46 48.05
N ILE D 11 2.91 -32.64 48.08
CA ILE D 11 1.98 -31.58 47.72
C ILE D 11 0.85 -31.54 48.74
N LYS D 12 0.58 -30.35 49.28
CA LYS D 12 -0.62 -30.05 50.05
C LYS D 12 -1.34 -28.87 49.39
N LEU D 13 -2.65 -28.95 49.25
CA LEU D 13 -3.37 -27.89 48.56
C LEU D 13 -4.81 -27.80 49.04
N ARG D 14 -5.32 -26.57 49.10
CA ARG D 14 -6.73 -26.29 49.33
C ARG D 14 -7.20 -25.33 48.25
N MET D 15 -8.43 -25.54 47.78
CA MET D 15 -9.06 -24.67 46.79
C MET D 15 -10.44 -24.28 47.27
N GLU D 16 -10.74 -22.98 47.22
CA GLU D 16 -12.10 -22.49 47.42
C GLU D 16 -12.54 -21.76 46.17
N GLY D 17 -13.84 -21.78 45.90
CA GLY D 17 -14.32 -21.11 44.71
C GLY D 17 -15.79 -21.30 44.48
N ALA D 18 -16.20 -20.96 43.26
CA ALA D 18 -17.60 -21.06 42.86
C ALA D 18 -17.69 -21.04 41.34
N VAL D 19 -18.56 -21.89 40.79
CA VAL D 19 -18.83 -21.95 39.36
C VAL D 19 -20.34 -21.76 39.18
N ASN D 20 -20.72 -20.77 38.37
CA ASN D 20 -22.12 -20.39 38.18
C ASN D 20 -22.84 -20.29 39.52
N GLY D 21 -22.20 -19.59 40.46
CA GLY D 21 -22.80 -19.35 41.76
C GLY D 21 -22.56 -20.44 42.79
N HIS D 22 -22.57 -21.71 42.36
CA HIS D 22 -22.42 -22.82 43.28
C HIS D 22 -21.01 -22.87 43.85
N LYS D 23 -20.90 -22.76 45.17
CA LYS D 23 -19.62 -22.71 45.87
C LYS D 23 -19.15 -24.12 46.23
N PHE D 24 -17.83 -24.26 46.38
CA PHE D 24 -17.23 -25.56 46.67
C PHE D 24 -15.85 -25.36 47.28
N VAL D 25 -15.41 -26.37 48.02
CA VAL D 25 -14.07 -26.40 48.60
C VAL D 25 -13.48 -27.80 48.36
N ILE D 26 -12.23 -27.84 47.89
CA ILE D 26 -11.57 -29.09 47.51
C ILE D 26 -10.17 -29.11 48.08
N GLU D 27 -9.82 -30.17 48.80
CA GLU D 27 -8.47 -30.36 49.32
C GLU D 27 -7.78 -31.48 48.56
N GLY D 28 -6.46 -31.40 48.49
CA GLY D 28 -5.69 -32.37 47.73
C GLY D 28 -4.37 -32.70 48.40
N GLU D 29 -3.88 -33.91 48.11
CA GLU D 29 -2.57 -34.36 48.55
C GLU D 29 -1.97 -35.22 47.45
N GLY D 30 -0.65 -35.20 47.35
CA GLY D 30 0.01 -36.00 46.33
C GLY D 30 1.51 -35.88 46.42
N ILE D 31 2.18 -36.59 45.51
CA ILE D 31 3.63 -36.58 45.41
C ILE D 31 3.99 -36.39 43.94
N GLY D 32 5.04 -35.62 43.69
CA GLY D 32 5.52 -35.42 42.34
C GLY D 32 7.02 -35.53 42.26
N LYS D 33 7.51 -35.69 41.03
CA LYS D 33 8.94 -35.77 40.73
C LYS D 33 9.33 -34.56 39.89
N PRO D 34 9.75 -33.45 40.53
CA PRO D 34 9.85 -32.17 39.80
C PRO D 34 10.80 -32.19 38.61
N TYR D 35 11.92 -32.91 38.71
CA TYR D 35 12.89 -32.87 37.62
C TYR D 35 12.48 -33.76 36.46
N GLU D 36 11.68 -34.81 36.73
CA GLU D 36 11.14 -35.63 35.66
C GLU D 36 9.88 -35.02 35.04
N GLY D 37 9.25 -34.07 35.71
CA GLY D 37 8.08 -33.41 35.16
C GLY D 37 6.78 -34.15 35.33
N THR D 38 6.61 -34.88 36.44
CA THR D 38 5.44 -35.71 36.65
C THR D 38 4.95 -35.54 38.08
N GLN D 39 3.64 -35.70 38.26
CA GLN D 39 3.03 -35.60 39.58
C GLN D 39 1.69 -36.32 39.57
N THR D 40 1.25 -36.74 40.76
CA THR D 40 -0.04 -37.38 40.95
C THR D 40 -0.70 -36.78 42.18
N LEU D 41 -1.96 -36.36 42.03
CA LEU D 41 -2.68 -35.73 43.11
C LEU D 41 -3.96 -36.49 43.44
N ASP D 42 -4.33 -36.47 44.73
CA ASP D 42 -5.56 -37.09 45.21
C ASP D 42 -6.41 -36.01 45.85
N LEU D 43 -7.54 -35.72 45.21
CA LEU D 43 -8.39 -34.59 45.58
C LEU D 43 -9.69 -35.10 46.16
N THR D 44 -10.21 -34.40 47.18
CA THR D 44 -11.48 -34.74 47.80
C THR D 44 -12.34 -33.49 47.91
N VAL D 45 -13.59 -33.59 47.47
CA VAL D 45 -14.55 -32.51 47.62
C VAL D 45 -15.03 -32.49 49.07
N GLU D 46 -14.79 -31.37 49.76
CA GLU D 46 -15.22 -31.23 51.14
C GLU D 46 -16.49 -30.39 51.30
N GLU D 47 -16.66 -29.35 50.50
CA GLU D 47 -17.89 -28.56 50.49
C GLU D 47 -18.43 -28.50 49.07
N GLY D 48 -19.76 -28.55 48.96
CA GLY D 48 -20.43 -28.43 47.67
C GLY D 48 -20.66 -29.72 46.93
N ALA D 49 -20.60 -30.86 47.61
CA ALA D 49 -20.83 -32.12 46.93
C ALA D 49 -22.32 -32.35 46.70
N PRO D 50 -22.71 -32.82 45.50
CA PRO D 50 -21.83 -33.07 44.36
C PRO D 50 -21.72 -31.87 43.42
N LEU D 51 -20.56 -31.71 42.79
CA LEU D 51 -20.41 -30.63 41.82
C LEU D 51 -21.32 -30.88 40.63
N PRO D 52 -22.01 -29.84 40.14
CA PRO D 52 -22.85 -29.98 38.95
C PRO D 52 -22.20 -29.57 37.63
N PHE D 53 -20.90 -29.27 37.64
CA PHE D 53 -20.18 -28.88 36.43
C PHE D 53 -19.07 -29.90 36.16
N SER D 54 -18.59 -29.88 34.92
CA SER D 54 -17.46 -30.73 34.56
C SER D 54 -16.28 -30.50 35.49
N TYR D 55 -15.73 -31.60 36.03
CA TYR D 55 -14.55 -31.51 36.88
C TYR D 55 -13.33 -31.06 36.10
N ASP D 56 -13.34 -31.23 34.77
CA ASP D 56 -12.15 -30.94 33.97
C ASP D 56 -11.78 -29.47 33.99
N ILE D 57 -12.75 -28.57 34.18
CA ILE D 57 -12.43 -27.15 34.22
C ILE D 57 -11.63 -26.77 35.46
N LEU D 58 -11.48 -27.69 36.40
CA LEU D 58 -10.73 -27.43 37.62
C LEU D 58 -9.30 -27.92 37.54
N THR D 59 -9.02 -28.95 36.74
CA THR D 59 -7.79 -29.71 36.89
C THR D 59 -6.52 -28.90 36.56
N PRO D 60 -6.49 -28.04 35.53
CA PRO D 60 -5.26 -27.26 35.32
C PRO D 60 -4.99 -26.26 36.44
N ALA D 61 -5.97 -25.96 37.28
CA ALA D 61 -5.68 -25.17 38.48
C ALA D 61 -5.02 -26.00 39.56
N PHE D 62 -5.11 -27.33 39.47
CA PHE D 62 -4.56 -28.22 40.48
C PHE D 62 -3.11 -28.57 40.16
N ASN D 64 1.13 -26.08 38.89
CA ASN D 64 2.46 -25.82 39.43
C ASN D 64 3.52 -26.23 38.42
N ARG D 65 4.18 -25.24 37.82
CA ARG D 65 5.20 -25.52 36.82
C ARG D 65 6.56 -25.84 37.42
N ALA D 66 6.66 -25.88 38.76
CA ALA D 66 7.84 -26.49 39.36
C ALA D 66 7.99 -27.94 38.91
N PHE D 67 6.86 -28.63 38.69
CA PHE D 67 6.86 -29.98 38.15
C PHE D 67 6.97 -29.95 36.62
N THR D 68 8.10 -29.39 36.15
CA THR D 68 8.40 -29.32 34.73
C THR D 68 9.85 -29.71 34.50
N LYS D 69 10.06 -30.68 33.61
CA LYS D 69 11.41 -31.09 33.23
C LYS D 69 12.03 -30.03 32.34
N TYR D 70 12.99 -29.29 32.88
CA TYR D 70 13.62 -28.19 32.16
C TYR D 70 15.01 -28.61 31.69
N PRO D 71 15.32 -28.50 30.39
CA PRO D 71 16.69 -28.74 29.95
C PRO D 71 17.66 -27.78 30.63
N GLU D 72 18.95 -28.11 30.53
CA GLU D 72 19.96 -27.29 31.19
C GLU D 72 20.10 -25.91 30.55
N ASP D 73 19.85 -25.80 29.25
CA ASP D 73 20.05 -24.55 28.52
C ASP D 73 18.88 -23.58 28.63
N ILE D 74 17.86 -23.88 29.44
CA ILE D 74 16.74 -22.97 29.66
C ILE D 74 16.64 -22.69 31.16
N PRO D 75 16.70 -21.43 31.58
CA PRO D 75 16.56 -21.13 33.02
C PRO D 75 15.20 -21.55 33.54
N ASP D 76 15.22 -22.46 34.52
CA ASP D 76 14.00 -22.88 35.22
C ASP D 76 13.50 -21.69 36.03
N TYR D 77 12.50 -20.98 35.49
CA TYR D 77 11.95 -19.83 36.20
C TYR D 77 11.32 -20.22 37.53
N PHE D 78 10.74 -21.42 37.60
CA PHE D 78 9.92 -21.81 38.73
C PHE D 78 10.71 -22.46 39.86
N LYS D 79 11.64 -23.35 39.53
CA LYS D 79 12.48 -23.94 40.56
C LYS D 79 13.42 -22.90 41.19
N GLN D 80 13.85 -21.91 40.40
CA GLN D 80 14.70 -20.85 40.93
C GLN D 80 14.02 -20.08 42.05
N ALA D 81 12.68 -19.99 42.00
CA ALA D 81 11.93 -19.12 42.89
C ALA D 81 11.75 -19.68 44.29
N PHE D 82 12.21 -20.88 44.55
CA PHE D 82 12.04 -21.46 45.87
C PHE D 82 13.32 -21.32 46.68
N PRO D 83 13.22 -21.34 48.02
CA PRO D 83 12.08 -21.68 48.88
C PRO D 83 11.03 -20.59 49.07
N GLU D 84 11.24 -19.41 48.52
CA GLU D 84 10.31 -18.31 48.76
C GLU D 84 8.96 -18.59 48.12
N GLY D 85 8.95 -19.09 46.89
CA GLY D 85 7.73 -19.47 46.20
C GLY D 85 7.40 -18.52 45.06
N TYR D 86 6.24 -18.77 44.46
CA TYR D 86 5.72 -17.91 43.40
C TYR D 86 4.20 -17.92 43.45
N SER D 87 3.60 -17.11 42.58
CA SER D 87 2.16 -17.00 42.45
C SER D 87 1.81 -17.01 40.97
N TRP D 88 0.55 -17.38 40.65
CA TRP D 88 0.09 -17.22 39.29
C TRP D 88 -1.37 -16.78 39.30
N GLU D 89 -1.76 -16.15 38.19
CA GLU D 89 -3.11 -15.66 37.96
C GLU D 89 -3.48 -15.99 36.52
N ARG D 90 -4.61 -16.67 36.32
CA ARG D 90 -4.92 -17.25 35.03
C ARG D 90 -6.32 -16.86 34.55
N SER D 91 -6.42 -16.57 33.26
CA SER D 91 -7.69 -16.33 32.58
C SER D 91 -8.01 -17.53 31.69
N MET D 92 -9.28 -17.92 31.65
CA MET D 92 -9.71 -19.04 30.82
C MET D 92 -11.01 -18.64 30.14
N THR D 93 -10.95 -18.41 28.82
CA THR D 93 -12.08 -17.97 28.01
C THR D 93 -12.53 -19.14 27.14
N TYR D 94 -13.71 -19.68 27.43
CA TYR D 94 -14.21 -20.79 26.63
C TYR D 94 -15.01 -20.28 25.44
N GLU D 95 -15.16 -21.14 24.42
CA GLU D 95 -15.75 -20.73 23.14
C GLU D 95 -17.21 -20.32 23.26
N ASP D 96 -17.94 -20.77 24.28
CA ASP D 96 -19.34 -20.38 24.46
C ASP D 96 -19.51 -19.31 25.54
N GLN D 97 -18.53 -18.42 25.67
CA GLN D 97 -18.50 -17.25 26.55
C GLN D 97 -18.50 -17.62 28.04
N GLY D 98 -18.40 -18.89 28.38
CA GLY D 98 -18.04 -19.23 29.75
C GLY D 98 -16.62 -18.75 30.05
N ILE D 99 -16.44 -18.23 31.26
CA ILE D 99 -15.19 -17.59 31.65
C ILE D 99 -14.87 -17.94 33.10
N CYS D 100 -13.60 -18.30 33.35
CA CYS D 100 -13.11 -18.55 34.71
C CYS D 100 -11.81 -17.81 34.97
N ILE D 101 -11.64 -17.46 36.24
CA ILE D 101 -10.45 -16.78 36.77
C ILE D 101 -9.92 -17.62 37.92
N ALA D 102 -8.62 -17.92 37.91
CA ALA D 102 -8.00 -18.67 38.99
C ALA D 102 -6.69 -18.03 39.42
N THR D 103 -6.43 -18.07 40.73
CA THR D 103 -5.15 -17.68 41.30
C THR D 103 -4.64 -18.77 42.23
N SER D 104 -3.33 -18.76 42.47
CA SER D 104 -2.71 -19.71 43.38
C SER D 104 -1.46 -19.09 44.01
N ASP D 105 -1.30 -19.32 45.32
CA ASP D 105 -0.11 -18.92 46.06
C ASP D 105 0.61 -20.17 46.51
N ILE D 106 1.82 -20.39 46.00
CA ILE D 106 2.56 -21.63 46.18
C ILE D 106 3.79 -21.34 47.03
N THR D 107 3.99 -22.14 48.08
CA THR D 107 5.15 -22.02 48.95
C THR D 107 5.71 -23.41 49.21
N MET D 108 6.71 -23.48 50.09
CA MET D 108 7.47 -24.69 50.33
C MET D 108 7.85 -24.78 51.79
N GLU D 109 7.90 -26.00 52.31
CA GLU D 109 8.37 -26.23 53.67
C GLU D 109 8.96 -27.64 53.72
N GLY D 110 10.28 -27.72 53.82
CA GLY D 110 10.95 -29.00 53.81
C GLY D 110 10.88 -29.66 52.45
N ASP D 111 10.22 -30.80 52.37
CA ASP D 111 10.12 -31.59 51.14
C ASP D 111 8.73 -31.53 50.53
N CYS D 112 8.02 -30.40 50.69
CA CYS D 112 6.59 -30.40 50.42
C CYS D 112 6.11 -29.02 50.00
N PHE D 113 5.40 -28.96 48.87
CA PHE D 113 4.77 -27.74 48.41
C PHE D 113 3.43 -27.51 49.11
N PHE D 114 3.04 -26.25 49.20
CA PHE D 114 1.73 -25.87 49.74
C PHE D 114 1.08 -24.90 48.75
N TYR D 115 -0.13 -25.23 48.29
CA TYR D 115 -0.88 -24.35 47.42
C TYR D 115 -2.08 -23.77 48.17
N GLU D 116 -2.45 -22.54 47.82
CA GLU D 116 -3.72 -21.95 48.23
C GLU D 116 -4.40 -21.42 46.97
N ILE D 117 -5.43 -22.12 46.52
CA ILE D 117 -6.01 -21.89 45.21
C ILE D 117 -7.36 -21.19 45.35
N ARG D 118 -7.65 -20.32 44.39
CA ARG D 118 -8.95 -19.67 44.28
C ARG D 118 -9.46 -19.85 42.85
N PHE D 119 -10.72 -20.24 42.71
CA PHE D 119 -11.29 -20.53 41.40
C PHE D 119 -12.67 -19.89 41.30
N ASP D 120 -12.94 -19.17 40.21
CA ASP D 120 -14.26 -18.59 40.01
C ASP D 120 -14.60 -18.65 38.53
N GLY D 121 -15.79 -19.15 38.22
CA GLY D 121 -16.25 -19.20 36.85
C GLY D 121 -17.71 -18.81 36.78
N THR D 122 -18.14 -18.39 35.59
CA THR D 122 -19.51 -17.89 35.45
C THR D 122 -19.92 -17.86 33.98
N ASN D 123 -21.22 -17.60 33.77
CA ASN D 123 -21.84 -17.48 32.46
C ASN D 123 -21.58 -18.70 31.59
N PHE D 124 -21.76 -19.88 32.20
CA PHE D 124 -21.71 -21.15 31.47
C PHE D 124 -23.11 -21.55 31.04
N PRO D 125 -23.32 -21.81 29.75
CA PRO D 125 -24.67 -22.16 29.26
C PRO D 125 -25.25 -23.35 30.00
N PRO D 126 -26.48 -23.22 30.52
CA PRO D 126 -27.05 -24.31 31.34
C PRO D 126 -27.15 -25.65 30.62
N ASN D 127 -27.31 -25.64 29.29
CA ASN D 127 -27.25 -26.85 28.49
C ASN D 127 -25.93 -26.99 27.76
N GLY D 128 -24.88 -26.33 28.24
CA GLY D 128 -23.56 -26.45 27.67
C GLY D 128 -22.82 -27.64 28.23
N PRO D 129 -21.73 -28.01 27.56
CA PRO D 129 -21.01 -29.23 27.95
C PRO D 129 -20.44 -29.20 29.36
N VAL D 130 -20.18 -28.02 29.92
CA VAL D 130 -19.67 -27.97 31.28
C VAL D 130 -20.76 -28.34 32.27
N MET D 131 -21.92 -27.67 32.18
CA MET D 131 -22.99 -27.93 33.13
C MET D 131 -23.72 -29.25 32.86
N GLN D 132 -23.57 -29.80 31.65
CA GLN D 132 -24.13 -31.10 31.31
C GLN D 132 -23.13 -32.24 31.48
N LYS D 133 -21.92 -31.95 31.95
CA LYS D 133 -20.88 -32.96 32.20
C LYS D 133 -20.67 -33.84 30.97
N LYS D 134 -20.25 -33.21 29.87
CA LYS D 134 -20.07 -33.90 28.60
C LYS D 134 -18.63 -33.89 28.11
N THR D 135 -17.68 -33.51 28.96
CA THR D 135 -16.27 -33.46 28.60
C THR D 135 -15.57 -34.75 29.03
N LEU D 136 -14.70 -35.25 28.16
CA LEU D 136 -13.95 -36.48 28.43
C LEU D 136 -12.58 -36.19 29.01
N LYS D 137 -11.74 -35.48 28.27
CA LYS D 137 -10.39 -35.16 28.73
C LYS D 137 -9.94 -33.85 28.12
N TRP D 138 -8.82 -33.34 28.60
CA TRP D 138 -8.13 -32.25 27.93
C TRP D 138 -7.21 -32.85 26.88
N GLU D 139 -7.27 -32.31 25.67
CA GLU D 139 -6.30 -32.67 24.65
C GLU D 139 -4.92 -32.19 25.07
N PRO D 140 -3.87 -32.93 24.74
CA PRO D 140 -2.51 -32.49 25.07
C PRO D 140 -2.18 -31.16 24.41
N SER D 141 -1.47 -30.31 25.14
CA SER D 141 -1.32 -28.90 24.79
C SER D 141 0.14 -28.47 24.82
N THR D 142 0.40 -27.32 24.19
CA THR D 142 1.73 -26.70 24.19
C THR D 142 1.57 -25.24 24.61
N GLU D 143 2.11 -24.91 25.78
CA GLU D 143 2.01 -23.56 26.33
C GLU D 143 3.23 -22.74 25.91
N LYS D 144 2.98 -21.57 25.30
CA LYS D 144 4.03 -20.67 24.87
C LYS D 144 4.41 -19.74 26.01
N MET D 145 5.66 -19.83 26.46
CA MET D 145 6.17 -19.00 27.55
C MET D 145 6.97 -17.83 26.98
N TYR D 146 6.86 -16.68 27.64
CA TYR D 146 7.59 -15.49 27.22
C TYR D 146 7.61 -14.51 28.38
N VAL D 147 8.66 -13.69 28.44
CA VAL D 147 8.86 -12.76 29.55
C VAL D 147 8.30 -11.40 29.16
N GLU D 148 7.62 -10.77 30.12
CA GLU D 148 6.93 -9.51 29.89
C GLU D 148 6.77 -8.81 31.22
N ASP D 149 7.12 -7.51 31.26
CA ASP D 149 7.01 -6.69 32.47
C ASP D 149 7.75 -7.32 33.64
N GLY D 150 8.90 -7.95 33.35
CA GLY D 150 9.73 -8.53 34.37
C GLY D 150 9.26 -9.85 34.94
N VAL D 151 8.12 -10.38 34.48
CA VAL D 151 7.58 -11.64 34.97
C VAL D 151 7.36 -12.58 33.78
N LEU D 152 7.02 -13.83 34.09
CA LEU D 152 6.83 -14.84 33.07
C LEU D 152 5.34 -15.00 32.75
N LYS D 153 5.05 -15.17 31.47
CA LYS D 153 3.67 -15.29 30.98
C LYS D 153 3.56 -16.52 30.07
N GLY D 154 2.37 -17.13 30.09
CA GLY D 154 2.11 -18.28 29.27
C GLY D 154 0.73 -18.28 28.63
N ASP D 155 0.68 -18.51 27.32
CA ASP D 155 -0.57 -18.61 26.57
C ASP D 155 -0.63 -20.01 25.97
N VAL D 156 -1.75 -20.70 26.16
CA VAL D 156 -1.92 -22.03 25.60
C VAL D 156 -3.33 -22.15 25.02
N GLU D 157 -3.44 -22.68 23.81
CA GLU D 157 -4.72 -23.03 23.23
C GLU D 157 -5.15 -24.39 23.79
N MET D 158 -6.22 -24.39 24.57
CA MET D 158 -6.74 -25.60 25.18
C MET D 158 -7.99 -26.05 24.44
N ALA D 159 -8.32 -27.33 24.61
CA ALA D 159 -9.46 -27.93 23.94
C ALA D 159 -9.91 -29.15 24.73
N LEU D 160 -11.18 -29.21 25.07
CA LEU D 160 -11.77 -30.34 25.77
C LEU D 160 -12.44 -31.26 24.74
N LEU D 161 -12.18 -32.57 24.87
CA LEU D 161 -12.81 -33.55 24.00
C LEU D 161 -14.22 -33.85 24.51
N LEU D 162 -15.19 -33.86 23.59
CA LEU D 162 -16.59 -34.02 23.94
C LEU D 162 -17.07 -35.43 23.66
N GLU D 163 -18.22 -35.77 24.27
CA GLU D 163 -18.69 -37.15 24.27
C GLU D 163 -18.95 -37.67 22.86
N GLY D 164 -19.38 -36.82 21.94
CA GLY D 164 -19.67 -37.28 20.60
C GLY D 164 -18.52 -37.05 19.63
N GLY D 165 -17.32 -36.89 20.16
CA GLY D 165 -16.24 -36.33 19.38
C GLY D 165 -16.38 -34.82 19.32
N GLY D 166 -15.46 -34.18 18.61
CA GLY D 166 -15.49 -32.73 18.52
C GLY D 166 -15.01 -32.06 19.79
N HIS D 167 -14.62 -30.79 19.70
CA HIS D 167 -13.88 -30.17 20.78
C HIS D 167 -14.54 -28.89 21.27
N TYR D 168 -14.41 -28.66 22.58
CA TYR D 168 -14.90 -27.47 23.26
C TYR D 168 -13.66 -26.65 23.64
N ARG D 169 -13.43 -25.56 22.92
CA ARG D 169 -12.15 -24.88 22.98
C ARG D 169 -12.12 -23.83 24.09
N CYS D 170 -10.91 -23.57 24.59
CA CYS D 170 -10.69 -22.57 25.62
C CYS D 170 -9.27 -22.04 25.48
N ASP D 171 -9.10 -20.75 25.77
CA ASP D 171 -7.82 -20.07 25.67
C ASP D 171 -7.36 -19.66 27.07
N PHE D 172 -6.20 -20.16 27.47
CA PHE D 172 -5.61 -19.80 28.76
C PHE D 172 -4.63 -18.66 28.57
N LYS D 173 -4.56 -17.78 29.57
CA LYS D 173 -3.54 -16.76 29.70
C LYS D 173 -3.10 -16.75 31.14
N THR D 174 -1.80 -16.93 31.39
CA THR D 174 -1.30 -17.02 32.75
C THR D 174 -0.17 -16.04 32.97
N THR D 175 -0.08 -15.53 34.19
CA THR D 175 0.99 -14.63 34.61
C THR D 175 1.66 -15.23 35.84
N TYR D 176 2.93 -15.63 35.69
CA TYR D 176 3.69 -16.27 36.77
C TYR D 176 4.61 -15.23 37.40
N LYS D 177 4.47 -15.00 38.69
CA LYS D 177 5.22 -13.98 39.42
CA LYS D 177 5.23 -13.98 39.41
C LYS D 177 6.07 -14.65 40.48
N ALA D 178 7.39 -14.69 40.26
CA ALA D 178 8.31 -15.19 41.28
C ALA D 178 8.44 -14.18 42.41
N LYS D 179 8.62 -14.69 43.63
CA LYS D 179 8.67 -13.82 44.81
C LYS D 179 10.06 -13.27 45.10
N LYS D 180 11.08 -13.66 44.32
CA LYS D 180 12.41 -13.07 44.43
C LYS D 180 12.98 -12.94 43.03
N ASP D 181 14.10 -12.23 42.92
CA ASP D 181 14.76 -12.08 41.63
C ASP D 181 15.35 -13.42 41.19
N VAL D 182 15.07 -13.81 39.94
CA VAL D 182 15.63 -15.03 39.37
C VAL D 182 16.02 -14.75 37.92
N ARG D 183 16.88 -15.62 37.39
CA ARG D 183 17.33 -15.48 36.01
C ARG D 183 16.19 -15.84 35.06
N LEU D 184 15.83 -14.90 34.18
CA LEU D 184 14.69 -15.06 33.29
C LEU D 184 15.10 -15.83 32.03
N PRO D 185 14.24 -16.72 31.55
CA PRO D 185 14.52 -17.44 30.30
C PRO D 185 14.08 -16.66 29.07
N ASP D 186 14.62 -17.07 27.94
CA ASP D 186 14.10 -16.61 26.65
C ASP D 186 12.77 -17.31 26.38
N ALA D 187 12.12 -16.93 25.28
CA ALA D 187 10.87 -17.56 24.91
C ALA D 187 11.08 -19.04 24.65
N HIS D 188 10.12 -19.85 25.08
CA HIS D 188 10.19 -21.30 24.96
C HIS D 188 8.80 -21.86 25.20
N GLU D 189 8.64 -23.15 24.88
CA GLU D 189 7.36 -23.83 25.00
C GLU D 189 7.41 -24.87 26.12
N VAL D 190 6.22 -25.28 26.57
CA VAL D 190 6.07 -26.31 27.60
C VAL D 190 4.93 -27.23 27.16
N ASP D 191 5.25 -28.49 26.89
CA ASP D 191 4.23 -29.46 26.48
C ASP D 191 3.54 -30.05 27.70
N HIS D 192 2.21 -30.26 27.58
CA HIS D 192 1.39 -30.72 28.68
C HIS D 192 0.58 -31.94 28.29
N ARG D 193 0.42 -32.87 29.24
CA ARG D 193 -0.61 -33.91 29.18
C ARG D 193 -1.16 -34.09 30.58
N ILE D 194 -2.45 -33.79 30.76
CA ILE D 194 -3.11 -33.93 32.04
C ILE D 194 -4.26 -34.92 31.89
N GLU D 195 -4.45 -35.77 32.90
CA GLU D 195 -5.33 -36.93 32.79
C GLU D 195 -5.95 -37.25 34.14
N ILE D 196 -7.24 -37.56 34.13
CA ILE D 196 -7.92 -38.08 35.32
C ILE D 196 -7.82 -39.60 35.28
N LEU D 197 -7.16 -40.17 36.29
CA LEU D 197 -6.90 -41.60 36.33
C LEU D 197 -8.02 -42.39 37.00
N SER D 198 -8.70 -41.82 37.99
CA SER D 198 -9.71 -42.53 38.76
C SER D 198 -10.65 -41.51 39.38
N HIS D 199 -11.87 -41.96 39.67
CA HIS D 199 -12.88 -41.10 40.28
C HIS D 199 -14.10 -41.94 40.62
N ASP D 200 -14.74 -41.60 41.73
CA ASP D 200 -16.07 -42.15 42.00
C ASP D 200 -17.09 -41.41 41.13
N LYS D 201 -18.35 -41.84 41.22
CA LYS D 201 -19.34 -41.45 40.22
C LYS D 201 -19.61 -39.95 40.24
N ASP D 202 -19.52 -39.31 41.41
CA ASP D 202 -19.76 -37.89 41.53
C ASP D 202 -18.48 -37.06 41.56
N TYR D 203 -17.34 -37.68 41.24
CA TYR D 203 -16.04 -37.01 41.26
C TYR D 203 -15.76 -36.36 42.62
N ASN D 204 -16.30 -36.96 43.69
CA ASN D 204 -15.98 -36.48 45.04
C ASN D 204 -14.58 -36.89 45.45
N LYS D 205 -13.99 -37.88 44.77
CA LYS D 205 -12.59 -38.25 44.93
C LYS D 205 -12.00 -38.38 43.53
N VAL D 206 -10.86 -37.73 43.29
CA VAL D 206 -10.24 -37.71 41.98
C VAL D 206 -8.74 -37.98 42.09
N ARG D 207 -8.22 -38.76 41.14
CA ARG D 207 -6.79 -39.02 41.00
C ARG D 207 -6.34 -38.31 39.73
N LEU D 208 -5.48 -37.30 39.88
CA LEU D 208 -5.10 -36.42 38.79
C LEU D 208 -3.59 -36.52 38.53
N TYR D 209 -3.22 -36.66 37.26
CA TYR D 209 -1.84 -36.83 36.83
C TYR D 209 -1.51 -35.82 35.74
N GLU D 210 -0.31 -35.25 35.81
CA GLU D 210 0.19 -34.35 34.78
C GLU D 210 1.62 -34.71 34.44
N HIS D 211 2.00 -34.44 33.19
CA HIS D 211 3.37 -34.62 32.70
C HIS D 211 3.72 -33.44 31.80
N ALA D 212 4.76 -32.70 32.16
CA ALA D 212 5.10 -31.48 31.44
C ALA D 212 6.61 -31.34 31.28
N GLU D 213 7.03 -30.99 30.06
CA GLU D 213 8.43 -30.86 29.71
C GLU D 213 8.61 -29.62 28.85
N ALA D 214 9.72 -28.90 29.06
CA ALA D 214 10.00 -27.69 28.31
C ALA D 214 10.84 -27.98 27.07
N ARG D 215 10.57 -27.24 25.99
CA ARG D 215 11.32 -27.33 24.75
C ARG D 215 11.76 -25.94 24.32
N TYR D 216 12.30 -25.81 23.12
CA TYR D 216 12.59 -24.48 22.58
C TYR D 216 11.68 -24.08 21.43
N SER D 217 11.42 -25.00 20.50
CA SER D 217 10.34 -24.91 19.51
C SER D 217 10.42 -26.07 18.52
N SER E 2 -13.43 47.08 -10.89
CA SER E 2 -13.34 45.66 -11.23
C SER E 2 -12.99 45.46 -12.70
N SER E 3 -13.72 46.11 -13.59
CA SER E 3 -13.30 46.19 -14.98
C SER E 3 -12.04 47.02 -15.15
N SER E 4 -11.65 47.78 -14.12
CA SER E 4 -10.35 48.44 -14.06
C SER E 4 -9.33 47.61 -13.30
N GLN E 5 -9.63 46.33 -13.03
CA GLN E 5 -8.67 45.40 -12.46
C GLN E 5 -8.22 44.38 -13.50
N VAL E 6 -9.15 43.57 -14.01
CA VAL E 6 -8.86 42.58 -15.03
C VAL E 6 -9.97 42.64 -16.08
N GLN E 7 -9.60 42.50 -17.34
CA GLN E 7 -10.54 42.48 -18.44
C GLN E 7 -10.18 41.33 -19.37
N LEU E 8 -11.19 40.55 -19.76
CA LEU E 8 -11.04 39.52 -20.78
C LEU E 8 -11.95 39.88 -21.94
N VAL E 9 -11.36 39.99 -23.14
CA VAL E 9 -12.08 40.44 -24.32
C VAL E 9 -11.95 39.36 -25.39
N GLU E 10 -13.04 38.67 -25.67
CA GLU E 10 -13.06 37.65 -26.70
C GLU E 10 -13.39 38.25 -28.06
N SER E 11 -13.09 37.48 -29.11
CA SER E 11 -13.30 37.90 -30.49
C SER E 11 -12.95 36.72 -31.40
N GLY E 12 -13.42 36.80 -32.63
CA GLY E 12 -13.13 35.79 -33.64
C GLY E 12 -14.29 34.91 -34.01
N GLY E 13 -15.45 35.07 -33.37
CA GLY E 13 -16.61 34.26 -33.66
C GLY E 13 -17.35 34.72 -34.90
N GLY E 14 -18.47 34.07 -35.15
CA GLY E 14 -19.28 34.32 -36.32
C GLY E 14 -20.02 33.05 -36.72
N LEU E 15 -20.41 32.99 -37.98
CA LEU E 15 -21.10 31.82 -38.50
C LEU E 15 -20.24 31.11 -39.54
N VAL E 16 -20.29 29.78 -39.51
CA VAL E 16 -19.51 28.95 -40.42
C VAL E 16 -20.29 27.66 -40.65
N GLN E 17 -20.02 27.01 -41.78
CA GLN E 17 -20.71 25.77 -42.13
C GLN E 17 -19.99 24.58 -41.51
N ALA E 18 -20.75 23.49 -41.34
CA ALA E 18 -20.25 22.28 -40.71
C ALA E 18 -18.98 21.80 -41.40
N GLY E 19 -18.06 21.25 -40.59
CA GLY E 19 -16.75 20.88 -41.08
C GLY E 19 -15.79 22.03 -41.28
N GLY E 20 -16.17 23.24 -40.89
CA GLY E 20 -15.35 24.42 -41.11
C GLY E 20 -14.32 24.66 -40.03
N SER E 21 -13.77 25.87 -40.04
CA SER E 21 -12.75 26.29 -39.09
C SER E 21 -13.12 27.65 -38.51
N LEU E 22 -12.56 27.93 -37.33
CA LEU E 22 -12.79 29.17 -36.60
C LEU E 22 -11.76 29.29 -35.50
N ARG E 23 -11.16 30.46 -35.33
CA ARG E 23 -10.09 30.63 -34.35
C ARG E 23 -10.43 31.82 -33.44
N LEU E 24 -10.83 31.51 -32.21
CA LEU E 24 -11.20 32.53 -31.25
C LEU E 24 -9.98 33.09 -30.54
N SER E 25 -10.08 34.35 -30.12
CA SER E 25 -9.03 35.03 -29.37
C SER E 25 -9.62 35.57 -28.08
N CYS E 26 -8.82 35.54 -27.02
CA CYS E 26 -9.22 36.04 -25.70
C CYS E 26 -8.08 36.93 -25.22
N ALA E 27 -8.26 38.23 -25.37
CA ALA E 27 -7.21 39.19 -25.06
C ALA E 27 -7.34 39.65 -23.62
N ALA E 28 -6.26 39.49 -22.85
CA ALA E 28 -6.27 39.76 -21.42
C ALA E 28 -5.63 41.10 -21.12
N SER E 29 -6.15 41.77 -20.09
CA SER E 29 -5.63 43.05 -19.64
C SER E 29 -5.76 43.13 -18.12
N GLY E 30 -4.73 43.66 -17.46
CA GLY E 30 -4.74 43.84 -16.03
C GLY E 30 -3.91 42.83 -15.26
N PHE E 31 -3.38 41.81 -15.91
CA PHE E 31 -2.57 40.79 -15.27
C PHE E 31 -1.77 40.07 -16.35
N PRO E 32 -0.57 39.57 -16.03
CA PRO E 32 0.22 38.85 -17.04
C PRO E 32 -0.37 37.47 -17.29
N VAL E 33 -0.63 37.17 -18.57
CA VAL E 33 -1.33 35.95 -18.93
C VAL E 33 -0.53 34.69 -18.59
N ASP E 34 0.78 34.81 -18.40
CA ASP E 34 1.63 33.67 -18.09
C ASP E 34 1.75 33.41 -16.60
N THR E 35 0.89 34.01 -15.78
CA THR E 35 0.90 33.79 -14.33
C THR E 35 -0.35 33.08 -13.83
N GLN E 36 -1.21 32.61 -14.74
CA GLN E 36 -2.51 32.09 -14.34
C GLN E 36 -2.95 30.97 -15.28
N TRP E 37 -3.64 29.99 -14.71
CA TRP E 37 -4.42 29.05 -15.51
C TRP E 37 -5.62 29.77 -16.12
N MET E 38 -5.93 29.44 -17.37
CA MET E 38 -7.05 30.06 -18.07
C MET E 38 -7.89 28.98 -18.74
N HIS E 39 -9.20 29.19 -18.77
CA HIS E 39 -10.14 28.19 -19.25
C HIS E 39 -11.05 28.81 -20.30
N TRP E 40 -11.54 27.94 -21.20
CA TRP E 40 -12.55 28.31 -22.17
C TRP E 40 -13.85 27.62 -21.80
N TYR E 41 -14.92 28.40 -21.70
CA TYR E 41 -16.27 27.87 -21.53
C TYR E 41 -17.10 28.23 -22.74
N ARG E 42 -18.16 27.46 -22.95
CA ARG E 42 -19.17 27.77 -23.95
C ARG E 42 -20.54 27.56 -23.31
N GLN E 43 -21.54 28.30 -23.80
CA GLN E 43 -22.88 28.22 -23.26
C GLN E 43 -23.88 28.36 -24.39
N ALA E 44 -24.55 27.26 -24.74
CA ALA E 44 -25.69 27.33 -25.64
C ALA E 44 -26.88 27.92 -24.90
N PRO E 45 -27.82 28.55 -25.61
CA PRO E 45 -28.99 29.10 -24.95
C PRO E 45 -29.92 28.00 -24.44
N GLY E 46 -30.40 28.18 -23.22
CA GLY E 46 -31.25 27.21 -22.56
C GLY E 46 -30.54 26.15 -21.75
N LYS E 47 -29.41 25.64 -22.25
CA LYS E 47 -28.69 24.57 -21.59
C LYS E 47 -27.65 25.15 -20.62
N GLU E 48 -26.93 24.26 -19.94
CA GLU E 48 -25.94 24.71 -18.98
C GLU E 48 -24.58 24.91 -19.64
N ARG E 49 -23.72 25.66 -18.93
CA ARG E 49 -22.40 25.96 -19.46
C ARG E 49 -21.54 24.71 -19.47
N GLU E 50 -20.66 24.63 -20.47
CA GLU E 50 -19.81 23.47 -20.68
C GLU E 50 -18.35 23.92 -20.68
N TRP E 51 -17.56 23.40 -19.75
CA TRP E 51 -16.13 23.64 -19.74
C TRP E 51 -15.50 23.03 -20.99
N VAL E 52 -14.82 23.85 -21.78
CA VAL E 52 -14.29 23.42 -23.07
C VAL E 52 -12.83 23.00 -22.96
N ALA E 53 -11.95 23.90 -22.54
CA ALA E 53 -10.53 23.60 -22.51
C ALA E 53 -9.84 24.44 -21.44
N ALA E 54 -8.57 24.09 -21.17
CA ALA E 54 -7.80 24.75 -20.13
C ALA E 54 -6.33 24.73 -20.50
N ILE E 55 -5.60 25.76 -20.04
CA ILE E 55 -4.15 25.84 -20.23
C ILE E 55 -3.52 26.34 -18.93
N SER E 56 -2.34 25.82 -18.63
CA SER E 56 -1.64 26.09 -17.38
C SER E 56 -0.83 27.38 -17.47
N SER E 57 -0.44 27.88 -16.28
CA SER E 57 0.36 29.10 -16.17
C SER E 57 1.56 29.09 -17.11
N THR E 58 2.27 27.97 -17.16
CA THR E 58 3.48 27.85 -17.97
C THR E 58 3.20 27.46 -19.41
N GLY E 59 1.97 27.09 -19.75
CA GLY E 59 1.65 26.67 -21.09
C GLY E 59 2.15 25.30 -21.47
N ARG E 60 2.82 24.58 -20.57
CA ARG E 60 3.28 23.23 -20.87
C ARG E 60 2.19 22.18 -20.73
N SER E 61 1.02 22.52 -20.21
CA SER E 61 -0.08 21.57 -20.08
C SER E 61 -1.33 22.13 -20.73
N THR E 62 -2.09 21.25 -21.38
CA THR E 62 -3.36 21.61 -22.00
C THR E 62 -4.34 20.48 -21.75
N PHE E 63 -5.59 20.84 -21.48
CA PHE E 63 -6.65 19.90 -21.19
C PHE E 63 -7.88 20.28 -22.01
N TYR E 64 -8.61 19.27 -22.46
CA TYR E 64 -9.80 19.48 -23.27
C TYR E 64 -10.92 18.59 -22.75
N ALA E 65 -12.14 19.07 -22.88
CA ALA E 65 -13.29 18.21 -22.64
C ALA E 65 -13.28 17.04 -23.62
N ASP E 66 -13.89 15.94 -23.22
CA ASP E 66 -13.92 14.78 -24.12
C ASP E 66 -14.81 15.00 -25.32
N SER E 67 -15.65 16.04 -25.30
CA SER E 67 -16.57 16.29 -26.40
C SER E 67 -15.95 17.10 -27.54
N VAL E 68 -14.71 17.58 -27.39
CA VAL E 68 -14.06 18.37 -28.44
C VAL E 68 -12.59 18.01 -28.60
N LYS E 69 -12.16 16.90 -28.01
CA LYS E 69 -10.76 16.53 -28.14
C LYS E 69 -10.43 16.18 -29.59
N GLY E 70 -9.18 16.42 -29.98
CA GLY E 70 -8.74 16.14 -31.33
C GLY E 70 -9.07 17.25 -32.30
N ARG E 71 -10.19 17.95 -32.07
CA ARG E 71 -10.63 19.03 -32.94
C ARG E 71 -10.18 20.41 -32.45
N PHE E 72 -10.37 20.69 -31.17
CA PHE E 72 -10.05 22.00 -30.62
C PHE E 72 -8.62 22.03 -30.09
N THR E 73 -7.97 23.18 -30.23
CA THR E 73 -6.63 23.39 -29.69
C THR E 73 -6.59 24.72 -28.97
N ILE E 74 -6.06 24.72 -27.76
CA ILE E 74 -5.87 25.95 -26.98
C ILE E 74 -4.39 26.27 -26.97
N SER E 75 -4.06 27.55 -27.19
CA SER E 75 -2.68 28.01 -27.22
C SER E 75 -2.64 29.40 -26.60
N ARG E 76 -1.43 29.98 -26.57
CA ARG E 76 -1.22 31.23 -25.86
C ARG E 76 -0.04 31.98 -26.45
N ASP E 77 -0.14 33.31 -26.47
CA ASP E 77 0.95 34.18 -26.89
C ASP E 77 1.19 35.20 -25.77
N ASN E 78 2.30 35.05 -25.06
CA ASN E 78 2.56 35.87 -23.88
C ASN E 78 2.90 37.31 -24.25
N ALA E 79 3.48 37.52 -25.43
CA ALA E 79 3.80 38.89 -25.85
C ALA E 79 2.54 39.69 -26.13
N LYS E 80 1.53 39.08 -26.77
CA LYS E 80 0.26 39.73 -27.02
C LYS E 80 -0.71 39.60 -25.86
N ASN E 81 -0.39 38.77 -24.86
CA ASN E 81 -1.22 38.58 -23.67
C ASN E 81 -2.59 38.01 -24.05
N THR E 82 -2.59 36.99 -24.90
CA THR E 82 -3.82 36.47 -25.48
C THR E 82 -3.84 34.95 -25.47
N VAL E 83 -5.00 34.39 -25.13
CA VAL E 83 -5.27 32.96 -25.22
C VAL E 83 -6.10 32.73 -26.47
N TYR E 84 -5.80 31.65 -27.20
CA TYR E 84 -6.50 31.31 -28.43
C TYR E 84 -7.19 29.95 -28.29
N LEU E 85 -8.27 29.78 -29.06
CA LEU E 85 -8.96 28.49 -29.18
C LEU E 85 -9.14 28.19 -30.67
N GLN E 86 -8.30 27.30 -31.20
CA GLN E 86 -8.40 26.87 -32.58
C GLN E 86 -9.46 25.77 -32.69
N MET E 87 -10.49 26.01 -33.51
CA MET E 87 -11.61 25.10 -33.66
C MET E 87 -11.64 24.56 -35.08
N ASN E 88 -11.36 23.26 -35.24
CA ASN E 88 -11.45 22.56 -36.51
C ASN E 88 -12.65 21.63 -36.50
N SER E 89 -13.02 21.16 -37.70
CA SER E 89 -14.03 20.13 -37.90
C SER E 89 -15.29 20.43 -37.09
N LEU E 90 -15.79 21.65 -37.23
CA LEU E 90 -16.93 22.09 -36.43
C LEU E 90 -18.18 21.27 -36.75
N LYS E 91 -19.05 21.14 -35.76
CA LYS E 91 -20.30 20.41 -35.85
C LYS E 91 -21.41 21.33 -35.35
N PRO E 92 -22.65 21.08 -35.78
CA PRO E 92 -23.75 21.97 -35.36
C PRO E 92 -23.99 22.01 -33.86
N GLU E 93 -23.52 21.01 -33.12
CA GLU E 93 -23.67 21.00 -31.67
C GLU E 93 -22.64 21.87 -30.95
N ASP E 94 -21.64 22.38 -31.67
CA ASP E 94 -20.66 23.32 -31.13
C ASP E 94 -21.20 24.74 -31.04
N THR E 95 -22.47 24.95 -31.36
CA THR E 95 -23.08 26.27 -31.46
C THR E 95 -23.38 26.79 -30.06
N ALA E 96 -22.68 27.86 -29.70
CA ALA E 96 -22.83 28.50 -28.39
C ALA E 96 -22.04 29.80 -28.39
N VAL E 97 -22.19 30.57 -27.32
CA VAL E 97 -21.34 31.72 -27.08
C VAL E 97 -20.13 31.25 -26.26
N TYR E 98 -18.94 31.62 -26.73
CA TYR E 98 -17.68 31.14 -26.16
C TYR E 98 -17.02 32.27 -25.38
N TYR E 99 -16.61 31.99 -24.16
CA TYR E 99 -15.91 32.98 -23.36
C TYR E 99 -14.79 32.31 -22.58
N CYS E 100 -13.76 33.09 -22.27
CA CYS E 100 -12.65 32.66 -21.44
C CYS E 100 -12.83 33.20 -20.03
N THR E 101 -12.16 32.54 -19.08
CA THR E 101 -12.31 32.90 -17.68
C THR E 101 -10.99 32.69 -16.96
N VAL E 102 -10.79 33.44 -15.86
CA VAL E 102 -9.56 33.38 -15.08
C VAL E 102 -9.88 33.79 -13.65
N TYR E 103 -9.06 33.34 -12.71
CA TYR E 103 -9.18 33.71 -11.30
C TYR E 103 -7.88 34.37 -10.86
N VAL E 104 -7.93 35.67 -10.58
CA VAL E 104 -6.78 36.42 -10.08
C VAL E 104 -7.23 37.21 -8.85
N GLY E 105 -7.34 36.54 -7.71
CA GLY E 105 -7.85 37.19 -6.52
C GLY E 105 -9.37 37.20 -6.48
N ASN E 106 -9.99 37.37 -7.65
CA ASN E 106 -11.42 37.21 -7.82
C ASN E 106 -11.68 36.51 -9.14
N ARG E 107 -12.95 36.26 -9.44
CA ARG E 107 -13.34 35.60 -10.68
C ARG E 107 -13.61 36.65 -11.75
N TYR E 108 -12.91 36.56 -12.87
CA TYR E 108 -13.15 37.41 -14.03
C TYR E 108 -13.59 36.57 -15.22
N ARG E 109 -14.28 37.23 -16.15
CA ARG E 109 -14.91 36.54 -17.26
C ARG E 109 -15.04 37.54 -18.41
N GLY E 110 -14.88 37.05 -19.63
CA GLY E 110 -15.08 37.87 -20.80
C GLY E 110 -16.56 38.07 -21.09
N GLN E 111 -16.83 38.89 -22.12
CA GLN E 111 -18.21 39.12 -22.54
C GLN E 111 -18.71 38.03 -23.48
N GLY E 112 -17.80 37.28 -24.10
CA GLY E 112 -18.18 36.17 -24.96
C GLY E 112 -18.40 36.55 -26.41
N THR E 113 -17.95 35.69 -27.32
CA THR E 113 -18.23 35.83 -28.74
C THR E 113 -19.08 34.63 -29.19
N GLN E 114 -20.00 34.87 -30.11
CA GLN E 114 -20.92 33.84 -30.56
C GLN E 114 -20.33 33.03 -31.70
N VAL E 115 -20.48 31.71 -31.62
CA VAL E 115 -20.14 30.80 -32.70
C VAL E 115 -21.42 30.07 -33.08
N THR E 116 -21.82 30.19 -34.35
CA THR E 116 -23.02 29.54 -34.86
C THR E 116 -22.63 28.68 -36.05
N VAL E 117 -22.87 27.37 -35.93
CA VAL E 117 -22.44 26.39 -36.93
C VAL E 117 -23.67 25.92 -37.70
N SER E 118 -23.62 26.03 -39.02
CA SER E 118 -24.74 25.62 -39.88
C SER E 118 -24.63 24.15 -40.23
N ALA E 119 -25.79 23.52 -40.42
CA ALA E 119 -25.86 22.10 -40.75
C ALA E 119 -25.67 21.90 -42.25
N GLY E 120 -24.76 20.98 -42.62
CA GLY E 120 -24.46 20.73 -44.01
C GLY E 120 -23.26 21.50 -44.53
N SER F 2 -10.48 -43.21 -12.06
CA SER F 2 -10.83 -41.81 -12.22
C SER F 2 -12.07 -41.63 -13.09
N SER F 3 -12.11 -42.30 -14.25
CA SER F 3 -13.36 -42.43 -14.99
C SER F 3 -14.38 -43.25 -14.25
N SER F 4 -13.98 -43.94 -13.19
CA SER F 4 -14.88 -44.67 -12.31
C SER F 4 -15.37 -43.79 -11.16
N GLN F 5 -14.93 -42.54 -11.08
CA GLN F 5 -15.39 -41.63 -10.05
C GLN F 5 -16.36 -40.59 -10.61
N VAL F 6 -15.95 -39.81 -11.59
CA VAL F 6 -16.80 -38.80 -12.20
C VAL F 6 -16.60 -38.85 -13.71
N GLN F 7 -17.71 -38.73 -14.45
CA GLN F 7 -17.68 -38.70 -15.91
C GLN F 7 -18.57 -37.57 -16.40
N LEU F 8 -18.07 -36.81 -17.37
CA LEU F 8 -18.84 -35.77 -18.04
C LEU F 8 -18.86 -36.10 -19.52
N VAL F 9 -20.04 -36.20 -20.10
CA VAL F 9 -20.22 -36.66 -21.48
C VAL F 9 -21.00 -35.61 -22.24
N GLU F 10 -20.30 -34.88 -23.11
CA GLU F 10 -20.97 -33.88 -23.96
C GLU F 10 -21.72 -34.56 -25.09
N SER F 11 -22.50 -33.75 -25.81
CA SER F 11 -23.40 -34.25 -26.84
C SER F 11 -23.99 -33.05 -27.57
N GLY F 12 -24.53 -33.31 -28.77
CA GLY F 12 -25.32 -32.32 -29.47
C GLY F 12 -24.57 -31.36 -30.35
N GLY F 13 -23.29 -31.60 -30.61
CA GLY F 13 -22.54 -30.76 -31.53
C GLY F 13 -22.96 -30.99 -32.98
N GLY F 14 -22.16 -30.43 -33.88
CA GLY F 14 -22.37 -30.59 -35.31
C GLY F 14 -22.23 -29.27 -36.04
N LEU F 15 -22.41 -29.36 -37.36
CA LEU F 15 -22.21 -28.21 -38.23
C LEU F 15 -23.54 -27.47 -38.44
N VAL F 16 -23.44 -26.14 -38.56
CA VAL F 16 -24.61 -25.29 -38.79
C VAL F 16 -24.09 -23.96 -39.32
N GLN F 17 -24.93 -23.26 -40.08
CA GLN F 17 -24.51 -22.02 -40.70
C GLN F 17 -24.66 -20.84 -39.75
N ALA F 18 -23.93 -19.77 -40.04
CA ALA F 18 -23.93 -18.57 -39.21
C ALA F 18 -25.34 -18.03 -39.06
N GLY F 19 -25.77 -17.83 -37.81
CA GLY F 19 -27.13 -17.45 -37.49
C GLY F 19 -27.97 -18.58 -36.95
N GLY F 20 -27.61 -19.83 -37.25
CA GLY F 20 -28.34 -20.97 -36.76
C GLY F 20 -28.18 -21.16 -35.26
N SER F 21 -28.86 -22.18 -34.74
CA SER F 21 -28.89 -22.48 -33.32
C SER F 21 -28.41 -23.90 -33.07
N LEU F 22 -28.15 -24.20 -31.79
CA LEU F 22 -27.61 -25.47 -31.35
C LEU F 22 -27.79 -25.56 -29.83
N ARG F 23 -27.87 -26.79 -29.33
CA ARG F 23 -28.09 -27.00 -27.90
C ARG F 23 -27.17 -28.15 -27.46
N LEU F 24 -26.15 -27.82 -26.68
CA LEU F 24 -25.21 -28.82 -26.19
C LEU F 24 -25.70 -29.40 -24.87
N SER F 25 -25.45 -30.68 -24.68
CA SER F 25 -25.80 -31.40 -23.47
C SER F 25 -24.52 -31.91 -22.82
N CYS F 26 -24.48 -31.89 -21.49
CA CYS F 26 -23.33 -32.37 -20.72
C CYS F 26 -23.89 -33.24 -19.60
N ALA F 27 -23.95 -34.54 -19.84
CA ALA F 27 -24.53 -35.47 -18.89
C ALA F 27 -23.47 -35.88 -17.87
N ALA F 28 -23.82 -35.76 -16.60
CA ALA F 28 -22.89 -36.03 -15.51
C ALA F 28 -23.16 -37.41 -14.90
N SER F 29 -22.09 -38.03 -14.41
CA SER F 29 -22.18 -39.31 -13.72
C SER F 29 -21.15 -39.34 -12.60
N GLY F 30 -21.54 -39.88 -11.45
CA GLY F 30 -20.65 -40.01 -10.32
C GLY F 30 -20.90 -39.03 -9.20
N PHE F 31 -21.73 -38.01 -9.42
CA PHE F 31 -22.02 -36.98 -8.44
C PHE F 31 -23.29 -36.27 -8.86
N PRO F 32 -24.05 -35.70 -7.92
CA PRO F 32 -25.23 -34.92 -8.31
C PRO F 32 -24.85 -33.52 -8.77
N VAL F 33 -25.45 -33.08 -9.88
CA VAL F 33 -25.06 -31.80 -10.47
C VAL F 33 -25.39 -30.64 -9.56
N ASP F 34 -26.49 -30.72 -8.82
CA ASP F 34 -26.92 -29.63 -7.94
C ASP F 34 -26.07 -29.52 -6.67
N THR F 35 -24.87 -30.11 -6.66
CA THR F 35 -23.96 -30.01 -5.53
C THR F 35 -22.66 -29.29 -5.86
N GLN F 36 -22.48 -28.86 -7.11
CA GLN F 36 -21.22 -28.26 -7.54
C GLN F 36 -21.49 -27.16 -8.58
N TRP F 37 -20.58 -26.20 -8.62
CA TRP F 37 -20.54 -25.26 -9.74
C TRP F 37 -20.00 -25.95 -10.99
N MET F 38 -20.54 -25.60 -12.14
CA MET F 38 -20.10 -26.21 -13.39
C MET F 38 -19.92 -25.16 -14.47
N HIS F 39 -18.90 -25.36 -15.30
CA HIS F 39 -18.51 -24.40 -16.31
C HIS F 39 -18.47 -25.05 -17.69
N TRP F 40 -18.65 -24.23 -18.72
CA TRP F 40 -18.41 -24.63 -20.09
C TRP F 40 -17.16 -23.93 -20.60
N TYR F 41 -16.33 -24.67 -21.33
CA TYR F 41 -15.17 -24.13 -22.02
C TYR F 41 -15.26 -24.46 -23.50
N ARG F 42 -14.46 -23.77 -24.30
CA ARG F 42 -14.32 -24.10 -25.72
C ARG F 42 -12.87 -23.88 -26.13
N GLN F 43 -12.45 -24.60 -27.17
CA GLN F 43 -11.07 -24.53 -27.63
C GLN F 43 -11.02 -24.75 -29.14
N ALA F 44 -10.74 -23.68 -29.89
CA ALA F 44 -10.42 -23.83 -31.30
C ALA F 44 -8.98 -24.33 -31.45
N PRO F 45 -8.70 -25.11 -32.49
CA PRO F 45 -7.33 -25.61 -32.67
C PRO F 45 -6.33 -24.48 -32.83
N GLY F 46 -5.16 -24.64 -32.20
CA GLY F 46 -4.12 -23.64 -32.27
C GLY F 46 -4.25 -22.55 -31.23
N LYS F 47 -5.48 -22.20 -30.88
CA LYS F 47 -5.75 -21.15 -29.92
C LYS F 47 -5.65 -21.68 -28.49
N GLU F 48 -5.86 -20.78 -27.53
CA GLU F 48 -5.93 -21.10 -26.12
C GLU F 48 -7.39 -21.31 -25.70
N ARG F 49 -7.58 -22.04 -24.60
CA ARG F 49 -8.93 -22.36 -24.15
C ARG F 49 -9.63 -21.10 -23.68
N GLU F 50 -10.94 -21.02 -23.95
CA GLU F 50 -11.75 -19.86 -23.61
C GLU F 50 -12.89 -20.30 -22.71
N TRP F 51 -12.91 -19.80 -21.48
CA TRP F 51 -14.06 -19.99 -20.61
C TRP F 51 -15.30 -19.37 -21.25
N VAL F 52 -16.45 -20.00 -21.03
CA VAL F 52 -17.65 -19.64 -21.79
C VAL F 52 -18.79 -19.27 -20.86
N ALA F 53 -19.14 -20.17 -19.94
CA ALA F 53 -20.28 -19.93 -19.07
C ALA F 53 -20.11 -20.70 -17.77
N ALA F 54 -20.93 -20.36 -16.78
CA ALA F 54 -20.87 -20.98 -15.47
C ALA F 54 -22.27 -20.98 -14.85
N ILE F 55 -22.51 -21.95 -13.98
CA ILE F 55 -23.75 -22.05 -13.22
C ILE F 55 -23.46 -22.54 -11.80
N SER F 56 -24.13 -21.94 -10.82
CA SER F 56 -23.91 -22.28 -9.42
C SER F 56 -24.58 -23.60 -9.06
N SER F 57 -24.21 -24.10 -7.87
CA SER F 57 -24.75 -25.38 -7.38
C SER F 57 -26.27 -25.35 -7.23
N THR F 58 -26.85 -24.19 -6.93
CA THR F 58 -28.29 -24.05 -6.84
C THR F 58 -28.93 -23.68 -8.18
N GLY F 59 -28.12 -23.33 -9.18
CA GLY F 59 -28.65 -22.92 -10.46
C GLY F 59 -29.31 -21.56 -10.47
N ARG F 60 -29.29 -20.83 -9.35
CA ARG F 60 -29.91 -19.51 -9.30
C ARG F 60 -29.02 -18.40 -9.84
N SER F 61 -27.74 -18.68 -10.10
CA SER F 61 -26.82 -17.71 -10.67
C SER F 61 -26.16 -18.29 -11.90
N THR F 62 -26.07 -17.48 -12.95
CA THR F 62 -25.45 -17.88 -14.20
C THR F 62 -24.52 -16.76 -14.67
N PHE F 63 -23.38 -17.16 -15.23
CA PHE F 63 -22.34 -16.24 -15.65
C PHE F 63 -21.91 -16.58 -17.08
N TYR F 64 -21.60 -15.55 -17.86
CA TYR F 64 -21.23 -15.73 -19.25
C TYR F 64 -20.02 -14.86 -19.56
N ALA F 65 -19.26 -15.27 -20.56
CA ALA F 65 -18.21 -14.42 -21.09
C ALA F 65 -18.82 -13.30 -21.92
N ASP F 66 -18.05 -12.23 -22.10
CA ASP F 66 -18.55 -11.10 -22.88
C ASP F 66 -18.74 -11.48 -24.34
N SER F 67 -17.99 -12.46 -24.84
CA SER F 67 -18.08 -12.87 -26.23
C SER F 67 -19.45 -13.46 -26.59
N VAL F 68 -20.20 -13.96 -25.61
CA VAL F 68 -21.37 -14.79 -25.90
C VAL F 68 -22.62 -14.36 -25.14
N LYS F 69 -22.55 -13.32 -24.31
CA LYS F 69 -23.75 -12.91 -23.58
C LYS F 69 -24.78 -12.35 -24.57
N GLY F 70 -26.05 -12.57 -24.26
CA GLY F 70 -27.14 -12.27 -25.15
C GLY F 70 -27.49 -13.37 -26.12
N ARG F 71 -26.51 -14.21 -26.47
CA ARG F 71 -26.70 -15.32 -27.39
C ARG F 71 -26.80 -16.67 -26.67
N PHE F 72 -25.82 -16.99 -25.82
CA PHE F 72 -25.76 -18.28 -25.15
C PHE F 72 -26.54 -18.24 -23.85
N THR F 73 -27.03 -19.40 -23.42
CA THR F 73 -27.77 -19.54 -22.18
C THR F 73 -27.43 -20.90 -21.58
N ILE F 74 -27.03 -20.91 -20.31
CA ILE F 74 -26.68 -22.14 -19.61
C ILE F 74 -27.83 -22.51 -18.68
N SER F 75 -28.23 -23.78 -18.71
CA SER F 75 -29.36 -24.27 -17.93
C SER F 75 -28.98 -25.60 -17.30
N ARG F 76 -29.93 -26.20 -16.58
CA ARG F 76 -29.62 -27.43 -15.88
C ARG F 76 -30.90 -28.14 -15.48
N ASP F 77 -30.93 -29.45 -15.68
CA ASP F 77 -32.01 -30.33 -15.26
C ASP F 77 -31.45 -31.32 -14.25
N ASN F 78 -32.03 -31.34 -13.04
CA ASN F 78 -31.49 -32.15 -11.96
C ASN F 78 -31.88 -33.62 -12.09
N ALA F 79 -33.09 -33.90 -12.58
CA ALA F 79 -33.54 -35.29 -12.69
C ALA F 79 -32.66 -36.07 -13.66
N LYS F 80 -32.31 -35.46 -14.80
CA LYS F 80 -31.44 -36.08 -15.77
C LYS F 80 -29.97 -35.83 -15.49
N ASN F 81 -29.65 -35.03 -14.46
CA ASN F 81 -28.27 -34.75 -14.06
C ASN F 81 -27.44 -34.18 -15.21
N THR F 82 -28.05 -33.28 -15.98
CA THR F 82 -27.44 -32.77 -17.20
C THR F 82 -27.36 -31.25 -17.14
N VAL F 83 -26.30 -30.72 -17.73
CA VAL F 83 -26.11 -29.29 -17.92
C VAL F 83 -26.22 -28.98 -19.41
N TYR F 84 -26.99 -27.96 -19.75
CA TYR F 84 -27.22 -27.59 -21.13
C TYR F 84 -26.62 -26.23 -21.45
N LEU F 85 -26.25 -26.05 -22.72
CA LEU F 85 -25.73 -24.78 -23.23
C LEU F 85 -26.46 -24.44 -24.52
N GLN F 86 -27.53 -23.65 -24.42
CA GLN F 86 -28.27 -23.21 -25.59
C GLN F 86 -27.48 -22.13 -26.33
N MET F 87 -27.20 -22.36 -27.61
CA MET F 87 -26.42 -21.43 -28.41
C MET F 87 -27.28 -20.90 -29.56
N ASN F 88 -27.54 -19.59 -29.54
CA ASN F 88 -28.26 -18.91 -30.60
C ASN F 88 -27.36 -17.89 -31.28
N SER F 89 -27.77 -17.45 -32.46
CA SER F 89 -27.05 -16.43 -33.24
C SER F 89 -25.59 -16.84 -33.47
N LEU F 90 -25.38 -18.12 -33.75
CA LEU F 90 -24.03 -18.64 -33.90
C LEU F 90 -23.25 -17.90 -34.99
N LYS F 91 -21.99 -17.59 -34.70
CA LYS F 91 -21.11 -16.87 -35.60
C LYS F 91 -19.89 -17.73 -35.93
N PRO F 92 -19.25 -17.50 -37.10
CA PRO F 92 -18.07 -18.31 -37.47
C PRO F 92 -17.00 -18.40 -36.39
N GLU F 93 -16.84 -17.36 -35.56
CA GLU F 93 -15.82 -17.39 -34.52
C GLU F 93 -16.19 -18.31 -33.36
N ASP F 94 -17.45 -18.78 -33.30
CA ASP F 94 -17.89 -19.74 -32.30
C ASP F 94 -17.45 -21.17 -32.62
N THR F 95 -16.51 -21.34 -33.54
CA THR F 95 -16.03 -22.66 -33.93
C THR F 95 -15.01 -23.17 -32.92
N ALA F 96 -15.32 -24.31 -32.31
CA ALA F 96 -14.42 -24.98 -31.38
C ALA F 96 -15.02 -26.30 -30.93
N VAL F 97 -14.29 -27.06 -30.12
CA VAL F 97 -14.87 -28.17 -29.39
C VAL F 97 -15.26 -27.66 -28.01
N TYR F 98 -16.49 -27.93 -27.61
CA TYR F 98 -17.03 -27.46 -26.34
C TYR F 98 -17.02 -28.58 -25.32
N TYR F 99 -16.53 -28.29 -24.12
CA TYR F 99 -16.57 -29.27 -23.05
C TYR F 99 -16.96 -28.59 -21.74
N CYS F 100 -17.63 -29.35 -20.89
CA CYS F 100 -17.95 -28.92 -19.53
C CYS F 100 -16.90 -29.46 -18.57
N THR F 101 -16.81 -28.82 -17.41
CA THR F 101 -15.83 -29.18 -16.40
C THR F 101 -16.45 -29.01 -15.02
N VAL F 102 -15.82 -29.61 -14.02
CA VAL F 102 -16.32 -29.56 -12.64
C VAL F 102 -15.17 -29.96 -11.73
N TYR F 103 -15.25 -29.53 -10.47
CA TYR F 103 -14.28 -29.90 -9.46
C TYR F 103 -14.99 -30.60 -8.31
N VAL F 104 -14.79 -31.91 -8.19
CA VAL F 104 -15.35 -32.72 -7.12
C VAL F 104 -14.21 -33.41 -6.39
N GLY F 105 -13.48 -32.66 -5.57
CA GLY F 105 -12.28 -33.19 -4.95
C GLY F 105 -11.12 -33.31 -5.91
N ASN F 106 -11.43 -33.49 -7.20
CA ASN F 106 -10.44 -33.50 -8.27
C ASN F 106 -11.05 -32.82 -9.49
N ARG F 107 -10.19 -32.43 -10.42
CA ARG F 107 -10.65 -31.81 -11.65
C ARG F 107 -11.10 -32.88 -12.65
N TYR F 108 -12.30 -32.69 -13.21
CA TYR F 108 -12.83 -33.56 -14.25
C TYR F 108 -13.30 -32.71 -15.42
N ARG F 109 -13.31 -33.33 -16.61
CA ARG F 109 -13.79 -32.67 -17.81
C ARG F 109 -14.31 -33.73 -18.77
N GLY F 110 -15.06 -33.28 -19.77
CA GLY F 110 -15.61 -34.16 -20.77
C GLY F 110 -14.78 -34.24 -22.03
N GLN F 111 -15.06 -35.26 -22.84
CA GLN F 111 -14.33 -35.46 -24.09
C GLN F 111 -14.60 -34.37 -25.10
N GLY F 112 -15.73 -33.68 -25.00
CA GLY F 112 -15.98 -32.54 -25.87
C GLY F 112 -16.78 -32.91 -27.09
N THR F 113 -17.56 -31.95 -27.58
CA THR F 113 -18.35 -32.09 -28.80
C THR F 113 -18.04 -30.93 -29.73
N GLN F 114 -17.95 -31.23 -31.02
CA GLN F 114 -17.45 -30.27 -32.01
C GLN F 114 -18.60 -29.42 -32.55
N VAL F 115 -18.42 -28.10 -32.52
CA VAL F 115 -19.33 -27.15 -33.13
C VAL F 115 -18.57 -26.40 -34.20
N THR F 116 -18.87 -26.68 -35.46
CA THR F 116 -18.30 -25.97 -36.59
C THR F 116 -19.42 -25.16 -37.23
N VAL F 117 -19.27 -23.84 -37.25
CA VAL F 117 -20.29 -22.95 -37.78
C VAL F 117 -19.71 -22.15 -38.94
N SER F 118 -20.37 -22.21 -40.08
CA SER F 118 -19.89 -21.64 -41.33
C SER F 118 -20.59 -20.31 -41.63
N ALA F 119 -19.87 -19.45 -42.34
CA ALA F 119 -20.40 -18.14 -42.71
C ALA F 119 -21.56 -18.27 -43.69
N GLY F 120 -22.41 -17.24 -43.71
CA GLY F 120 -23.58 -17.24 -44.58
C GLY F 120 -24.83 -17.76 -43.90
N GLN G 5 18.84 0.61 -47.84
CA GLN G 5 17.86 0.33 -46.79
C GLN G 5 17.28 1.65 -46.27
N VAL G 6 18.15 2.54 -45.83
CA VAL G 6 17.76 3.87 -45.39
C VAL G 6 17.76 4.80 -46.59
N GLN G 7 16.73 5.64 -46.70
CA GLN G 7 16.76 6.70 -47.70
C GLN G 7 15.70 7.75 -47.38
N LEU G 8 15.92 8.94 -47.94
CA LEU G 8 15.13 10.14 -47.70
C LEU G 8 14.52 10.62 -49.01
N VAL G 9 13.29 11.10 -48.95
CA VAL G 9 12.56 11.60 -50.12
C VAL G 9 11.97 12.96 -49.78
N GLU G 10 12.31 13.98 -50.59
CA GLU G 10 11.87 15.35 -50.36
C GLU G 10 10.71 15.71 -51.29
N SER G 11 9.82 16.55 -50.78
CA SER G 11 8.59 16.89 -51.50
C SER G 11 8.24 18.34 -51.18
N GLY G 12 7.26 18.87 -51.91
CA GLY G 12 6.68 20.17 -51.59
C GLY G 12 7.32 21.36 -52.29
N GLY G 13 8.49 21.20 -52.90
CA GLY G 13 9.12 22.32 -53.55
C GLY G 13 8.40 22.75 -54.83
N GLY G 14 8.40 24.05 -55.07
CA GLY G 14 7.79 24.60 -56.25
C GLY G 14 8.27 26.00 -56.51
N LEU G 15 7.65 26.66 -57.50
CA LEU G 15 7.94 28.05 -57.79
C LEU G 15 6.74 28.88 -57.34
N VAL G 16 6.99 29.82 -56.44
CA VAL G 16 5.99 30.77 -55.97
C VAL G 16 6.57 32.17 -56.16
N GLN G 17 5.96 33.21 -55.57
CA GLN G 17 6.59 34.52 -55.62
C GLN G 17 6.64 35.16 -54.24
N ALA G 18 7.42 36.24 -54.16
CA ALA G 18 8.00 36.74 -52.92
C ALA G 18 6.94 37.04 -51.86
N GLY G 19 7.34 36.91 -50.60
CA GLY G 19 6.47 37.10 -49.48
C GLY G 19 5.47 35.99 -49.23
N GLY G 20 5.48 34.94 -50.05
CA GLY G 20 4.55 33.85 -49.93
C GLY G 20 5.03 32.79 -48.96
N SER G 21 4.57 31.55 -49.17
CA SER G 21 4.93 30.45 -48.28
C SER G 21 4.96 29.14 -49.07
N LEU G 22 5.70 28.18 -48.52
CA LEU G 22 5.89 26.86 -49.11
C LEU G 22 6.32 25.91 -48.00
N ARG G 23 5.87 24.65 -48.09
CA ARG G 23 6.13 23.67 -47.02
C ARG G 23 6.78 22.43 -47.59
N LEU G 24 8.04 22.20 -47.25
CA LEU G 24 8.76 21.01 -47.67
C LEU G 24 8.42 19.83 -46.77
N SER G 25 8.92 18.65 -47.15
CA SER G 25 8.62 17.42 -46.44
C SER G 25 9.59 16.31 -46.85
N CYS G 26 10.31 15.76 -45.87
CA CYS G 26 11.35 14.76 -46.11
C CYS G 26 10.94 13.43 -45.48
N ALA G 27 10.53 12.47 -46.31
CA ALA G 27 10.08 11.16 -45.84
C ALA G 27 11.27 10.22 -45.64
N ALA G 28 11.20 9.41 -44.60
CA ALA G 28 12.32 8.58 -44.19
C ALA G 28 11.91 7.12 -44.09
N SER G 29 12.79 6.25 -44.56
CA SER G 29 12.59 4.81 -44.48
C SER G 29 13.90 4.16 -44.09
N GLY G 30 13.80 2.94 -43.55
CA GLY G 30 14.97 2.18 -43.16
C GLY G 30 15.45 2.42 -41.74
N PHE G 31 14.81 3.32 -41.00
CA PHE G 31 15.19 3.69 -39.63
C PHE G 31 14.11 4.55 -39.02
N PRO G 32 13.92 4.51 -37.70
CA PRO G 32 12.91 5.36 -37.06
C PRO G 32 13.38 6.81 -37.02
N VAL G 33 12.47 7.73 -37.38
CA VAL G 33 12.82 9.14 -37.44
C VAL G 33 12.99 9.76 -36.06
N ASP G 34 12.51 9.10 -35.02
CA ASP G 34 12.56 9.63 -33.66
C ASP G 34 13.86 9.28 -32.94
N THR G 35 14.82 8.66 -33.62
CA THR G 35 16.05 8.19 -33.00
C THR G 35 17.30 8.88 -33.53
N GLN G 36 17.16 9.93 -34.34
CA GLN G 36 18.31 10.56 -34.97
C GLN G 36 18.10 12.07 -35.06
N TRP G 37 19.21 12.80 -34.94
CA TRP G 37 19.20 14.21 -35.32
C TRP G 37 19.14 14.33 -36.83
N MET G 38 18.34 15.27 -37.32
CA MET G 38 18.25 15.50 -38.75
C MET G 38 18.36 16.98 -39.05
N HIS G 39 19.00 17.28 -40.17
CA HIS G 39 19.27 18.64 -40.60
C HIS G 39 18.70 18.87 -41.99
N TRP G 40 18.45 20.14 -42.29
CA TRP G 40 18.12 20.58 -43.64
C TRP G 40 19.30 21.36 -44.21
N TYR G 41 19.61 21.13 -45.49
CA TYR G 41 20.60 21.90 -46.20
C TYR G 41 19.99 22.42 -47.50
N ARG G 42 20.47 23.57 -47.95
CA ARG G 42 20.04 24.12 -49.24
C ARG G 42 21.27 24.51 -50.05
N GLN G 43 21.17 24.39 -51.36
CA GLN G 43 22.31 24.62 -52.24
C GLN G 43 21.85 25.23 -53.55
N ALA G 44 22.37 26.41 -53.87
CA ALA G 44 22.29 27.17 -55.11
C ALA G 44 23.52 26.90 -55.96
N PRO G 45 23.43 27.03 -57.28
CA PRO G 45 24.59 26.73 -58.13
C PRO G 45 25.68 27.79 -57.99
N GLY G 46 26.94 27.34 -58.03
CA GLY G 46 28.05 28.25 -57.92
C GLY G 46 28.25 28.85 -56.54
N LYS G 47 27.68 28.23 -55.51
CA LYS G 47 27.84 28.69 -54.13
C LYS G 47 27.80 27.47 -53.22
N GLU G 48 28.70 27.43 -52.24
CA GLU G 48 28.79 26.29 -51.35
C GLU G 48 27.52 26.19 -50.49
N ARG G 49 27.21 24.96 -50.08
CA ARG G 49 25.93 24.67 -49.43
C ARG G 49 25.81 25.42 -48.11
N GLU G 50 24.56 25.59 -47.67
CA GLU G 50 24.22 26.35 -46.48
C GLU G 50 23.41 25.47 -45.53
N TRP G 51 23.89 25.34 -44.29
CA TRP G 51 23.07 24.69 -43.26
C TRP G 51 21.95 25.64 -42.86
N VAL G 52 20.72 25.12 -42.82
CA VAL G 52 19.55 25.97 -42.62
C VAL G 52 18.80 25.61 -41.34
N ALA G 53 18.69 24.33 -41.00
CA ALA G 53 17.91 23.99 -39.80
C ALA G 53 18.27 22.58 -39.33
N ALA G 54 17.94 22.32 -38.07
CA ALA G 54 18.16 21.01 -37.46
C ALA G 54 17.13 20.80 -36.36
N ILE G 55 16.85 19.53 -36.06
CA ILE G 55 15.93 19.14 -35.00
C ILE G 55 16.46 17.90 -34.31
N SER G 56 16.39 17.90 -32.97
CA SER G 56 16.95 16.81 -32.19
C SER G 56 16.09 15.56 -32.32
N SER G 57 16.65 14.44 -31.84
CA SER G 57 15.94 13.17 -31.92
C SER G 57 14.58 13.24 -31.23
N THR G 58 14.53 13.90 -30.06
CA THR G 58 13.28 14.04 -29.34
C THR G 58 12.40 15.15 -29.91
N GLY G 59 12.95 16.02 -30.76
CA GLY G 59 12.19 17.10 -31.34
C GLY G 59 11.95 18.29 -30.44
N ARG G 60 12.42 18.26 -29.19
CA ARG G 60 12.18 19.37 -28.28
CA ARG G 60 12.19 19.37 -28.27
C ARG G 60 13.10 20.57 -28.53
N SER G 61 14.13 20.40 -29.35
CA SER G 61 15.08 21.47 -29.64
C SER G 61 15.25 21.62 -31.14
N THR G 62 15.12 22.85 -31.62
CA THR G 62 15.28 23.17 -33.03
C THR G 62 16.30 24.30 -33.18
N PHE G 63 17.11 24.22 -34.24
CA PHE G 63 18.15 25.19 -34.50
C PHE G 63 17.99 25.73 -35.92
N TYR G 64 18.28 27.03 -36.09
CA TYR G 64 18.16 27.67 -37.38
C TYR G 64 19.37 28.55 -37.65
N ALA G 65 19.72 28.69 -38.92
CA ALA G 65 20.71 29.68 -39.31
C ALA G 65 20.11 31.07 -39.18
N ASP G 66 20.95 32.04 -38.78
CA ASP G 66 20.48 33.41 -38.68
C ASP G 66 19.87 33.90 -40.00
N SER G 67 20.35 33.36 -41.12
CA SER G 67 19.82 33.63 -42.45
C SER G 67 18.33 33.38 -42.60
N VAL G 68 17.70 32.74 -41.62
CA VAL G 68 16.44 32.04 -41.83
C VAL G 68 15.53 32.16 -40.60
N LYS G 69 16.13 32.40 -39.44
CA LYS G 69 15.38 32.47 -38.19
C LYS G 69 14.22 33.45 -38.28
N GLY G 70 13.06 33.06 -37.75
CA GLY G 70 11.88 33.90 -37.77
C GLY G 70 10.98 33.67 -38.96
N ARG G 71 11.45 32.96 -39.98
CA ARG G 71 10.66 32.68 -41.18
C ARG G 71 10.40 31.19 -41.34
N PHE G 72 11.44 30.36 -41.34
CA PHE G 72 11.26 28.93 -41.52
C PHE G 72 10.99 28.27 -40.17
N THR G 73 10.49 27.04 -40.23
CA THR G 73 10.11 26.31 -39.02
C THR G 73 10.25 24.81 -39.29
N ILE G 74 11.18 24.17 -38.62
CA ILE G 74 11.39 22.73 -38.78
C ILE G 74 10.48 22.00 -37.79
N SER G 75 9.95 20.87 -38.21
CA SER G 75 9.05 20.06 -37.40
C SER G 75 9.09 18.63 -37.91
N ARG G 76 8.43 17.74 -37.18
CA ARG G 76 8.44 16.34 -37.57
C ARG G 76 7.15 15.66 -37.13
N ASP G 77 6.83 14.56 -37.79
CA ASP G 77 5.72 13.68 -37.44
C ASP G 77 6.29 12.27 -37.33
N ASN G 78 6.23 11.70 -36.12
CA ASN G 78 6.84 10.40 -35.89
C ASN G 78 6.02 9.25 -36.43
N ALA G 79 4.71 9.42 -36.60
CA ALA G 79 3.89 8.37 -37.19
C ALA G 79 4.18 8.22 -38.68
N LYS G 80 4.47 9.33 -39.36
CA LYS G 80 4.74 9.31 -40.79
C LYS G 80 6.22 9.14 -41.11
N ASN G 81 7.10 9.21 -40.12
CA ASN G 81 8.55 9.15 -40.33
C ASN G 81 8.98 10.20 -41.36
N THR G 82 8.50 11.43 -41.16
CA THR G 82 8.74 12.51 -42.12
C THR G 82 9.04 13.79 -41.37
N VAL G 83 10.08 14.49 -41.82
CA VAL G 83 10.48 15.79 -41.26
C VAL G 83 10.02 16.88 -42.19
N TYR G 84 9.45 17.95 -41.63
CA TYR G 84 8.90 19.04 -42.41
C TYR G 84 9.71 20.32 -42.20
N LEU G 85 9.61 21.22 -43.17
CA LEU G 85 10.25 22.52 -43.13
C LEU G 85 9.30 23.51 -43.80
N GLN G 86 8.55 24.25 -43.00
CA GLN G 86 7.63 25.24 -43.54
C GLN G 86 8.38 26.56 -43.70
N MET G 87 8.45 27.06 -44.93
CA MET G 87 9.18 28.27 -45.26
C MET G 87 8.18 29.41 -45.49
N ASN G 88 8.31 30.47 -44.70
CA ASN G 88 7.42 31.63 -44.77
C ASN G 88 8.19 32.87 -45.21
N SER G 89 7.42 33.87 -45.66
CA SER G 89 7.97 35.18 -46.04
C SER G 89 9.16 35.05 -46.98
N LEU G 90 9.03 34.18 -47.98
CA LEU G 90 10.17 33.81 -48.81
C LEU G 90 10.71 35.03 -49.56
N LYS G 91 11.95 34.89 -50.00
CA LYS G 91 12.69 35.92 -50.70
C LYS G 91 13.54 35.25 -51.78
N PRO G 92 13.93 35.99 -52.83
CA PRO G 92 14.73 35.36 -53.91
C PRO G 92 16.02 34.72 -53.42
N GLU G 93 16.59 35.19 -52.31
CA GLU G 93 17.82 34.58 -51.80
C GLU G 93 17.59 33.16 -51.31
N ASP G 94 16.36 32.85 -50.89
CA ASP G 94 16.05 31.50 -50.43
C ASP G 94 16.18 30.44 -51.53
N THR G 95 16.03 30.84 -52.80
CA THR G 95 15.95 29.93 -53.94
C THR G 95 17.18 29.04 -54.08
N ALA G 96 16.96 27.74 -53.90
CA ALA G 96 18.00 26.72 -54.04
C ALA G 96 17.32 25.35 -54.05
N VAL G 97 18.12 24.29 -53.96
CA VAL G 97 17.61 22.93 -53.82
C VAL G 97 17.85 22.47 -52.39
N TYR G 98 16.78 22.04 -51.73
CA TYR G 98 16.79 21.71 -50.31
C TYR G 98 16.78 20.20 -50.13
N TYR G 99 17.76 19.69 -49.39
CA TYR G 99 17.79 18.26 -49.08
C TYR G 99 18.01 18.04 -47.59
N CYS G 100 17.28 17.07 -47.05
CA CYS G 100 17.48 16.62 -45.68
C CYS G 100 18.62 15.62 -45.62
N THR G 101 19.21 15.48 -44.43
CA THR G 101 20.35 14.58 -44.26
C THR G 101 20.30 13.97 -42.86
N VAL G 102 21.01 12.86 -42.70
CA VAL G 102 21.10 12.18 -41.42
C VAL G 102 22.29 11.26 -41.47
N TYR G 103 22.91 11.03 -40.30
CA TYR G 103 23.99 10.07 -40.14
C TYR G 103 23.47 8.93 -39.26
N VAL G 104 23.26 7.77 -39.86
CA VAL G 104 22.86 6.56 -39.13
C VAL G 104 23.76 5.44 -39.64
N GLY G 105 24.86 5.20 -38.92
CA GLY G 105 25.86 4.27 -39.38
C GLY G 105 26.77 4.85 -40.44
N ASN G 106 26.20 5.70 -41.30
CA ASN G 106 26.92 6.43 -42.34
C ASN G 106 26.04 7.60 -42.75
N ARG G 107 26.59 8.48 -43.58
CA ARG G 107 25.89 9.70 -43.97
C ARG G 107 25.02 9.43 -45.19
N TYR G 108 23.71 9.67 -45.05
CA TYR G 108 22.76 9.58 -46.15
C TYR G 108 22.11 10.94 -46.38
N ARG G 109 21.71 11.19 -47.61
CA ARG G 109 21.01 12.41 -47.97
C ARG G 109 19.95 12.10 -49.02
N GLY G 110 18.89 12.90 -49.03
CA GLY G 110 17.90 12.80 -50.07
C GLY G 110 18.32 13.52 -51.33
N GLN G 111 17.60 13.26 -52.41
CA GLN G 111 17.89 13.90 -53.68
C GLN G 111 17.50 15.37 -53.72
N GLY G 112 16.66 15.80 -52.79
CA GLY G 112 16.28 17.20 -52.68
C GLY G 112 15.09 17.54 -53.55
N THR G 113 14.36 18.58 -53.13
CA THR G 113 13.29 19.15 -53.93
C THR G 113 13.60 20.62 -54.16
N GLN G 114 13.30 21.09 -55.36
CA GLN G 114 13.70 22.43 -55.78
C GLN G 114 12.67 23.47 -55.34
N VAL G 115 13.17 24.60 -54.83
CA VAL G 115 12.34 25.71 -54.39
C VAL G 115 12.82 26.96 -55.12
N THR G 116 11.87 27.71 -55.68
CA THR G 116 12.17 28.93 -56.42
C THR G 116 11.09 29.96 -56.13
N VAL G 117 11.49 31.24 -56.16
CA VAL G 117 10.60 32.35 -55.88
C VAL G 117 11.17 33.65 -56.44
N SER G 118 10.34 34.42 -57.14
CA SER G 118 10.75 35.65 -57.81
C SER G 118 10.18 36.88 -57.09
N ALA G 119 10.60 38.06 -57.54
CA ALA G 119 10.21 39.32 -56.90
C ALA G 119 8.76 39.67 -57.21
N GLN H 5 16.73 -9.53 65.25
CA GLN H 5 15.96 -8.72 64.30
C GLN H 5 14.60 -9.35 64.04
N VAL H 6 14.62 -10.60 63.57
CA VAL H 6 13.40 -11.40 63.40
C VAL H 6 13.36 -12.41 64.55
N GLN H 7 12.23 -12.49 65.24
CA GLN H 7 12.16 -13.35 66.41
C GLN H 7 10.72 -13.78 66.66
N LEU H 8 10.55 -15.02 67.12
CA LEU H 8 9.26 -15.56 67.49
C LEU H 8 9.36 -16.22 68.86
N VAL H 9 8.44 -15.86 69.77
CA VAL H 9 8.44 -16.34 71.15
C VAL H 9 7.13 -17.04 71.42
N GLU H 10 7.20 -18.21 72.05
CA GLU H 10 6.04 -19.05 72.29
C GLU H 10 5.53 -18.90 73.72
N SER H 11 4.30 -19.33 73.94
CA SER H 11 3.58 -18.98 75.17
C SER H 11 2.47 -19.99 75.45
N GLY H 12 1.91 -19.92 76.66
CA GLY H 12 0.67 -20.57 76.99
C GLY H 12 0.74 -22.03 77.36
N GLY H 13 1.93 -22.59 77.57
CA GLY H 13 2.10 -24.03 77.68
C GLY H 13 2.72 -24.45 79.00
N GLY H 14 2.81 -25.78 79.16
CA GLY H 14 3.24 -26.41 80.39
C GLY H 14 2.71 -27.83 80.43
N LEU H 15 2.77 -28.44 81.61
CA LEU H 15 2.20 -29.76 81.80
C LEU H 15 0.71 -29.63 82.07
N VAL H 16 -0.10 -30.45 81.40
CA VAL H 16 -1.55 -30.30 81.39
C VAL H 16 -2.21 -31.67 81.36
N GLN H 17 -3.45 -31.73 81.84
CA GLN H 17 -4.16 -32.98 82.07
C GLN H 17 -4.44 -33.75 80.78
N ALA H 18 -4.55 -35.07 80.92
CA ALA H 18 -4.81 -35.94 79.77
C ALA H 18 -6.25 -35.79 79.31
N GLY H 19 -6.44 -35.68 78.00
CA GLY H 19 -7.73 -35.36 77.44
C GLY H 19 -8.17 -33.93 77.65
N GLY H 20 -7.32 -33.08 78.24
CA GLY H 20 -7.65 -31.70 78.48
C GLY H 20 -7.24 -30.80 77.32
N SER H 21 -7.47 -29.50 77.52
CA SER H 21 -7.28 -28.51 76.46
C SER H 21 -6.35 -27.41 76.94
N LEU H 22 -5.27 -27.18 76.20
CA LEU H 22 -4.35 -26.07 76.42
C LEU H 22 -3.99 -25.44 75.09
N ARG H 23 -3.88 -24.12 75.06
CA ARG H 23 -3.68 -23.36 73.84
C ARG H 23 -2.38 -22.58 73.91
N LEU H 24 -1.58 -22.65 72.86
CA LEU H 24 -0.30 -21.95 72.79
C LEU H 24 -0.41 -20.71 71.91
N SER H 25 0.50 -19.77 72.13
CA SER H 25 0.71 -18.65 71.22
C SER H 25 2.18 -18.60 70.82
N CYS H 26 2.42 -17.94 69.70
CA CYS H 26 3.79 -17.70 69.23
C CYS H 26 3.92 -16.25 68.79
N ALA H 27 4.70 -15.48 69.55
CA ALA H 27 4.79 -14.03 69.39
C ALA H 27 5.85 -13.65 68.37
N ALA H 28 5.44 -12.93 67.32
CA ALA H 28 6.31 -12.62 66.19
C ALA H 28 6.73 -11.17 66.19
N SER H 29 8.01 -10.94 65.90
CA SER H 29 8.57 -9.60 65.77
C SER H 29 9.57 -9.59 64.61
N GLY H 30 9.63 -8.46 63.91
CA GLY H 30 10.54 -8.29 62.79
C GLY H 30 9.88 -8.30 61.43
N PHE H 31 8.57 -8.60 61.36
CA PHE H 31 7.82 -8.68 60.12
C PHE H 31 6.34 -8.81 60.43
N PRO H 32 5.45 -8.38 59.54
CA PRO H 32 4.02 -8.66 59.73
C PRO H 32 3.76 -10.14 59.51
N VAL H 33 2.77 -10.69 60.24
CA VAL H 33 2.49 -12.11 60.14
C VAL H 33 1.54 -12.45 59.01
N ASP H 34 1.11 -11.46 58.22
CA ASP H 34 0.26 -11.73 57.07
C ASP H 34 1.04 -11.75 55.75
N THR H 35 2.36 -11.60 55.79
CA THR H 35 3.17 -11.67 54.58
C THR H 35 3.84 -13.03 54.39
N GLN H 36 3.64 -13.99 55.29
CA GLN H 36 4.36 -15.25 55.17
C GLN H 36 3.52 -16.42 55.66
N TRP H 37 3.83 -17.59 55.10
CA TRP H 37 3.32 -18.86 55.62
C TRP H 37 4.06 -19.22 56.90
N MET H 38 3.34 -19.79 57.86
CA MET H 38 3.95 -20.19 59.12
C MET H 38 3.47 -21.59 59.53
N HIS H 39 4.41 -22.40 60.00
CA HIS H 39 4.15 -23.77 60.41
C HIS H 39 4.45 -23.95 61.90
N TRP H 40 3.91 -25.03 62.46
CA TRP H 40 4.21 -25.48 63.81
C TRP H 40 4.97 -26.79 63.74
N TYR H 41 6.01 -26.92 64.57
CA TYR H 41 6.75 -28.17 64.70
C TYR H 41 6.83 -28.56 66.17
N ARG H 42 6.86 -29.87 66.42
CA ARG H 42 7.02 -30.39 67.76
C ARG H 42 8.18 -31.37 67.79
N GLN H 43 8.85 -31.44 68.93
CA GLN H 43 10.08 -32.23 69.05
C GLN H 43 10.01 -33.21 70.23
N ARG H 49 11.72 -34.59 64.78
CA ARG H 49 10.80 -33.46 64.68
C ARG H 49 9.63 -33.81 63.75
N GLU H 50 8.42 -33.42 64.16
CA GLU H 50 7.20 -33.73 63.43
C GLU H 50 6.46 -32.43 63.12
N TRP H 51 6.18 -32.21 61.83
CA TRP H 51 5.40 -31.05 61.43
C TRP H 51 3.97 -31.19 61.94
N VAL H 52 3.44 -30.11 62.51
CA VAL H 52 2.13 -30.16 63.18
C VAL H 52 1.06 -29.53 62.30
N ALA H 53 1.19 -28.23 62.01
CA ALA H 53 0.15 -27.52 61.27
C ALA H 53 0.77 -26.36 60.51
N ALA H 54 0.00 -25.81 59.58
CA ALA H 54 0.44 -24.72 58.72
C ALA H 54 -0.72 -23.76 58.46
N ILE H 55 -0.37 -22.50 58.18
CA ILE H 55 -1.34 -21.46 57.88
C ILE H 55 -0.80 -20.60 56.75
N SER H 56 -1.64 -20.31 55.76
CA SER H 56 -1.22 -19.50 54.62
C SER H 56 -1.04 -18.04 55.04
N SER H 57 -0.43 -17.25 54.15
CA SER H 57 -0.21 -15.83 54.43
C SER H 57 -1.55 -15.11 54.61
N THR H 58 -2.49 -15.35 53.71
CA THR H 58 -3.82 -14.77 53.85
C THR H 58 -4.62 -15.38 55.00
N GLY H 59 -4.15 -16.50 55.55
CA GLY H 59 -4.83 -17.15 56.65
C GLY H 59 -6.10 -17.90 56.30
N ARG H 60 -6.50 -17.92 55.02
CA ARG H 60 -7.75 -18.57 54.64
C ARG H 60 -7.60 -20.08 54.50
N SER H 61 -6.38 -20.60 54.45
CA SER H 61 -6.15 -22.02 54.22
C SER H 61 -5.33 -22.61 55.34
N THR H 62 -5.75 -23.79 55.80
CA THR H 62 -5.20 -24.45 56.98
C THR H 62 -4.74 -25.85 56.62
N PHE H 63 -3.61 -26.27 57.19
CA PHE H 63 -3.07 -27.60 56.95
C PHE H 63 -2.65 -28.23 58.26
N TYR H 64 -2.99 -29.51 58.45
CA TYR H 64 -2.64 -30.24 59.66
C TYR H 64 -2.08 -31.60 59.29
N ALA H 65 -1.23 -32.12 60.16
CA ALA H 65 -0.80 -33.51 60.04
C ALA H 65 -1.94 -34.43 60.47
N ASP H 66 -2.18 -35.49 59.70
CA ASP H 66 -3.19 -36.47 60.09
C ASP H 66 -2.97 -37.00 61.50
N SER H 67 -1.76 -36.82 62.04
CA SER H 67 -1.48 -37.10 63.44
C SER H 67 -2.53 -36.46 64.35
N VAL H 68 -3.07 -35.32 63.94
CA VAL H 68 -3.71 -34.40 64.88
C VAL H 68 -5.03 -33.84 64.32
N LYS H 69 -5.32 -34.09 63.04
CA LYS H 69 -6.54 -33.58 62.41
C LYS H 69 -7.76 -33.79 63.30
N GLY H 70 -8.44 -32.68 63.63
CA GLY H 70 -9.51 -32.70 64.60
C GLY H 70 -9.13 -32.03 65.90
N ARG H 71 -8.13 -32.60 66.59
CA ARG H 71 -7.70 -32.14 67.91
C ARG H 71 -7.25 -30.68 67.89
N PHE H 72 -6.07 -30.40 67.34
CA PHE H 72 -5.55 -29.04 67.39
C PHE H 72 -6.20 -28.19 66.30
N THR H 73 -6.10 -26.86 66.46
CA THR H 73 -6.53 -25.91 65.45
C THR H 73 -5.52 -24.76 65.39
N ILE H 74 -5.29 -24.24 64.19
CA ILE H 74 -4.35 -23.15 63.95
C ILE H 74 -5.14 -21.85 63.76
N SER H 75 -4.58 -20.75 64.24
CA SER H 75 -5.26 -19.44 64.21
C SER H 75 -4.22 -18.37 63.93
N ARG H 76 -4.64 -17.11 64.04
CA ARG H 76 -3.73 -15.99 63.83
C ARG H 76 -4.43 -14.68 64.19
N ASP H 77 -3.63 -13.65 64.49
CA ASP H 77 -4.12 -12.30 64.73
C ASP H 77 -3.03 -11.32 64.29
N ASN H 78 -3.25 -10.64 63.16
CA ASN H 78 -2.21 -9.75 62.62
C ASN H 78 -1.98 -8.56 63.54
N ALA H 79 -3.05 -7.94 64.03
CA ALA H 79 -2.95 -6.94 65.08
C ALA H 79 -2.79 -7.68 66.40
N LYS H 80 -1.55 -7.74 66.88
CA LYS H 80 -0.99 -8.58 67.94
C LYS H 80 0.20 -9.31 67.33
N ASN H 81 0.09 -9.65 66.05
CA ASN H 81 1.19 -10.20 65.25
C ASN H 81 1.74 -11.50 65.85
N THR H 82 0.81 -12.40 66.17
CA THR H 82 1.15 -13.67 66.81
C THR H 82 0.25 -14.74 66.21
N VAL H 83 0.67 -16.00 66.37
CA VAL H 83 -0.14 -17.13 65.92
C VAL H 83 -0.40 -18.04 67.13
N TYR H 84 -1.55 -18.70 67.11
CA TYR H 84 -1.95 -19.59 68.19
C TYR H 84 -2.20 -20.99 67.66
N LEU H 85 -2.05 -21.98 68.56
CA LEU H 85 -2.25 -23.40 68.23
C LEU H 85 -3.06 -24.04 69.36
N GLN H 86 -4.34 -23.70 69.43
CA GLN H 86 -5.23 -24.26 70.44
C GLN H 86 -5.35 -25.77 70.26
N MET H 87 -5.39 -26.49 71.38
CA MET H 87 -5.35 -27.95 71.37
C MET H 87 -6.44 -28.49 72.29
N ASN H 88 -7.32 -29.33 71.76
CA ASN H 88 -8.37 -29.96 72.53
C ASN H 88 -8.19 -31.48 72.54
N SER H 89 -8.66 -32.13 73.62
CA SER H 89 -8.60 -33.58 73.76
C SER H 89 -7.16 -34.10 73.68
N LEU H 90 -6.33 -33.62 74.58
CA LEU H 90 -4.88 -33.83 74.49
C LEU H 90 -4.53 -35.28 74.83
N LYS H 91 -3.76 -35.94 73.95
CA LYS H 91 -3.33 -37.32 74.09
C LYS H 91 -1.90 -37.40 74.63
N PRO H 92 -1.46 -38.56 75.11
CA PRO H 92 -0.09 -38.64 75.65
C PRO H 92 1.00 -38.41 74.63
N GLU H 93 0.75 -38.69 73.35
CA GLU H 93 1.73 -38.42 72.31
C GLU H 93 1.81 -36.93 71.96
N ASP H 94 0.78 -36.15 72.31
CA ASP H 94 0.74 -34.71 72.04
C ASP H 94 1.73 -33.95 72.91
N THR H 95 2.76 -34.64 73.41
CA THR H 95 3.66 -34.13 74.44
C THR H 95 5.05 -33.93 73.86
N ALA H 96 5.54 -32.67 73.89
CA ALA H 96 6.88 -32.34 73.45
C ALA H 96 7.13 -30.83 73.63
N VAL H 97 8.27 -30.36 73.16
CA VAL H 97 8.49 -28.93 72.98
C VAL H 97 7.83 -28.50 71.68
N TYR H 98 7.03 -27.44 71.74
CA TYR H 98 6.35 -26.93 70.55
C TYR H 98 6.98 -25.60 70.15
N TYR H 99 7.08 -25.34 68.85
CA TYR H 99 7.85 -24.16 68.44
C TYR H 99 7.44 -23.70 67.05
N CYS H 100 7.84 -22.47 66.74
CA CYS H 100 7.36 -21.72 65.59
C CYS H 100 8.38 -21.80 64.45
N THR H 101 7.90 -21.58 63.22
CA THR H 101 8.75 -21.60 62.04
C THR H 101 8.24 -20.62 61.00
N VAL H 102 9.17 -20.00 60.28
CA VAL H 102 8.85 -19.17 59.11
C VAL H 102 10.14 -18.80 58.39
N TYR H 103 10.08 -18.77 57.06
CA TYR H 103 11.23 -18.44 56.22
C TYR H 103 11.06 -17.00 55.71
N VAL H 104 11.94 -16.11 56.15
CA VAL H 104 11.94 -14.72 55.70
C VAL H 104 13.35 -14.32 55.27
N GLY H 105 13.71 -14.66 54.02
CA GLY H 105 15.06 -14.44 53.56
C GLY H 105 16.00 -15.55 53.99
N ASN H 106 15.69 -16.18 55.12
CA ASN H 106 16.33 -17.41 55.60
C ASN H 106 15.41 -17.99 56.66
N ARG H 107 15.83 -19.08 57.25
CA ARG H 107 14.98 -19.86 58.15
C ARG H 107 15.11 -19.36 59.58
N TYR H 108 13.98 -18.94 60.16
CA TYR H 108 13.93 -18.52 61.54
C TYR H 108 13.00 -19.41 62.35
N ARG H 109 13.20 -19.38 63.67
CA ARG H 109 12.42 -20.19 64.61
C ARG H 109 12.71 -19.72 66.03
N GLY H 110 11.80 -20.06 66.93
CA GLY H 110 12.02 -19.88 68.35
C GLY H 110 11.55 -21.10 69.12
N GLN H 111 12.28 -21.41 70.18
CA GLN H 111 11.92 -22.54 71.04
C GLN H 111 10.78 -22.14 71.97
N GLY H 112 9.97 -23.12 72.34
CA GLY H 112 8.70 -22.79 72.98
C GLY H 112 8.27 -23.76 74.05
N THR H 113 7.12 -23.43 74.64
CA THR H 113 6.58 -24.10 75.81
C THR H 113 6.50 -25.61 75.64
N GLN H 114 7.00 -26.32 76.64
CA GLN H 114 6.89 -27.76 76.70
C GLN H 114 5.49 -28.16 77.14
N VAL H 115 5.09 -29.37 76.78
CA VAL H 115 3.77 -29.88 77.16
C VAL H 115 3.93 -31.35 77.55
N THR H 116 3.33 -31.74 78.68
CA THR H 116 3.28 -33.13 79.11
C THR H 116 1.86 -33.45 79.57
N VAL H 117 1.30 -34.51 78.97
CA VAL H 117 -0.08 -34.92 79.17
C VAL H 117 -0.10 -36.02 80.23
N SER H 118 -1.01 -35.89 81.19
CA SER H 118 -1.09 -36.81 82.32
C SER H 118 -1.61 -38.19 81.95
#